data_9DOY
# 
_entry.id   9DOY 
# 
_audit_conform.dict_name       mmcif_pdbx.dic 
_audit_conform.dict_version    5.403 
_audit_conform.dict_location   http://mmcif.pdb.org/dictionaries/ascii/mmcif_pdbx.dic 
# 
loop_
_database_2.database_id 
_database_2.database_code 
_database_2.pdbx_database_accession 
_database_2.pdbx_DOI 
PDB   9DOY         pdb_00009doy 10.2210/pdb9doy/pdb 
WWPDB D_1000285945 ?            ?                   
# 
loop_
_pdbx_audit_revision_history.ordinal 
_pdbx_audit_revision_history.data_content_type 
_pdbx_audit_revision_history.major_revision 
_pdbx_audit_revision_history.minor_revision 
_pdbx_audit_revision_history.revision_date 
_pdbx_audit_revision_history.part_number 
1 'Structure model' 1 0 2025-04-30 ? 
2 'Structure model' 1 1 2025-05-07 ? 
# 
_pdbx_audit_revision_details.ordinal             1 
_pdbx_audit_revision_details.revision_ordinal    1 
_pdbx_audit_revision_details.data_content_type   'Structure model' 
_pdbx_audit_revision_details.provider            repository 
_pdbx_audit_revision_details.type                'Initial release' 
_pdbx_audit_revision_details.description         ? 
_pdbx_audit_revision_details.details             ? 
# 
_pdbx_audit_revision_group.ordinal             1 
_pdbx_audit_revision_group.revision_ordinal    2 
_pdbx_audit_revision_group.data_content_type   'Structure model' 
_pdbx_audit_revision_group.group               'Database references' 
# 
loop_
_pdbx_audit_revision_category.ordinal 
_pdbx_audit_revision_category.revision_ordinal 
_pdbx_audit_revision_category.data_content_type 
_pdbx_audit_revision_category.category 
1 2 'Structure model' citation        
2 2 'Structure model' citation_author 
# 
loop_
_pdbx_audit_revision_item.ordinal 
_pdbx_audit_revision_item.revision_ordinal 
_pdbx_audit_revision_item.data_content_type 
_pdbx_audit_revision_item.item 
1 2 'Structure model' '_citation.journal_volume'          
2 2 'Structure model' '_citation.page_first'              
3 2 'Structure model' '_citation.page_last'               
4 2 'Structure model' '_citation.pdbx_database_id_PubMed' 
5 2 'Structure model' '_citation.title'                   
6 2 'Structure model' '_citation_author.identifier_ORCID' 
# 
_pdbx_database_status.status_code                     REL 
_pdbx_database_status.status_code_sf                  REL 
_pdbx_database_status.status_code_mr                  ? 
_pdbx_database_status.entry_id                        9DOY 
_pdbx_database_status.recvd_initial_deposition_date   2024-09-20 
_pdbx_database_status.SG_entry                        N 
_pdbx_database_status.deposit_site                    RCSB 
_pdbx_database_status.process_site                    RCSB 
_pdbx_database_status.status_code_cs                  ? 
_pdbx_database_status.status_code_nmr_data            ? 
_pdbx_database_status.methods_development_category    ? 
_pdbx_database_status.pdb_format_compatible           N 
# 
_pdbx_database_related.db_name        PDB 
_pdbx_database_related.details        'Fibril state NMR structure of related peptide MAX1' 
_pdbx_database_related.db_id          2N1E 
_pdbx_database_related.content_type   unspecified 
# 
_pdbx_contact_author.id                 4 
_pdbx_contact_author.email              joel.schneider@nih.gov 
_pdbx_contact_author.name_first         Joel 
_pdbx_contact_author.name_last          Schneider 
_pdbx_contact_author.name_mi            P 
_pdbx_contact_author.role               'principal investigator/group leader' 
_pdbx_contact_author.identifier_ORCID   0000-0002-4403-7900 
# 
loop_
_audit_author.name 
_audit_author.pdbx_ordinal 
_audit_author.identifier_ORCID 
'Samdin, T.D.'    1 0000-0003-3516-9175 
'Lubkowski, J.'   2 0000-0002-8673-6347 
'Anderson, C.F.'  3 0000-0003-0760-1928 
'Schneider, J.P.' 4 0000-0002-4403-7900 
# 
_citation.abstract                  ? 
_citation.abstract_id_CAS           ? 
_citation.book_id_ISBN              ? 
_citation.book_publisher            ? 
_citation.book_publisher_city       ? 
_citation.book_title                ? 
_citation.coordinate_linkage        ? 
_citation.country                   US 
_citation.database_id_Medline       ? 
_citation.details                   ? 
_citation.id                        primary 
_citation.journal_abbrev            J.Am.Chem.Soc. 
_citation.journal_id_ASTM           JACSAT 
_citation.journal_id_CSD            ? 
_citation.journal_id_ISSN           1520-5126 
_citation.journal_full              ? 
_citation.journal_issue             ? 
_citation.journal_volume            147 
_citation.language                  ? 
_citation.page_first                14377 
_citation.page_last                 14387 
_citation.title                     
;From Hydrogel to Crystal: A Molecular Design Strategy that Chemically Modifies Racemic Gel-Forming Peptides to Furnish Crystalline Fibrils Stabilized by Parallel Rippled beta-Sheets.
;
_citation.year                      2025 
_citation.database_id_CSD           ? 
_citation.pdbx_database_id_DOI      10.1021/jacs.5c00671 
_citation.pdbx_database_id_PubMed   40252045 
_citation.pdbx_database_id_patent   ? 
_citation.unpublished_flag          ? 
# 
loop_
_citation_author.citation_id 
_citation_author.name 
_citation_author.ordinal 
_citation_author.identifier_ORCID 
primary 'Samdin, T.D.'    1 ?                   
primary 'Lubkowski, J.'   2 ?                   
primary 'Anderson, C.F.'  3 0000-0003-0760-1928 
primary 'Schneider, J.P.' 4 0000-0002-4403-7900 
# 
loop_
_entity.id 
_entity.type 
_entity.src_method 
_entity.pdbx_description 
_entity.formula_weight 
_entity.pdbx_number_of_molecules 
_entity.pdbx_ec 
_entity.pdbx_mutation 
_entity.pdbx_fragment 
_entity.details 
1 polymer     syn 'D-enantiopure, C-alpha methylated, macrocyclic beta-hairpin' 1453.895 12 ? ? ? ? 
2 non-polymer syn '5-amino-2,4,6-triiodobenzene-1,3-dicarboxylic acid'          558.835  7  ? ? ? ? 
3 water       nat water                                                         18.015   39 ? ? ? ? 
# 
_entity_poly.entity_id                      1 
_entity_poly.type                           'polypeptide(L)' 
_entity_poly.nstd_linkage                   no 
_entity_poly.nstd_monomer                   yes 
_entity_poly.pdbx_seq_one_letter_code       '(ORN)VKVKV(DPR)PTK(A1A8T)KV' 
_entity_poly.pdbx_seq_one_letter_code_can   AVKVKVPPTKXKV 
_entity_poly.pdbx_strand_id                 A,a,B,b,C,c,D,d,E,e,F,f 
_entity_poly.pdbx_target_identifier         ? 
# 
loop_
_pdbx_entity_nonpoly.entity_id 
_pdbx_entity_nonpoly.name 
_pdbx_entity_nonpoly.comp_id 
2 '5-amino-2,4,6-triiodobenzene-1,3-dicarboxylic acid' I3C 
3 water                                                HOH 
# 
loop_
_entity_poly_seq.entity_id 
_entity_poly_seq.num 
_entity_poly_seq.mon_id 
_entity_poly_seq.hetero 
1 1  ORN   n 
1 2  VAL   n 
1 3  LYS   n 
1 4  VAL   n 
1 5  LYS   n 
1 6  VAL   n 
1 7  DPR   n 
1 8  PRO   n 
1 9  THR   n 
1 10 LYS   n 
1 11 A1A8T n 
1 12 LYS   n 
1 13 VAL   n 
# 
_pdbx_entity_src_syn.entity_id              1 
_pdbx_entity_src_syn.pdbx_src_id            1 
_pdbx_entity_src_syn.pdbx_alt_source_flag   sample 
_pdbx_entity_src_syn.pdbx_beg_seq_num       1 
_pdbx_entity_src_syn.pdbx_end_seq_num       13 
_pdbx_entity_src_syn.organism_scientific    'synthetic construct' 
_pdbx_entity_src_syn.organism_common_name   ? 
_pdbx_entity_src_syn.ncbi_taxonomy_id       32630 
_pdbx_entity_src_syn.details                ? 
# 
loop_
_chem_comp.id 
_chem_comp.type 
_chem_comp.mon_nstd_flag 
_chem_comp.name 
_chem_comp.pdbx_synonyms 
_chem_comp.formula 
_chem_comp.formula_weight 
A1A8T 'L-peptide linking' n 3-methyl-L-isovaline                                 ?                                       
'C6 H13 N O2'    131.173 
DPR   'D-peptide linking' . D-PROLINE                                            ?                                       
'C5 H9 N O2'     115.130 
HOH   non-polymer         . WATER                                                ?                                       'H2 O' 
18.015  
I3C   non-polymer         . '5-amino-2,4,6-triiodobenzene-1,3-dicarboxylic acid' '5-Amino-2,4,6-triiodoisophthalic acid' 
'C8 H4 I3 N O4'  558.835 
LYS   'L-peptide linking' y LYSINE                                               ?                                       
'C6 H15 N2 O2 1' 147.195 
ORN   'L-peptide linking' n L-ornithine                                          ?                                       
'C5 H12 N2 O2'   132.161 
PRO   'L-peptide linking' y PROLINE                                              ?                                       
'C5 H9 N O2'     115.130 
THR   'L-peptide linking' y THREONINE                                            ?                                       
'C4 H9 N O3'     119.119 
VAL   'L-peptide linking' y VALINE                                               ?                                       
'C5 H11 N O2'    117.146 
# 
loop_
_pdbx_poly_seq_scheme.asym_id 
_pdbx_poly_seq_scheme.entity_id 
_pdbx_poly_seq_scheme.seq_id 
_pdbx_poly_seq_scheme.mon_id 
_pdbx_poly_seq_scheme.ndb_seq_num 
_pdbx_poly_seq_scheme.pdb_seq_num 
_pdbx_poly_seq_scheme.auth_seq_num 
_pdbx_poly_seq_scheme.pdb_mon_id 
_pdbx_poly_seq_scheme.auth_mon_id 
_pdbx_poly_seq_scheme.pdb_strand_id 
_pdbx_poly_seq_scheme.pdb_ins_code 
_pdbx_poly_seq_scheme.hetero 
A 1 1  ORN   1  13 13 ORN   ORN A . n 
A 1 2  VAL   2  1  1  VAL   VAL A . n 
A 1 3  LYS   3  2  2  LYS   LYS A . n 
A 1 4  VAL   4  3  3  VAL   VAL A . n 
A 1 5  LYS   5  4  4  LYS   LYS A . n 
A 1 6  VAL   6  5  5  VAL   VAL A . n 
A 1 7  DPR   7  6  6  DPR   DPR A . n 
A 1 8  PRO   8  7  7  PRO   PRO A . n 
A 1 9  THR   9  8  8  THR   THR A . n 
A 1 10 LYS   10 9  9  LYS   LYS A . n 
A 1 11 A1A8T 11 10 10 A1A8T LIG A . n 
A 1 12 LYS   12 11 11 LYS   LYS A . n 
A 1 13 VAL   13 12 12 VAL   VAL A . n 
B 1 1  ORN   1  13 13 ORN   ORN a . n 
B 1 2  VAL   2  1  1  VAL   VAL a . n 
B 1 3  LYS   3  2  2  LYS   LYS a . n 
B 1 4  VAL   4  3  3  VAL   VAL a . n 
B 1 5  LYS   5  4  4  LYS   LYS a . n 
B 1 6  VAL   6  5  5  VAL   VAL a . n 
B 1 7  DPR   7  6  6  DPR   DPR a . n 
B 1 8  PRO   8  7  7  PRO   PRO a . n 
B 1 9  THR   9  8  8  THR   THR a . n 
B 1 10 LYS   10 9  9  LYS   LYS a . n 
B 1 11 A1A8T 11 10 10 A1A8T LIG a . n 
B 1 12 LYS   12 11 11 LYS   LYS a . n 
B 1 13 VAL   13 12 12 VAL   VAL a . n 
C 1 1  ORN   1  13 13 ORN   ORN B . n 
C 1 2  VAL   2  1  1  VAL   VAL B . n 
C 1 3  LYS   3  2  2  LYS   LYS B . n 
C 1 4  VAL   4  3  3  VAL   VAL B . n 
C 1 5  LYS   5  4  4  LYS   LYS B . n 
C 1 6  VAL   6  5  5  VAL   VAL B . n 
C 1 7  DPR   7  6  6  DPR   DPR B . n 
C 1 8  PRO   8  7  7  PRO   PRO B . n 
C 1 9  THR   9  8  8  THR   THR B . n 
C 1 10 LYS   10 9  9  LYS   LYS B . n 
C 1 11 A1A8T 11 10 10 A1A8T LIG B . n 
C 1 12 LYS   12 11 11 LYS   LYS B . n 
C 1 13 VAL   13 12 12 VAL   VAL B . n 
D 1 1  ORN   1  13 13 ORN   ORN b . n 
D 1 2  VAL   2  1  1  VAL   VAL b . n 
D 1 3  LYS   3  2  2  LYS   LYS b . n 
D 1 4  VAL   4  3  3  VAL   VAL b . n 
D 1 5  LYS   5  4  4  LYS   LYS b . n 
D 1 6  VAL   6  5  5  VAL   VAL b . n 
D 1 7  DPR   7  6  6  DPR   DPR b . n 
D 1 8  PRO   8  7  7  PRO   PRO b . n 
D 1 9  THR   9  8  8  THR   THR b . n 
D 1 10 LYS   10 9  9  LYS   LYS b . n 
D 1 11 A1A8T 11 10 10 A1A8T LIG b . n 
D 1 12 LYS   12 11 11 LYS   LYS b . n 
D 1 13 VAL   13 12 12 VAL   VAL b . n 
E 1 1  ORN   1  13 13 ORN   ORN C . n 
E 1 2  VAL   2  1  1  VAL   VAL C . n 
E 1 3  LYS   3  2  2  LYS   LYS C . n 
E 1 4  VAL   4  3  3  VAL   VAL C . n 
E 1 5  LYS   5  4  4  LYS   LYS C . n 
E 1 6  VAL   6  5  5  VAL   VAL C . n 
E 1 7  DPR   7  6  6  DPR   DPR C . n 
E 1 8  PRO   8  7  7  PRO   PRO C . n 
E 1 9  THR   9  8  8  THR   THR C . n 
E 1 10 LYS   10 9  9  LYS   LYS C . n 
E 1 11 A1A8T 11 10 10 A1A8T LIG C . n 
E 1 12 LYS   12 11 11 LYS   LYS C . n 
E 1 13 VAL   13 12 12 VAL   VAL C . n 
F 1 1  ORN   1  13 13 ORN   ORN c . n 
F 1 2  VAL   2  1  1  VAL   VAL c . n 
F 1 3  LYS   3  2  2  LYS   LYS c . n 
F 1 4  VAL   4  3  3  VAL   VAL c . n 
F 1 5  LYS   5  4  4  LYS   LYS c . n 
F 1 6  VAL   6  5  5  VAL   VAL c . n 
F 1 7  DPR   7  6  6  DPR   DPR c . n 
F 1 8  PRO   8  7  7  PRO   PRO c . n 
F 1 9  THR   9  8  8  THR   THR c . n 
F 1 10 LYS   10 9  9  LYS   LYS c . n 
F 1 11 A1A8T 11 10 10 A1A8T LIG c . n 
F 1 12 LYS   12 11 11 LYS   LYS c . n 
F 1 13 VAL   13 12 12 VAL   VAL c . n 
G 1 1  ORN   1  13 13 ORN   ORN D . n 
G 1 2  VAL   2  1  1  VAL   VAL D . n 
G 1 3  LYS   3  2  2  LYS   LYS D . n 
G 1 4  VAL   4  3  3  VAL   VAL D . n 
G 1 5  LYS   5  4  4  LYS   LYS D . n 
G 1 6  VAL   6  5  5  VAL   VAL D . n 
G 1 7  DPR   7  6  6  DPR   DPR D . n 
G 1 8  PRO   8  7  7  PRO   PRO D . n 
G 1 9  THR   9  8  8  THR   THR D . n 
G 1 10 LYS   10 9  9  LYS   LYS D . n 
G 1 11 A1A8T 11 10 10 A1A8T LIG D . n 
G 1 12 LYS   12 11 11 LYS   LYS D . n 
G 1 13 VAL   13 12 12 VAL   VAL D . n 
H 1 1  ORN   1  13 13 ORN   ORN d . n 
H 1 2  VAL   2  1  1  VAL   VAL d . n 
H 1 3  LYS   3  2  2  LYS   LYS d . n 
H 1 4  VAL   4  3  3  VAL   VAL d . n 
H 1 5  LYS   5  4  4  LYS   LYS d . n 
H 1 6  VAL   6  5  5  VAL   VAL d . n 
H 1 7  DPR   7  6  6  DPR   DPR d . n 
H 1 8  PRO   8  7  7  PRO   PRO d . n 
H 1 9  THR   9  8  8  THR   THR d . n 
H 1 10 LYS   10 9  9  LYS   LYS d . n 
H 1 11 A1A8T 11 10 10 A1A8T LIG d . n 
H 1 12 LYS   12 11 11 LYS   LYS d . n 
H 1 13 VAL   13 12 12 VAL   VAL d . n 
I 1 1  ORN   1  13 13 ORN   ORN E . n 
I 1 2  VAL   2  1  1  VAL   VAL E . n 
I 1 3  LYS   3  2  2  LYS   LYS E . n 
I 1 4  VAL   4  3  3  VAL   VAL E . n 
I 1 5  LYS   5  4  4  LYS   LYS E . n 
I 1 6  VAL   6  5  5  VAL   VAL E . n 
I 1 7  DPR   7  6  6  DPR   DPR E . n 
I 1 8  PRO   8  7  7  PRO   PRO E . n 
I 1 9  THR   9  8  8  THR   THR E . n 
I 1 10 LYS   10 9  9  LYS   LYS E . n 
I 1 11 A1A8T 11 10 10 A1A8T LIG E . n 
I 1 12 LYS   12 11 11 LYS   LYS E . n 
I 1 13 VAL   13 12 12 VAL   VAL E . n 
J 1 1  ORN   1  13 13 ORN   ORN e . n 
J 1 2  VAL   2  1  1  VAL   VAL e . n 
J 1 3  LYS   3  2  2  LYS   LYS e . n 
J 1 4  VAL   4  3  3  VAL   VAL e . n 
J 1 5  LYS   5  4  4  LYS   LYS e . n 
J 1 6  VAL   6  5  5  VAL   VAL e . n 
J 1 7  DPR   7  6  6  DPR   DPR e . n 
J 1 8  PRO   8  7  7  PRO   PRO e . n 
J 1 9  THR   9  8  8  THR   THR e . n 
J 1 10 LYS   10 9  9  LYS   LYS e . n 
J 1 11 A1A8T 11 10 10 A1A8T LIG e . n 
J 1 12 LYS   12 11 11 LYS   LYS e . n 
J 1 13 VAL   13 12 12 VAL   VAL e . n 
K 1 1  ORN   1  13 13 ORN   ORN F . n 
K 1 2  VAL   2  1  1  VAL   VAL F . n 
K 1 3  LYS   3  2  2  LYS   LYS F . n 
K 1 4  VAL   4  3  3  VAL   VAL F . n 
K 1 5  LYS   5  4  4  LYS   LYS F . n 
K 1 6  VAL   6  5  5  VAL   VAL F . n 
K 1 7  DPR   7  6  6  DPR   DPR F . n 
K 1 8  PRO   8  7  7  PRO   PRO F . n 
K 1 9  THR   9  8  8  THR   THR F . n 
K 1 10 LYS   10 9  9  LYS   LYS F . n 
K 1 11 A1A8T 11 10 10 A1A8T LIG F . n 
K 1 12 LYS   12 11 11 LYS   LYS F . n 
K 1 13 VAL   13 12 12 VAL   VAL F . n 
L 1 1  ORN   1  13 13 ORN   ORN f . n 
L 1 2  VAL   2  1  1  VAL   VAL f . n 
L 1 3  LYS   3  2  2  LYS   LYS f . n 
L 1 4  VAL   4  3  3  VAL   VAL f . n 
L 1 5  LYS   5  4  4  LYS   LYS f . n 
L 1 6  VAL   6  5  5  VAL   VAL f . n 
L 1 7  DPR   7  6  6  DPR   DPR f . n 
L 1 8  PRO   8  7  7  PRO   PRO f . n 
L 1 9  THR   9  8  8  THR   THR f . n 
L 1 10 LYS   10 9  9  LYS   LYS f . n 
L 1 11 A1A8T 11 10 10 A1A8T LIG f . n 
L 1 12 LYS   12 11 11 LYS   LYS f . n 
L 1 13 VAL   13 12 12 VAL   VAL f . n 
# 
loop_
_pdbx_nonpoly_scheme.asym_id 
_pdbx_nonpoly_scheme.entity_id 
_pdbx_nonpoly_scheme.mon_id 
_pdbx_nonpoly_scheme.ndb_seq_num 
_pdbx_nonpoly_scheme.pdb_seq_num 
_pdbx_nonpoly_scheme.auth_seq_num 
_pdbx_nonpoly_scheme.pdb_mon_id 
_pdbx_nonpoly_scheme.auth_mon_id 
_pdbx_nonpoly_scheme.pdb_strand_id 
_pdbx_nonpoly_scheme.pdb_ins_code 
M  2 I3C 1 101 4  I3C I3C a . 
N  2 I3C 1 102 7  I3C I3C a . 
O  2 I3C 1 101 5  I3C I3C C . 
P  2 I3C 1 101 2  I3C I3C c . 
Q  2 I3C 1 101 1  I3C I3C D . 
R  2 I3C 1 101 3  I3C I3C E . 
S  2 I3C 1 101 6  I3C I3C f . 
T  3 HOH 1 101 11 HOH HOH A . 
T  3 HOH 2 102 61 HOH HOH A . 
T  3 HOH 3 103 62 HOH HOH A . 
U  3 HOH 1 201 35 HOH HOH a . 
U  3 HOH 2 202 4  HOH HOH a . 
U  3 HOH 3 203 10 HOH HOH a . 
U  3 HOH 4 204 36 HOH HOH a . 
V  3 HOH 1 101 8  HOH HOH B . 
V  3 HOH 2 102 55 HOH HOH B . 
V  3 HOH 3 103 32 HOH HOH B . 
V  3 HOH 4 104 51 HOH HOH B . 
W  3 HOH 1 101 2  HOH HOH b . 
W  3 HOH 2 102 60 HOH HOH b . 
W  3 HOH 3 103 20 HOH HOH b . 
X  3 HOH 1 201 16 HOH HOH C . 
X  3 HOH 2 202 3  HOH HOH C . 
X  3 HOH 3 203 46 HOH HOH C . 
Y  3 HOH 1 201 7  HOH HOH c . 
Y  3 HOH 2 202 31 HOH HOH c . 
Y  3 HOH 3 203 56 HOH HOH c . 
Y  3 HOH 4 204 34 HOH HOH c . 
Z  3 HOH 1 201 6  HOH HOH D . 
Z  3 HOH 2 202 1  HOH HOH D . 
Z  3 HOH 3 203 18 HOH HOH D . 
AA 3 HOH 1 101 39 HOH HOH d . 
AA 3 HOH 2 102 29 HOH HOH d . 
AA 3 HOH 3 103 26 HOH HOH d . 
AA 3 HOH 4 104 28 HOH HOH d . 
AA 3 HOH 5 105 25 HOH HOH d . 
AA 3 HOH 6 106 41 HOH HOH d . 
BA 3 HOH 1 201 5  HOH HOH E . 
BA 3 HOH 2 202 45 HOH HOH E . 
CA 3 HOH 1 101 53 HOH HOH e . 
CA 3 HOH 2 102 15 HOH HOH e . 
DA 3 HOH 1 101 38 HOH HOH F . 
DA 3 HOH 2 102 42 HOH HOH F . 
DA 3 HOH 3 103 13 HOH HOH F . 
DA 3 HOH 4 104 63 HOH HOH F . 
EA 3 HOH 1 201 12 HOH HOH f . 
# 
loop_
_software.citation_id 
_software.classification 
_software.compiler_name 
_software.compiler_version 
_software.contact_author 
_software.contact_author_email 
_software.date 
_software.description 
_software.dependencies 
_software.hardware 
_software.language 
_software.location 
_software.mods 
_software.name 
_software.os 
_software.os_version 
_software.type 
_software.version 
_software.pdbx_ordinal 
? refinement       ? ? ? ? ? ? ? ? ? ? ? REFMAC   ? ? ? 5.8.0405 1 
? 'data scaling'   ? ? ? ? ? ? ? ? ? ? ? HKL-2000 ? ? ? .        2 
? 'data reduction' ? ? ? ? ? ? ? ? ? ? ? HKL-2000 ? ? ? .        3 
? phasing          ? ? ? ? ? ? ? ? ? ? ? PHASER   ? ? ? .        4 
# 
_cell.angle_alpha                  90.00 
_cell.angle_alpha_esd              ? 
_cell.angle_beta                   90.00 
_cell.angle_beta_esd               ? 
_cell.angle_gamma                  90.00 
_cell.angle_gamma_esd              ? 
_cell.entry_id                     9DOY 
_cell.details                      ? 
_cell.formula_units_Z              ? 
_cell.length_a                     57.475 
_cell.length_a_esd                 ? 
_cell.length_b                     57.475 
_cell.length_b_esd                 ? 
_cell.length_c                     113.575 
_cell.length_c_esd                 ? 
_cell.volume                       ? 
_cell.volume_esd                   ? 
_cell.Z_PDB                        96 
_cell.reciprocal_angle_alpha       ? 
_cell.reciprocal_angle_beta        ? 
_cell.reciprocal_angle_gamma       ? 
_cell.reciprocal_angle_alpha_esd   ? 
_cell.reciprocal_angle_beta_esd    ? 
_cell.reciprocal_angle_gamma_esd   ? 
_cell.reciprocal_length_a          ? 
_cell.reciprocal_length_b          ? 
_cell.reciprocal_length_c          ? 
_cell.reciprocal_length_a_esd      ? 
_cell.reciprocal_length_b_esd      ? 
_cell.reciprocal_length_c_esd      ? 
_cell.pdbx_unique_axis             ? 
_cell.pdbx_esd_method              ? 
# 
_symmetry.entry_id                         9DOY 
_symmetry.cell_setting                     ? 
_symmetry.Int_Tables_number                92 
_symmetry.space_group_name_Hall            ? 
_symmetry.space_group_name_H-M             'P 41 21 2' 
_symmetry.pdbx_full_space_group_name_H-M   ? 
# 
_exptl.absorpt_coefficient_mu     ? 
_exptl.absorpt_correction_T_max   ? 
_exptl.absorpt_correction_T_min   ? 
_exptl.absorpt_correction_type    ? 
_exptl.absorpt_process_details    ? 
_exptl.entry_id                   9DOY 
_exptl.crystals_number            1 
_exptl.details                    ? 
_exptl.method                     'X-RAY DIFFRACTION' 
_exptl.method_details             ? 
# 
_exptl_crystal.colour                       ? 
_exptl_crystal.density_diffrn               ? 
_exptl_crystal.density_Matthews             2.54 
_exptl_crystal.density_method               ? 
_exptl_crystal.density_percent_sol          51.60 
_exptl_crystal.description                  ? 
_exptl_crystal.F_000                        ? 
_exptl_crystal.id                           1 
_exptl_crystal.preparation                  ? 
_exptl_crystal.size_max                     ? 
_exptl_crystal.size_mid                     ? 
_exptl_crystal.size_min                     ? 
_exptl_crystal.size_rad                     ? 
_exptl_crystal.colour_lustre                ? 
_exptl_crystal.colour_modifier              ? 
_exptl_crystal.colour_primary               ? 
_exptl_crystal.density_meas                 ? 
_exptl_crystal.density_meas_esd             ? 
_exptl_crystal.density_meas_gt              ? 
_exptl_crystal.density_meas_lt              ? 
_exptl_crystal.density_meas_temp            ? 
_exptl_crystal.density_meas_temp_esd        ? 
_exptl_crystal.density_meas_temp_gt         ? 
_exptl_crystal.density_meas_temp_lt         ? 
_exptl_crystal.pdbx_crystal_image_url       ? 
_exptl_crystal.pdbx_crystal_image_format    ? 
_exptl_crystal.pdbx_mosaicity               ? 
_exptl_crystal.pdbx_mosaicity_esd           ? 
_exptl_crystal.pdbx_mosaic_method           ? 
_exptl_crystal.pdbx_mosaic_block_size       ? 
_exptl_crystal.pdbx_mosaic_block_size_esd   ? 
# 
_exptl_crystal_grow.apparatus       ? 
_exptl_crystal_grow.atmosphere      ? 
_exptl_crystal_grow.crystal_id      1 
_exptl_crystal_grow.details         ? 
_exptl_crystal_grow.method          'VAPOR DIFFUSION, HANGING DROP' 
_exptl_crystal_grow.method_ref      ? 
_exptl_crystal_grow.pH              ? 
_exptl_crystal_grow.pressure        ? 
_exptl_crystal_grow.pressure_esd    ? 
_exptl_crystal_grow.seeding         ? 
_exptl_crystal_grow.seeding_ref     ? 
_exptl_crystal_grow.temp_details    ? 
_exptl_crystal_grow.temp_esd        ? 
_exptl_crystal_grow.time            ? 
_exptl_crystal_grow.pdbx_details    
'0.4-0.6 M sodium potassium phosphate, pH 7.0, 26% v/v PEG400, 2-12 mM I3C (5-amino-2,4,6-triiodoisphthalic acid)' 
_exptl_crystal_grow.pdbx_pH_range   ? 
_exptl_crystal_grow.temp            298 
# 
_diffrn.ambient_environment              ? 
_diffrn.ambient_temp                     100 
_diffrn.ambient_temp_details             ? 
_diffrn.ambient_temp_esd                 ? 
_diffrn.crystal_id                       1 
_diffrn.crystal_support                  ? 
_diffrn.crystal_treatment                ? 
_diffrn.details                          ? 
_diffrn.id                               1 
_diffrn.ambient_pressure                 ? 
_diffrn.ambient_pressure_esd             ? 
_diffrn.ambient_pressure_gt              ? 
_diffrn.ambient_pressure_lt              ? 
_diffrn.ambient_temp_gt                  ? 
_diffrn.ambient_temp_lt                  ? 
_diffrn.pdbx_serial_crystal_experiment   N 
# 
_diffrn_detector.details                      ? 
_diffrn_detector.detector                     PIXEL 
_diffrn_detector.diffrn_id                    1 
_diffrn_detector.type                         'DECTRIS EIGER X 16M' 
_diffrn_detector.area_resol_mean              ? 
_diffrn_detector.dtime                        ? 
_diffrn_detector.pdbx_frames_total            ? 
_diffrn_detector.pdbx_collection_time_total   ? 
_diffrn_detector.pdbx_collection_date         2022-11-02 
_diffrn_detector.pdbx_frequency               ? 
_diffrn_detector.id                           ? 
_diffrn_detector.number_of_axes               ? 
# 
_diffrn_radiation.collimation                      ? 
_diffrn_radiation.diffrn_id                        1 
_diffrn_radiation.filter_edge                      ? 
_diffrn_radiation.inhomogeneity                    ? 
_diffrn_radiation.monochromator                    ? 
_diffrn_radiation.polarisn_norm                    ? 
_diffrn_radiation.polarisn_ratio                   ? 
_diffrn_radiation.probe                            ? 
_diffrn_radiation.type                             ? 
_diffrn_radiation.xray_symbol                      ? 
_diffrn_radiation.wavelength_id                    1 
_diffrn_radiation.pdbx_monochromatic_or_laue_m_l   M 
_diffrn_radiation.pdbx_wavelength_list             ? 
_diffrn_radiation.pdbx_wavelength                  ? 
_diffrn_radiation.pdbx_diffrn_protocol             'SINGLE WAVELENGTH' 
_diffrn_radiation.pdbx_analyzer                    ? 
_diffrn_radiation.pdbx_scattering_type             x-ray 
# 
_diffrn_radiation_wavelength.id           1 
_diffrn_radiation_wavelength.wavelength   1.000 
_diffrn_radiation_wavelength.wt           1.0 
# 
_diffrn_source.current                     ? 
_diffrn_source.details                     ? 
_diffrn_source.diffrn_id                   1 
_diffrn_source.power                       ? 
_diffrn_source.size                        ? 
_diffrn_source.source                      SYNCHROTRON 
_diffrn_source.target                      ? 
_diffrn_source.type                        'APS BEAMLINE 22-ID' 
_diffrn_source.voltage                     ? 
_diffrn_source.take-off_angle              ? 
_diffrn_source.pdbx_wavelength_list        1.000 
_diffrn_source.pdbx_wavelength             ? 
_diffrn_source.pdbx_synchrotron_beamline   22-ID 
_diffrn_source.pdbx_synchrotron_site       APS 
# 
_reflns.B_iso_Wilson_estimate                          ? 
_reflns.entry_id                                       9DOY 
_reflns.data_reduction_details                         ? 
_reflns.data_reduction_method                          ? 
_reflns.d_resolution_high                              1.92 
_reflns.d_resolution_low                               50.00 
_reflns.details                                        ? 
_reflns.limit_h_max                                    ? 
_reflns.limit_h_min                                    ? 
_reflns.limit_k_max                                    ? 
_reflns.limit_k_min                                    ? 
_reflns.limit_l_max                                    ? 
_reflns.limit_l_min                                    ? 
_reflns.number_all                                     ? 
_reflns.number_obs                                     15438 
_reflns.observed_criterion                             ? 
_reflns.observed_criterion_F_max                       ? 
_reflns.observed_criterion_F_min                       ? 
_reflns.observed_criterion_I_max                       ? 
_reflns.observed_criterion_I_min                       ? 
_reflns.observed_criterion_sigma_F                     ? 
_reflns.observed_criterion_sigma_I                     ? 
_reflns.percent_possible_obs                           99.3 
_reflns.R_free_details                                 ? 
_reflns.Rmerge_F_all                                   ? 
_reflns.Rmerge_F_obs                                   ? 
_reflns.Friedel_coverage                               ? 
_reflns.number_gt                                      ? 
_reflns.threshold_expression                           ? 
_reflns.pdbx_redundancy                                19.2 
_reflns.pdbx_netI_over_av_sigmaI                       ? 
_reflns.pdbx_netI_over_sigmaI                          39.5 
_reflns.pdbx_res_netI_over_av_sigmaI_2                 ? 
_reflns.pdbx_res_netI_over_sigmaI_2                    ? 
_reflns.pdbx_chi_squared                               2.459 
_reflns.pdbx_scaling_rejects                           ? 
_reflns.pdbx_d_res_high_opt                            ? 
_reflns.pdbx_d_res_low_opt                             ? 
_reflns.pdbx_d_res_opt_method                          ? 
_reflns.phase_calculation_details                      ? 
_reflns.pdbx_Rrim_I_all                                0.174 
_reflns.pdbx_Rpim_I_all                                0.045 
_reflns.pdbx_d_opt                                     ? 
_reflns.pdbx_number_measured_all                       ? 
_reflns.pdbx_diffrn_id                                 1 
_reflns.pdbx_ordinal                                   1 
_reflns.pdbx_CC_half                                   1.000 
_reflns.pdbx_CC_star                                   1.000 
_reflns.pdbx_R_split                                   ? 
_reflns.pdbx_Rmerge_I_obs                              0.167 
_reflns.pdbx_Rmerge_I_all                              ? 
_reflns.pdbx_Rsym_value                                ? 
_reflns.pdbx_CC_split_method                           ? 
_reflns.pdbx_aniso_diffraction_limit_axis_1_ortho[1]   ? 
_reflns.pdbx_aniso_diffraction_limit_axis_1_ortho[2]   ? 
_reflns.pdbx_aniso_diffraction_limit_axis_1_ortho[3]   ? 
_reflns.pdbx_aniso_diffraction_limit_axis_2_ortho[1]   ? 
_reflns.pdbx_aniso_diffraction_limit_axis_2_ortho[2]   ? 
_reflns.pdbx_aniso_diffraction_limit_axis_2_ortho[3]   ? 
_reflns.pdbx_aniso_diffraction_limit_axis_3_ortho[1]   ? 
_reflns.pdbx_aniso_diffraction_limit_axis_3_ortho[2]   ? 
_reflns.pdbx_aniso_diffraction_limit_axis_3_ortho[3]   ? 
_reflns.pdbx_aniso_diffraction_limit_1                 ? 
_reflns.pdbx_aniso_diffraction_limit_2                 ? 
_reflns.pdbx_aniso_diffraction_limit_3                 ? 
_reflns.pdbx_aniso_B_tensor_eigenvector_1_ortho[1]     ? 
_reflns.pdbx_aniso_B_tensor_eigenvector_1_ortho[2]     ? 
_reflns.pdbx_aniso_B_tensor_eigenvector_1_ortho[3]     ? 
_reflns.pdbx_aniso_B_tensor_eigenvector_2_ortho[1]     ? 
_reflns.pdbx_aniso_B_tensor_eigenvector_2_ortho[2]     ? 
_reflns.pdbx_aniso_B_tensor_eigenvector_2_ortho[3]     ? 
_reflns.pdbx_aniso_B_tensor_eigenvector_3_ortho[1]     ? 
_reflns.pdbx_aniso_B_tensor_eigenvector_3_ortho[2]     ? 
_reflns.pdbx_aniso_B_tensor_eigenvector_3_ortho[3]     ? 
_reflns.pdbx_aniso_B_tensor_eigenvalue_1               ? 
_reflns.pdbx_aniso_B_tensor_eigenvalue_2               ? 
_reflns.pdbx_aniso_B_tensor_eigenvalue_3               ? 
_reflns.pdbx_orthogonalization_convention              ? 
_reflns.pdbx_percent_possible_ellipsoidal              ? 
_reflns.pdbx_percent_possible_spherical                ? 
_reflns.pdbx_percent_possible_ellipsoidal_anomalous    ? 
_reflns.pdbx_percent_possible_spherical_anomalous      ? 
_reflns.pdbx_redundancy_anomalous                      ? 
_reflns.pdbx_CC_half_anomalous                         ? 
_reflns.pdbx_absDiff_over_sigma_anomalous              ? 
_reflns.pdbx_percent_possible_anomalous                ? 
_reflns.pdbx_observed_signal_threshold                 ? 
_reflns.pdbx_signal_type                               ? 
_reflns.pdbx_signal_details                            ? 
_reflns.pdbx_signal_software_id                        ? 
# 
loop_
_reflns_shell.d_res_high 
_reflns_shell.d_res_low 
_reflns_shell.meanI_over_sigI_all 
_reflns_shell.meanI_over_sigI_obs 
_reflns_shell.number_measured_all 
_reflns_shell.number_measured_obs 
_reflns_shell.number_possible 
_reflns_shell.number_unique_all 
_reflns_shell.number_unique_obs 
_reflns_shell.percent_possible_obs 
_reflns_shell.Rmerge_F_all 
_reflns_shell.Rmerge_F_obs 
_reflns_shell.meanI_over_sigI_gt 
_reflns_shell.meanI_over_uI_all 
_reflns_shell.meanI_over_uI_gt 
_reflns_shell.number_measured_gt 
_reflns_shell.number_unique_gt 
_reflns_shell.percent_possible_gt 
_reflns_shell.Rmerge_F_gt 
_reflns_shell.Rmerge_I_gt 
_reflns_shell.pdbx_redundancy 
_reflns_shell.pdbx_chi_squared 
_reflns_shell.pdbx_netI_over_sigmaI_all 
_reflns_shell.pdbx_netI_over_sigmaI_obs 
_reflns_shell.pdbx_Rrim_I_all 
_reflns_shell.pdbx_Rpim_I_all 
_reflns_shell.pdbx_rejects 
_reflns_shell.pdbx_ordinal 
_reflns_shell.pdbx_diffrn_id 
_reflns_shell.pdbx_CC_half 
_reflns_shell.pdbx_CC_star 
_reflns_shell.pdbx_R_split 
_reflns_shell.percent_possible_all 
_reflns_shell.Rmerge_I_all 
_reflns_shell.Rmerge_I_obs 
_reflns_shell.pdbx_Rsym_value 
_reflns_shell.pdbx_percent_possible_ellipsoidal 
_reflns_shell.pdbx_percent_possible_spherical 
_reflns_shell.pdbx_percent_possible_ellipsoidal_anomalous 
_reflns_shell.pdbx_percent_possible_spherical_anomalous 
_reflns_shell.pdbx_redundancy_anomalous 
_reflns_shell.pdbx_CC_half_anomalous 
_reflns_shell.pdbx_absDiff_over_sigma_anomalous 
_reflns_shell.pdbx_percent_possible_anomalous 
1.92 1.95  ? ? ? ? ? ? 693 ? ? ? ? ? ? ? ? ? ? ? 18.9 0.938 ? ? 0.662 0.149 ? 1  1 0.921 0.979 ? 92.0  ? 0.643 ? ? ? ? ? ? ? ? ? 
1.95 1.99  ? ? ? ? ? ? 764 ? ? ? ? ? ? ? ? ? ? ? 22.8 1.113 ? ? 0.605 0.127 ? 2  1 0.966 0.991 ? 100.0 ? 0.591 ? ? ? ? ? ? ? ? ? 
1.99 2.03  ? ? ? ? ? ? 741 ? ? ? ? ? ? ? ? ? ? ? 22.8 1.184 ? ? 0.545 0.115 ? 3  1 0.971 0.993 ? 99.9  ? 0.532 ? ? ? ? ? ? ? ? ? 
2.03 2.07  ? ? ? ? ? ? 768 ? ? ? ? ? ? ? ? ? ? ? 22.9 1.271 ? ? 0.505 0.106 ? 4  1 0.975 0.994 ? 100.0 ? 0.493 ? ? ? ? ? ? ? ? ? 
2.07 2.11  ? ? ? ? ? ? 747 ? ? ? ? ? ? ? ? ? ? ? 22.5 1.422 ? ? 0.464 0.100 ? 5  1 0.967 0.991 ? 100.0 ? 0.453 ? ? ? ? ? ? ? ? ? 
2.11 2.16  ? ? ? ? ? ? 775 ? ? ? ? ? ? ? ? ? ? ? 22.6 1.438 ? ? 0.457 0.098 ? 6  1 0.972 0.993 ? 99.9  ? 0.446 ? ? ? ? ? ? ? ? ? 
2.16 2.22  ? ? ? ? ? ? 748 ? ? ? ? ? ? ? ? ? ? ? 21.9 1.547 ? ? 0.402 0.088 ? 7  1 0.982 0.995 ? 100.0 ? 0.392 ? ? ? ? ? ? ? ? ? 
2.22 2.28  ? ? ? ? ? ? 759 ? ? ? ? ? ? ? ? ? ? ? 21.4 1.590 ? ? 0.371 0.082 ? 8  1 0.970 0.992 ? 100.0 ? 0.361 ? ? ? ? ? ? ? ? ? 
2.28 2.34  ? ? ? ? ? ? 768 ? ? ? ? ? ? ? ? ? ? ? 20.6 1.708 ? ? 0.342 0.078 ? 9  1 0.961 0.990 ? 99.9  ? 0.332 ? ? ? ? ? ? ? ? ? 
2.34 2.42  ? ? ? ? ? ? 764 ? ? ? ? ? ? ? ? ? ? ? 18.4 1.906 ? ? 0.316 0.078 ? 10 1 0.964 0.991 ? 100.0 ? 0.305 ? ? ? ? ? ? ? ? ? 
2.42 2.51  ? ? ? ? ? ? 772 ? ? ? ? ? ? ? ? ? ? ? 19.5 1.920 ? ? 0.290 0.070 ? 11 1 0.972 0.993 ? 99.9  ? 0.281 ? ? ? ? ? ? ? ? ? 
2.51 2.61  ? ? ? ? ? ? 761 ? ? ? ? ? ? ? ? ? ? ? 21.1 2.090 ? ? 0.266 0.061 ? 12 1 0.984 0.996 ? 100.0 ? 0.258 ? ? ? ? ? ? ? ? ? 
2.61 2.72  ? ? ? ? ? ? 770 ? ? ? ? ? ? ? ? ? ? ? 20.1 2.478 ? ? 0.232 0.056 ? 13 1 0.983 0.996 ? 99.9  ? 0.224 ? ? ? ? ? ? ? ? ? 
2.72 2.87  ? ? ? ? ? ? 772 ? ? ? ? ? ? ? ? ? ? ? 18.9 2.711 ? ? 0.201 0.050 ? 14 1 0.983 0.996 ? 99.9  ? 0.194 ? ? ? ? ? ? ? ? ? 
2.87 3.05  ? ? ? ? ? ? 783 ? ? ? ? ? ? ? ? ? ? ? 17.3 3.233 ? ? 0.173 0.047 ? 15 1 0.984 0.996 ? 99.4  ? 0.166 ? ? ? ? ? ? ? ? ? 
3.05 3.28  ? ? ? ? ? ? 764 ? ? ? ? ? ? ? ? ? ? ? 15.6 3.645 ? ? 0.152 0.044 ? 16 1 0.987 0.997 ? 99.2  ? 0.144 ? ? ? ? ? ? ? ? ? 
3.28 3.61  ? ? ? ? ? ? 784 ? ? ? ? ? ? ? ? ? ? ? 14.0 4.673 ? ? 0.139 0.043 ? 17 1 0.989 0.997 ? 98.5  ? 0.131 ? ? ? ? ? ? ? ? ? 
3.61 4.14  ? ? ? ? ? ? 800 ? ? ? ? ? ? ? ? ? ? ? 15.9 4.758 ? ? 0.121 0.035 ? 18 1 0.994 0.998 ? 99.5  ? 0.116 ? ? ? ? ? ? ? ? ? 
4.14 5.21  ? ? ? ? ? ? 807 ? ? ? ? ? ? ? ? ? ? ? 14.4 5.817 ? ? 0.109 0.034 ? 19 1 0.990 0.997 ? 99.0  ? 0.103 ? ? ? ? ? ? ? ? ? 
5.21 50.00 ? ? ? ? ? ? 898 ? ? ? ? ? ? ? ? ? ? ? 14.9 7.452 ? ? 0.094 0.026 ? 20 1 0.999 1.000 ? 99.7  ? 0.089 ? ? ? ? ? ? ? ? ? 
# 
_refine.aniso_B[1][1]                            -0.39 
_refine.aniso_B[1][2]                            0.00 
_refine.aniso_B[1][3]                            0.00 
_refine.aniso_B[2][2]                            -0.39 
_refine.aniso_B[2][3]                            0.00 
_refine.aniso_B[3][3]                            0.78 
_refine.B_iso_max                                ? 
_refine.B_iso_mean                               28.035 
_refine.B_iso_min                                ? 
_refine.correlation_coeff_Fo_to_Fc               0.925 
_refine.correlation_coeff_Fo_to_Fc_free          0.888 
_refine.details                                  'HYDROGENS HAVE BEEN ADDED IN THE RIDING POSITIONS' 
_refine.diff_density_max                         ? 
_refine.diff_density_max_esd                     ? 
_refine.diff_density_min                         ? 
_refine.diff_density_min_esd                     ? 
_refine.diff_density_rms                         ? 
_refine.diff_density_rms_esd                     ? 
_refine.entry_id                                 9DOY 
_refine.pdbx_refine_id                           'X-RAY DIFFRACTION' 
_refine.ls_abs_structure_details                 ? 
_refine.ls_abs_structure_Flack                   ? 
_refine.ls_abs_structure_Flack_esd               ? 
_refine.ls_abs_structure_Rogers                  ? 
_refine.ls_abs_structure_Rogers_esd              ? 
_refine.ls_d_res_high                            1.92 
_refine.ls_d_res_low                             40.43 
_refine.ls_extinction_coef                       ? 
_refine.ls_extinction_coef_esd                   ? 
_refine.ls_extinction_expression                 ? 
_refine.ls_extinction_method                     ? 
_refine.ls_goodness_of_fit_all                   ? 
_refine.ls_goodness_of_fit_all_esd               ? 
_refine.ls_goodness_of_fit_obs                   ? 
_refine.ls_goodness_of_fit_obs_esd               ? 
_refine.ls_hydrogen_treatment                    ? 
_refine.ls_matrix_type                           ? 
_refine.ls_number_constraints                    ? 
_refine.ls_number_parameters                     ? 
_refine.ls_number_reflns_all                     ? 
_refine.ls_number_reflns_obs                     13671 
_refine.ls_number_reflns_R_free                  692 
_refine.ls_number_reflns_R_work                  ? 
_refine.ls_number_restraints                     ? 
_refine.ls_percent_reflns_obs                    93.97 
_refine.ls_percent_reflns_R_free                 4.8 
_refine.ls_R_factor_all                          ? 
_refine.ls_R_factor_obs                          0.24791 
_refine.ls_R_factor_R_free                       0.29613 
_refine.ls_R_factor_R_free_error                 ? 
_refine.ls_R_factor_R_free_error_details         ? 
_refine.ls_R_factor_R_work                       0.24556 
_refine.ls_R_Fsqd_factor_obs                     ? 
_refine.ls_R_I_factor_obs                        ? 
_refine.ls_redundancy_reflns_all                 ? 
_refine.ls_redundancy_reflns_obs                 ? 
_refine.ls_restrained_S_all                      ? 
_refine.ls_restrained_S_obs                      ? 
_refine.ls_shift_over_esd_max                    ? 
_refine.ls_shift_over_esd_mean                   ? 
_refine.ls_structure_factor_coef                 ? 
_refine.ls_weighting_details                     ? 
_refine.ls_weighting_scheme                      ? 
_refine.ls_wR_factor_all                         ? 
_refine.ls_wR_factor_obs                         ? 
_refine.ls_wR_factor_R_free                      ? 
_refine.ls_wR_factor_R_work                      ? 
_refine.occupancy_max                            ? 
_refine.occupancy_min                            ? 
_refine.solvent_model_details                    MASK 
_refine.solvent_model_param_bsol                 ? 
_refine.solvent_model_param_ksol                 ? 
_refine.pdbx_R_complete                          ? 
_refine.ls_R_factor_gt                           ? 
_refine.ls_goodness_of_fit_gt                    ? 
_refine.ls_goodness_of_fit_ref                   ? 
_refine.ls_shift_over_su_max                     ? 
_refine.ls_shift_over_su_max_lt                  ? 
_refine.ls_shift_over_su_mean                    ? 
_refine.ls_shift_over_su_mean_lt                 ? 
_refine.pdbx_ls_sigma_I                          ? 
_refine.pdbx_ls_sigma_F                          ? 
_refine.pdbx_ls_sigma_Fsqd                       ? 
_refine.pdbx_data_cutoff_high_absF               ? 
_refine.pdbx_data_cutoff_high_rms_absF           ? 
_refine.pdbx_data_cutoff_low_absF                ? 
_refine.pdbx_isotropic_thermal_model             ? 
_refine.pdbx_ls_cross_valid_method               THROUGHOUT 
_refine.pdbx_method_to_determine_struct          'MOLECULAR REPLACEMENT' 
_refine.pdbx_starting_model                      ? 
_refine.pdbx_stereochemistry_target_values       'MAXIMUM LIKELIHOOD' 
_refine.pdbx_R_Free_selection_details            RANDOM 
_refine.pdbx_stereochem_target_val_spec_case     ? 
_refine.pdbx_overall_ESU_R                       0.201 
_refine.pdbx_overall_ESU_R_Free                  0.187 
_refine.pdbx_solvent_vdw_probe_radii             1.20 
_refine.pdbx_solvent_ion_probe_radii             0.80 
_refine.pdbx_solvent_shrinkage_radii             0.80 
_refine.pdbx_real_space_R                        ? 
_refine.pdbx_density_correlation                 ? 
_refine.pdbx_pd_number_of_powder_patterns        ? 
_refine.pdbx_pd_number_of_points                 ? 
_refine.pdbx_pd_meas_number_of_points            ? 
_refine.pdbx_pd_proc_ls_prof_R_factor            ? 
_refine.pdbx_pd_proc_ls_prof_wR_factor           ? 
_refine.pdbx_pd_Marquardt_correlation_coeff      ? 
_refine.pdbx_pd_Fsqrd_R_factor                   ? 
_refine.pdbx_pd_ls_matrix_band_width             ? 
_refine.pdbx_overall_phase_error                 ? 
_refine.pdbx_overall_SU_R_free_Cruickshank_DPI   ? 
_refine.pdbx_overall_SU_R_free_Blow_DPI          ? 
_refine.pdbx_overall_SU_R_Blow_DPI               ? 
_refine.pdbx_TLS_residual_ADP_flag               ? 
_refine.pdbx_diffrn_id                           1 
_refine.overall_SU_B                             3.483 
_refine.overall_SU_ML                            0.105 
_refine.overall_SU_R_Cruickshank_DPI             ? 
_refine.overall_SU_R_free                        ? 
_refine.overall_FOM_free_R_set                   ? 
_refine.overall_FOM_work_R_set                   ? 
_refine.pdbx_average_fsc_overall                 ? 
_refine.pdbx_average_fsc_work                    ? 
_refine.pdbx_average_fsc_free                    ? 
# 
_refine_hist.pdbx_refine_id                   'X-RAY DIFFRACTION' 
_refine_hist.cycle_id                         1 
_refine_hist.details                          ? 
_refine_hist.d_res_high                       1.92 
_refine_hist.d_res_low                        40.43 
_refine_hist.number_atoms_solvent             39 
_refine_hist.number_atoms_total               1363 
_refine_hist.number_reflns_all                ? 
_refine_hist.number_reflns_obs                ? 
_refine_hist.number_reflns_R_free             ? 
_refine_hist.number_reflns_R_work             ? 
_refine_hist.R_factor_all                     ? 
_refine_hist.R_factor_obs                     ? 
_refine_hist.R_factor_R_free                  ? 
_refine_hist.R_factor_R_work                  ? 
_refine_hist.pdbx_number_residues_total       ? 
_refine_hist.pdbx_B_iso_mean_ligand           ? 
_refine_hist.pdbx_B_iso_mean_solvent          ? 
_refine_hist.pdbx_number_atoms_protein        1212 
_refine_hist.pdbx_number_atoms_nucleic_acid   0 
_refine_hist.pdbx_number_atoms_ligand         112 
_refine_hist.pdbx_number_atoms_lipid          ? 
_refine_hist.pdbx_number_atoms_carb           ? 
_refine_hist.pdbx_pseudo_atom_details         ? 
# 
loop_
_refine_ls_restr.pdbx_refine_id 
_refine_ls_restr.criterion 
_refine_ls_restr.dev_ideal 
_refine_ls_restr.dev_ideal_target 
_refine_ls_restr.number 
_refine_ls_restr.rejects 
_refine_ls_restr.type 
_refine_ls_restr.weight 
_refine_ls_restr.pdbx_restraint_function 
'X-RAY DIFFRACTION' ? 0.012  0.013  1367 ? r_bond_refined_d             ? ? 
'X-RAY DIFFRACTION' ? 0.001  0.016  1589 ? r_bond_other_d               ? ? 
'X-RAY DIFFRACTION' ? 1.859  1.850  1893 ? r_angle_refined_deg          ? ? 
'X-RAY DIFFRACTION' ? 0.453  1.634  3688 ? r_angle_other_deg            ? ? 
'X-RAY DIFFRACTION' ? 7.851  5.000  152  ? r_dihedral_angle_1_deg       ? ? 
'X-RAY DIFFRACTION' ? ?      ?      ?    ? r_dihedral_angle_2_deg       ? ? 
'X-RAY DIFFRACTION' ? 12.431 10.000 304  ? r_dihedral_angle_3_deg       ? ? 
'X-RAY DIFFRACTION' ? ?      ?      ?    ? r_dihedral_angle_4_deg       ? ? 
'X-RAY DIFFRACTION' ? 0.068  0.200  247  ? r_chiral_restr               ? ? 
'X-RAY DIFFRACTION' ? 0.009  0.020  1298 ? r_gen_planes_refined         ? ? 
'X-RAY DIFFRACTION' ? 0.003  0.020  176  ? r_gen_planes_other           ? ? 
'X-RAY DIFFRACTION' ? ?      ?      ?    ? r_nbd_refined                ? ? 
'X-RAY DIFFRACTION' ? ?      ?      ?    ? r_nbd_other                  ? ? 
'X-RAY DIFFRACTION' ? ?      ?      ?    ? r_nbtor_refined              ? ? 
'X-RAY DIFFRACTION' ? ?      ?      ?    ? r_nbtor_other                ? ? 
'X-RAY DIFFRACTION' ? ?      ?      ?    ? r_xyhbond_nbd_refined        ? ? 
'X-RAY DIFFRACTION' ? ?      ?      ?    ? r_xyhbond_nbd_other          ? ? 
'X-RAY DIFFRACTION' ? ?      ?      ?    ? r_metal_ion_refined          ? ? 
'X-RAY DIFFRACTION' ? ?      ?      ?    ? r_metal_ion_other            ? ? 
'X-RAY DIFFRACTION' ? ?      ?      ?    ? r_symmetry_vdw_refined       ? ? 
'X-RAY DIFFRACTION' ? ?      ?      ?    ? r_symmetry_vdw_other         ? ? 
'X-RAY DIFFRACTION' ? ?      ?      ?    ? r_symmetry_hbond_refined     ? ? 
'X-RAY DIFFRACTION' ? ?      ?      ?    ? r_symmetry_hbond_other       ? ? 
'X-RAY DIFFRACTION' ? ?      ?      ?    ? r_symmetry_metal_ion_refined ? ? 
'X-RAY DIFFRACTION' ? ?      ?      ?    ? r_symmetry_metal_ion_other   ? ? 
'X-RAY DIFFRACTION' ? 2.450  2.509  631  ? r_mcbond_it                  ? ? 
'X-RAY DIFFRACTION' ? 2.448  2.508  632  ? r_mcbond_other               ? ? 
'X-RAY DIFFRACTION' ? 3.589  4.486  778  ? r_mcangle_it                 ? ? 
'X-RAY DIFFRACTION' ? 3.590  4.485  779  ? r_mcangle_other              ? ? 
'X-RAY DIFFRACTION' ? 3.620  3.013  736  ? r_scbond_it                  ? ? 
'X-RAY DIFFRACTION' ? 3.577  2.998  730  ? r_scbond_other               ? ? 
'X-RAY DIFFRACTION' ? ?      ?      ?    ? r_scangle_it                 ? ? 
'X-RAY DIFFRACTION' ? 5.407  5.382  1104 ? r_scangle_other              ? ? 
'X-RAY DIFFRACTION' ? 8.218  31.65  1519 ? r_long_range_B_refined       ? ? 
'X-RAY DIFFRACTION' ? 8.155  31.31  1513 ? r_long_range_B_other         ? ? 
'X-RAY DIFFRACTION' ? ?      ?      ?    ? r_rigid_bond_restr           ? ? 
'X-RAY DIFFRACTION' ? ?      ?      ?    ? r_sphericity_free            ? ? 
'X-RAY DIFFRACTION' ? ?      ?      ?    ? r_sphericity_bonded          ? ? 
# 
_refine_ls_shell.pdbx_refine_id                   'X-RAY DIFFRACTION' 
_refine_ls_shell.d_res_high                       1.92 
_refine_ls_shell.d_res_low                        1.966 
_refine_ls_shell.number_reflns_all                ? 
_refine_ls_shell.number_reflns_obs                ? 
_refine_ls_shell.number_reflns_R_free             54 
_refine_ls_shell.number_reflns_R_work             996 
_refine_ls_shell.percent_reflns_obs               95.89 
_refine_ls_shell.percent_reflns_R_free            ? 
_refine_ls_shell.R_factor_all                     ? 
_refine_ls_shell.R_factor_obs                     ? 
_refine_ls_shell.R_factor_R_free_error            ? 
_refine_ls_shell.R_factor_R_work                  0.208 
_refine_ls_shell.redundancy_reflns_all            ? 
_refine_ls_shell.redundancy_reflns_obs            ? 
_refine_ls_shell.wR_factor_all                    ? 
_refine_ls_shell.wR_factor_obs                    ? 
_refine_ls_shell.wR_factor_R_free                 ? 
_refine_ls_shell.wR_factor_R_work                 ? 
_refine_ls_shell.pdbx_R_complete                  ? 
_refine_ls_shell.pdbx_total_number_of_bins_used   ? 
_refine_ls_shell.pdbx_phase_error                 ? 
_refine_ls_shell.pdbx_fsc_work                    ? 
_refine_ls_shell.pdbx_fsc_free                    ? 
_refine_ls_shell.R_factor_R_free                  0.285 
# 
_struct.entry_id                     9DOY 
_struct.title                        'Fibrillar assembly of an D-enantiopure, C-alpha methylated, macrocyclic beta-hairpin' 
_struct.pdbx_model_details           ? 
_struct.pdbx_formula_weight          ? 
_struct.pdbx_formula_weight_method   ? 
_struct.pdbx_model_type_details      ? 
_struct.pdbx_CASP_flag               N 
# 
_struct_keywords.entry_id        9DOY 
_struct_keywords.text            'MAX1, fibril, hydrogel, C-alpha methylated macrocyclic beta-hairpin, PROTEIN FIBRIL' 
_struct_keywords.pdbx_keywords   'PROTEIN FIBRIL' 
# 
loop_
_struct_asym.id 
_struct_asym.pdbx_blank_PDB_chainid_flag 
_struct_asym.pdbx_modified 
_struct_asym.entity_id 
_struct_asym.details 
A  N N 1 ? 
B  N N 1 ? 
C  N N 1 ? 
D  N N 1 ? 
E  N N 1 ? 
F  N N 1 ? 
G  N N 1 ? 
H  N N 1 ? 
I  N N 1 ? 
J  N N 1 ? 
K  N N 1 ? 
L  N N 1 ? 
M  N N 2 ? 
N  N N 2 ? 
O  N N 2 ? 
P  N N 2 ? 
Q  N N 2 ? 
R  N N 2 ? 
S  N N 2 ? 
T  N N 3 ? 
U  N N 3 ? 
V  N N 3 ? 
W  N N 3 ? 
X  N N 3 ? 
Y  N N 3 ? 
Z  N N 3 ? 
AA N N 3 ? 
BA N N 3 ? 
CA N N 3 ? 
DA N N 3 ? 
EA N N 3 ? 
# 
_struct_ref.id                         1 
_struct_ref.db_name                    PDB 
_struct_ref.db_code                    9DOY 
_struct_ref.pdbx_db_accession          9DOY 
_struct_ref.pdbx_db_isoform            ? 
_struct_ref.entity_id                  1 
_struct_ref.pdbx_seq_one_letter_code   ? 
_struct_ref.pdbx_align_begin           1 
# 
loop_
_struct_ref_seq.align_id 
_struct_ref_seq.ref_id 
_struct_ref_seq.pdbx_PDB_id_code 
_struct_ref_seq.pdbx_strand_id 
_struct_ref_seq.seq_align_beg 
_struct_ref_seq.pdbx_seq_align_beg_ins_code 
_struct_ref_seq.seq_align_end 
_struct_ref_seq.pdbx_seq_align_end_ins_code 
_struct_ref_seq.pdbx_db_accession 
_struct_ref_seq.db_align_beg 
_struct_ref_seq.pdbx_db_align_beg_ins_code 
_struct_ref_seq.db_align_end 
_struct_ref_seq.pdbx_db_align_end_ins_code 
_struct_ref_seq.pdbx_auth_seq_align_beg 
_struct_ref_seq.pdbx_auth_seq_align_end 
1  1 9DOY A 1 ? 13 ? 9DOY 13 ? 12 ? 13 12 
2  1 9DOY a 1 ? 13 ? 9DOY 13 ? 12 ? 13 12 
3  1 9DOY B 1 ? 13 ? 9DOY 13 ? 12 ? 13 12 
4  1 9DOY b 1 ? 13 ? 9DOY 13 ? 12 ? 13 12 
5  1 9DOY C 1 ? 13 ? 9DOY 13 ? 12 ? 13 12 
6  1 9DOY c 1 ? 13 ? 9DOY 13 ? 12 ? 13 12 
7  1 9DOY D 1 ? 13 ? 9DOY 13 ? 12 ? 13 12 
8  1 9DOY d 1 ? 13 ? 9DOY 13 ? 12 ? 13 12 
9  1 9DOY E 1 ? 13 ? 9DOY 13 ? 12 ? 13 12 
10 1 9DOY e 1 ? 13 ? 9DOY 13 ? 12 ? 13 12 
11 1 9DOY F 1 ? 13 ? 9DOY 13 ? 12 ? 13 12 
12 1 9DOY f 1 ? 13 ? 9DOY 13 ? 12 ? 13 12 
# 
_pdbx_struct_assembly.id                   1 
_pdbx_struct_assembly.details              author_and_software_defined_assembly 
_pdbx_struct_assembly.method_details       PISA 
_pdbx_struct_assembly.oligomeric_details   dodecameric 
_pdbx_struct_assembly.oligomeric_count     12 
# 
loop_
_pdbx_struct_assembly_prop.biol_id 
_pdbx_struct_assembly_prop.type 
_pdbx_struct_assembly_prop.value 
_pdbx_struct_assembly_prop.details 
1 'ABSA (A^2)' 8580 ? 
1 MORE         -71  ? 
1 'SSA (A^2)'  9610 ? 
# 
_pdbx_struct_assembly_gen.assembly_id       1 
_pdbx_struct_assembly_gen.oper_expression   1 
_pdbx_struct_assembly_gen.asym_id_list      A,B,C,D,E,F,G,H,I,J,K,L,M,N,O,P,Q,R,S,T,U,V,W,X,Y,Z,AA,BA,CA,DA,EA 
# 
_pdbx_struct_assembly_auth_evidence.id                     1 
_pdbx_struct_assembly_auth_evidence.assembly_id            1 
_pdbx_struct_assembly_auth_evidence.experimental_support   'electron microscopy' 
_pdbx_struct_assembly_auth_evidence.details                
;TEM experiments of a homologous macrocyclic beta-hairpin peptide without the C-alpha methyl group show evidence of self-assembly and fibrillization, correlating with the deposited X-ray crystallographic structure.
;
# 
_pdbx_struct_oper_list.id                   1 
_pdbx_struct_oper_list.type                 'identity operation' 
_pdbx_struct_oper_list.name                 1_555 
_pdbx_struct_oper_list.symmetry_operation   x,y,z 
_pdbx_struct_oper_list.matrix[1][1]         1.0000000000 
_pdbx_struct_oper_list.matrix[1][2]         0.0000000000 
_pdbx_struct_oper_list.matrix[1][3]         0.0000000000 
_pdbx_struct_oper_list.vector[1]            0.0000000000 
_pdbx_struct_oper_list.matrix[2][1]         0.0000000000 
_pdbx_struct_oper_list.matrix[2][2]         1.0000000000 
_pdbx_struct_oper_list.matrix[2][3]         0.0000000000 
_pdbx_struct_oper_list.vector[2]            0.0000000000 
_pdbx_struct_oper_list.matrix[3][1]         0.0000000000 
_pdbx_struct_oper_list.matrix[3][2]         0.0000000000 
_pdbx_struct_oper_list.matrix[3][3]         1.0000000000 
_pdbx_struct_oper_list.vector[3]            0.0000000000 
# 
loop_
_struct_conn.id 
_struct_conn.conn_type_id 
_struct_conn.pdbx_leaving_atom_flag 
_struct_conn.pdbx_PDB_id 
_struct_conn.ptnr1_label_asym_id 
_struct_conn.ptnr1_label_comp_id 
_struct_conn.ptnr1_label_seq_id 
_struct_conn.ptnr1_label_atom_id 
_struct_conn.pdbx_ptnr1_label_alt_id 
_struct_conn.pdbx_ptnr1_PDB_ins_code 
_struct_conn.pdbx_ptnr1_standard_comp_id 
_struct_conn.ptnr1_symmetry 
_struct_conn.ptnr2_label_asym_id 
_struct_conn.ptnr2_label_comp_id 
_struct_conn.ptnr2_label_seq_id 
_struct_conn.ptnr2_label_atom_id 
_struct_conn.pdbx_ptnr2_label_alt_id 
_struct_conn.pdbx_ptnr2_PDB_ins_code 
_struct_conn.ptnr1_auth_asym_id 
_struct_conn.ptnr1_auth_comp_id 
_struct_conn.ptnr1_auth_seq_id 
_struct_conn.ptnr2_auth_asym_id 
_struct_conn.ptnr2_auth_comp_id 
_struct_conn.ptnr2_auth_seq_id 
_struct_conn.ptnr2_symmetry 
_struct_conn.pdbx_ptnr3_label_atom_id 
_struct_conn.pdbx_ptnr3_label_seq_id 
_struct_conn.pdbx_ptnr3_label_comp_id 
_struct_conn.pdbx_ptnr3_label_asym_id 
_struct_conn.pdbx_ptnr3_label_alt_id 
_struct_conn.pdbx_ptnr3_PDB_ins_code 
_struct_conn.details 
_struct_conn.pdbx_dist_value 
_struct_conn.pdbx_value_order 
_struct_conn.pdbx_role 
covale1  covale both ? A VAL   2  N ? ? ? 1_555 A ORN   1  C  ? ? A VAL   1  A ORN   13 1_555 ? ? ? ? ? ? ? 1.341 ? ? 
covale2  covale both ? A VAL   6  C ? ? ? 1_555 A DPR   7  N  ? ? A VAL   5  A DPR   6  1_555 ? ? ? ? ? ? ? 1.340 ? ? 
covale3  covale both ? A DPR   7  C ? ? ? 1_555 A PRO   8  N  ? ? A DPR   6  A PRO   7  1_555 ? ? ? ? ? ? ? 1.339 ? ? 
covale4  covale one  ? A LYS   10 C ? ? ? 1_555 A A1A8T 11 N  ? ? A LYS   9  A A1A8T 10 1_555 ? ? ? ? ? ? ? 1.328 ? ? 
covale5  covale both ? A A1A8T 11 C ? ? ? 1_555 A LYS   12 N  ? ? A A1A8T 10 A LYS   11 1_555 ? ? ? ? ? ? ? 1.342 ? ? 
covale6  covale both ? A VAL   13 C ? ? ? 1_555 A ORN   1  NE ? ? A VAL   12 A ORN   13 1_555 ? ? ? ? ? ? ? 1.351 ? ? 
covale7  covale both ? B VAL   2  N ? ? ? 1_555 B ORN   1  C  ? ? a VAL   1  a ORN   13 1_555 ? ? ? ? ? ? ? 1.329 ? ? 
covale8  covale both ? B VAL   6  C ? ? ? 1_555 B DPR   7  N  ? ? a VAL   5  a DPR   6  1_555 ? ? ? ? ? ? ? 1.350 ? ? 
covale9  covale both ? B DPR   7  C ? ? ? 1_555 B PRO   8  N  ? ? a DPR   6  a PRO   7  1_555 ? ? ? ? ? ? ? 1.346 ? ? 
covale10 covale one  ? B LYS   10 C ? ? ? 1_555 B A1A8T 11 N  ? ? a LYS   9  a A1A8T 10 1_555 ? ? ? ? ? ? ? 1.360 ? ? 
covale11 covale both ? B A1A8T 11 C ? ? ? 1_555 B LYS   12 N  ? ? a A1A8T 10 a LYS   11 1_555 ? ? ? ? ? ? ? 1.335 ? ? 
covale12 covale both ? B VAL   13 C ? ? ? 1_555 B ORN   1  NE ? ? a VAL   12 a ORN   13 1_555 ? ? ? ? ? ? ? 1.333 ? ? 
covale13 covale both ? C VAL   2  N ? ? ? 1_555 C ORN   1  C  ? ? B VAL   1  B ORN   13 1_555 ? ? ? ? ? ? ? 1.340 ? ? 
covale14 covale both ? C VAL   6  C ? ? ? 1_555 C DPR   7  N  ? ? B VAL   5  B DPR   6  1_555 ? ? ? ? ? ? ? 1.352 ? ? 
covale15 covale both ? C DPR   7  C ? ? ? 1_555 C PRO   8  N  ? ? B DPR   6  B PRO   7  1_555 ? ? ? ? ? ? ? 1.346 ? ? 
covale16 covale one  ? C LYS   10 C ? ? ? 1_555 C A1A8T 11 N  ? ? B LYS   9  B A1A8T 10 1_555 ? ? ? ? ? ? ? 1.333 ? ? 
covale17 covale both ? C A1A8T 11 C ? ? ? 1_555 C LYS   12 N  ? ? B A1A8T 10 B LYS   11 1_555 ? ? ? ? ? ? ? 1.339 ? ? 
covale18 covale both ? C VAL   13 C ? ? ? 1_555 C ORN   1  NE ? ? B VAL   12 B ORN   13 1_555 ? ? ? ? ? ? ? 1.316 ? ? 
covale19 covale both ? D VAL   2  N ? ? ? 1_555 D ORN   1  C  ? ? b VAL   1  b ORN   13 1_555 ? ? ? ? ? ? ? 1.336 ? ? 
covale20 covale both ? D VAL   6  C ? ? ? 1_555 D DPR   7  N  ? ? b VAL   5  b DPR   6  1_555 ? ? ? ? ? ? ? 1.345 ? ? 
covale21 covale both ? D DPR   7  C ? ? ? 1_555 D PRO   8  N  ? ? b DPR   6  b PRO   7  1_555 ? ? ? ? ? ? ? 1.352 ? ? 
covale22 covale one  ? D LYS   10 C ? ? ? 1_555 D A1A8T 11 N  ? ? b LYS   9  b A1A8T 10 1_555 ? ? ? ? ? ? ? 1.348 ? ? 
covale23 covale both ? D A1A8T 11 C ? ? ? 1_555 D LYS   12 N  ? ? b A1A8T 10 b LYS   11 1_555 ? ? ? ? ? ? ? 1.347 ? ? 
covale24 covale both ? D VAL   13 C ? ? ? 1_555 D ORN   1  NE ? ? b VAL   12 b ORN   13 1_555 ? ? ? ? ? ? ? 1.355 ? ? 
covale25 covale both ? E VAL   2  N ? ? ? 1_555 E ORN   1  C  ? ? C VAL   1  C ORN   13 1_555 ? ? ? ? ? ? ? 1.347 ? ? 
covale26 covale both ? E VAL   6  C ? ? ? 1_555 E DPR   7  N  ? ? C VAL   5  C DPR   6  1_555 ? ? ? ? ? ? ? 1.355 ? ? 
covale27 covale both ? E DPR   7  C ? ? ? 1_555 E PRO   8  N  ? ? C DPR   6  C PRO   7  1_555 ? ? ? ? ? ? ? 1.345 ? ? 
covale28 covale one  ? E LYS   10 C ? ? ? 1_555 E A1A8T 11 N  ? ? C LYS   9  C A1A8T 10 1_555 ? ? ? ? ? ? ? 1.337 ? ? 
covale29 covale both ? E A1A8T 11 C ? ? ? 1_555 E LYS   12 N  ? ? C A1A8T 10 C LYS   11 1_555 ? ? ? ? ? ? ? 1.326 ? ? 
covale30 covale both ? E VAL   13 C ? ? ? 1_555 E ORN   1  NE ? ? C VAL   12 C ORN   13 1_555 ? ? ? ? ? ? ? 1.329 ? ? 
covale31 covale both ? F VAL   2  N ? ? ? 1_555 F ORN   1  C  ? ? c VAL   1  c ORN   13 1_555 ? ? ? ? ? ? ? 1.329 ? ? 
covale32 covale both ? F VAL   6  C ? ? ? 1_555 F DPR   7  N  ? ? c VAL   5  c DPR   6  1_555 ? ? ? ? ? ? ? 1.361 ? ? 
covale33 covale both ? F DPR   7  C ? ? ? 1_555 F PRO   8  N  ? ? c DPR   6  c PRO   7  1_555 ? ? ? ? ? ? ? 1.345 ? ? 
covale34 covale one  ? F LYS   10 C ? ? ? 1_555 F A1A8T 11 N  ? ? c LYS   9  c A1A8T 10 1_555 ? ? ? ? ? ? ? 1.341 ? ? 
covale35 covale both ? F A1A8T 11 C ? ? ? 1_555 F LYS   12 N  ? ? c A1A8T 10 c LYS   11 1_555 ? ? ? ? ? ? ? 1.341 ? ? 
covale36 covale both ? F VAL   13 C ? ? ? 1_555 F ORN   1  NE ? ? c VAL   12 c ORN   13 1_555 ? ? ? ? ? ? ? 1.318 ? ? 
covale37 covale both ? G VAL   2  N ? ? ? 1_555 G ORN   1  C  ? ? D VAL   1  D ORN   13 1_555 ? ? ? ? ? ? ? 1.339 ? ? 
covale38 covale both ? G VAL   6  C ? ? ? 1_555 G DPR   7  N  ? ? D VAL   5  D DPR   6  1_555 ? ? ? ? ? ? ? 1.362 ? ? 
covale39 covale both ? G DPR   7  C ? ? ? 1_555 G PRO   8  N  ? ? D DPR   6  D PRO   7  1_555 ? ? ? ? ? ? ? 1.348 ? ? 
covale40 covale one  ? G LYS   10 C ? ? ? 1_555 G A1A8T 11 N  ? ? D LYS   9  D A1A8T 10 1_555 ? ? ? ? ? ? ? 1.331 ? ? 
covale41 covale both ? G A1A8T 11 C ? ? ? 1_555 G LYS   12 N  ? ? D A1A8T 10 D LYS   11 1_555 ? ? ? ? ? ? ? 1.333 ? ? 
covale42 covale both ? G VAL   13 C ? ? ? 1_555 G ORN   1  NE ? ? D VAL   12 D ORN   13 1_555 ? ? ? ? ? ? ? 1.327 ? ? 
covale43 covale both ? H VAL   2  N ? ? ? 1_555 H ORN   1  C  ? ? d VAL   1  d ORN   13 1_555 ? ? ? ? ? ? ? 1.336 ? ? 
covale44 covale both ? H VAL   6  C ? ? ? 1_555 H DPR   7  N  ? ? d VAL   5  d DPR   6  1_555 ? ? ? ? ? ? ? 1.352 ? ? 
covale45 covale both ? H DPR   7  C ? ? ? 1_555 H PRO   8  N  ? ? d DPR   6  d PRO   7  1_555 ? ? ? ? ? ? ? 1.344 ? ? 
covale46 covale one  ? H LYS   10 C ? ? ? 1_555 H A1A8T 11 N  ? ? d LYS   9  d A1A8T 10 1_555 ? ? ? ? ? ? ? 1.354 ? ? 
covale47 covale both ? H A1A8T 11 C ? ? ? 1_555 H LYS   12 N  ? ? d A1A8T 10 d LYS   11 1_555 ? ? ? ? ? ? ? 1.347 ? ? 
covale48 covale both ? H VAL   13 C ? ? ? 1_555 H ORN   1  NE ? ? d VAL   12 d ORN   13 1_555 ? ? ? ? ? ? ? 1.321 ? ? 
covale49 covale both ? I VAL   2  N ? ? ? 1_555 I ORN   1  C  ? ? E VAL   1  E ORN   13 1_555 ? ? ? ? ? ? ? 1.334 ? ? 
covale50 covale both ? I VAL   6  C ? ? ? 1_555 I DPR   7  N  ? ? E VAL   5  E DPR   6  1_555 ? ? ? ? ? ? ? 1.352 ? ? 
covale51 covale both ? I DPR   7  C ? ? ? 1_555 I PRO   8  N  ? ? E DPR   6  E PRO   7  1_555 ? ? ? ? ? ? ? 1.349 ? ? 
covale52 covale one  ? I LYS   10 C ? ? ? 1_555 I A1A8T 11 N  ? ? E LYS   9  E A1A8T 10 1_555 ? ? ? ? ? ? ? 1.337 ? ? 
covale53 covale both ? I A1A8T 11 C ? ? ? 1_555 I LYS   12 N  ? ? E A1A8T 10 E LYS   11 1_555 ? ? ? ? ? ? ? 1.330 ? ? 
covale54 covale both ? I VAL   13 C ? ? ? 1_555 I ORN   1  NE ? ? E VAL   12 E ORN   13 1_555 ? ? ? ? ? ? ? 1.320 ? ? 
covale55 covale both ? J VAL   2  N ? ? ? 1_555 J ORN   1  C  ? ? e VAL   1  e ORN   13 1_555 ? ? ? ? ? ? ? 1.338 ? ? 
covale56 covale both ? J VAL   6  C ? ? ? 1_555 J DPR   7  N  ? ? e VAL   5  e DPR   6  1_555 ? ? ? ? ? ? ? 1.348 ? ? 
covale57 covale both ? J DPR   7  C ? ? ? 1_555 J PRO   8  N  ? ? e DPR   6  e PRO   7  1_555 ? ? ? ? ? ? ? 1.349 ? ? 
covale58 covale one  ? J LYS   10 C ? ? ? 1_555 J A1A8T 11 N  ? ? e LYS   9  e A1A8T 10 1_555 ? ? ? ? ? ? ? 1.345 ? ? 
covale59 covale both ? J A1A8T 11 C ? ? ? 1_555 J LYS   12 N  ? ? e A1A8T 10 e LYS   11 1_555 ? ? ? ? ? ? ? 1.334 ? ? 
covale60 covale both ? J VAL   13 C ? ? ? 1_555 J ORN   1  NE ? ? e VAL   12 e ORN   13 1_555 ? ? ? ? ? ? ? 1.322 ? ? 
covale61 covale both ? K VAL   2  N ? ? ? 1_555 K ORN   1  C  ? ? F VAL   1  F ORN   13 1_555 ? ? ? ? ? ? ? 1.327 ? ? 
covale62 covale both ? K VAL   6  C ? ? ? 1_555 K DPR   7  N  ? ? F VAL   5  F DPR   6  1_555 ? ? ? ? ? ? ? 1.347 ? ? 
covale63 covale both ? K DPR   7  C ? ? ? 1_555 K PRO   8  N  ? ? F DPR   6  F PRO   7  1_555 ? ? ? ? ? ? ? 1.365 ? ? 
covale64 covale one  ? K LYS   10 C ? ? ? 1_555 K A1A8T 11 N  ? ? F LYS   9  F A1A8T 10 1_555 ? ? ? ? ? ? ? 1.336 ? ? 
covale65 covale both ? K A1A8T 11 C ? ? ? 1_555 K LYS   12 N  ? ? F A1A8T 10 F LYS   11 1_555 ? ? ? ? ? ? ? 1.342 ? ? 
covale66 covale both ? K VAL   13 C ? ? ? 1_555 K ORN   1  NE ? ? F VAL   12 F ORN   13 1_555 ? ? ? ? ? ? ? 1.309 ? ? 
covale67 covale both ? L VAL   2  N ? ? ? 1_555 L ORN   1  C  ? ? f VAL   1  f ORN   13 1_555 ? ? ? ? ? ? ? 1.332 ? ? 
covale68 covale both ? L VAL   6  C ? ? ? 1_555 L DPR   7  N  ? ? f VAL   5  f DPR   6  1_555 ? ? ? ? ? ? ? 1.350 ? ? 
covale69 covale both ? L DPR   7  C ? ? ? 1_555 L PRO   8  N  ? ? f DPR   6  f PRO   7  1_555 ? ? ? ? ? ? ? 1.351 ? ? 
covale70 covale one  ? L LYS   10 C ? ? ? 1_555 L A1A8T 11 N  ? ? f LYS   9  f A1A8T 10 1_555 ? ? ? ? ? ? ? 1.331 ? ? 
covale71 covale both ? L A1A8T 11 C ? ? ? 1_555 L LYS   12 N  ? ? f A1A8T 10 f LYS   11 1_555 ? ? ? ? ? ? ? 1.320 ? ? 
covale72 covale both ? L VAL   13 C ? ? ? 1_555 L ORN   1  NE ? ? f VAL   12 f ORN   13 1_555 ? ? ? ? ? ? ? 1.335 ? ? 
# 
_struct_conn_type.id          covale 
_struct_conn_type.criteria    ? 
_struct_conn_type.reference   ? 
# 
loop_
_pdbx_modification_feature.ordinal 
_pdbx_modification_feature.label_comp_id 
_pdbx_modification_feature.label_asym_id 
_pdbx_modification_feature.label_seq_id 
_pdbx_modification_feature.label_alt_id 
_pdbx_modification_feature.modified_residue_label_comp_id 
_pdbx_modification_feature.modified_residue_label_asym_id 
_pdbx_modification_feature.modified_residue_label_seq_id 
_pdbx_modification_feature.modified_residue_label_alt_id 
_pdbx_modification_feature.auth_comp_id 
_pdbx_modification_feature.auth_asym_id 
_pdbx_modification_feature.auth_seq_id 
_pdbx_modification_feature.PDB_ins_code 
_pdbx_modification_feature.symmetry 
_pdbx_modification_feature.modified_residue_auth_comp_id 
_pdbx_modification_feature.modified_residue_auth_asym_id 
_pdbx_modification_feature.modified_residue_auth_seq_id 
_pdbx_modification_feature.modified_residue_PDB_ins_code 
_pdbx_modification_feature.modified_residue_symmetry 
_pdbx_modification_feature.comp_id_linking_atom 
_pdbx_modification_feature.modified_residue_id_linking_atom 
_pdbx_modification_feature.modified_residue_id 
_pdbx_modification_feature.ref_pcm_id 
_pdbx_modification_feature.ref_comp_id 
_pdbx_modification_feature.type 
_pdbx_modification_feature.category 
1  ORN   A 1  ? .   . . . ORN   A 13 ? 1_555 .   . .  . .     . .  ?   1 ORN   Ornithine 'Named protein modification' 
2  ORN   B 1  ? .   . . . ORN   a 13 ? 1_555 .   . .  . .     . .  ?   1 ORN   Ornithine 'Named protein modification' 
3  ORN   C 1  ? .   . . . ORN   B 13 ? 1_555 .   . .  . .     . .  ?   1 ORN   Ornithine 'Named protein modification' 
4  ORN   D 1  ? .   . . . ORN   b 13 ? 1_555 .   . .  . .     . .  ?   1 ORN   Ornithine 'Named protein modification' 
5  ORN   E 1  ? .   . . . ORN   C 13 ? 1_555 .   . .  . .     . .  ?   1 ORN   Ornithine 'Named protein modification' 
6  ORN   F 1  ? .   . . . ORN   c 13 ? 1_555 .   . .  . .     . .  ?   1 ORN   Ornithine 'Named protein modification' 
7  ORN   G 1  ? .   . . . ORN   D 13 ? 1_555 .   . .  . .     . .  ?   1 ORN   Ornithine 'Named protein modification' 
8  ORN   H 1  ? .   . . . ORN   d 13 ? 1_555 .   . .  . .     . .  ?   1 ORN   Ornithine 'Named protein modification' 
9  ORN   I 1  ? .   . . . ORN   E 13 ? 1_555 .   . .  . .     . .  ?   1 ORN   Ornithine 'Named protein modification' 
10 ORN   J 1  ? .   . . . ORN   e 13 ? 1_555 .   . .  . .     . .  ?   1 ORN   Ornithine 'Named protein modification' 
11 ORN   K 1  ? .   . . . ORN   F 13 ? 1_555 .   . .  . .     . .  ?   1 ORN   Ornithine 'Named protein modification' 
12 ORN   L 1  ? .   . . . ORN   f 13 ? 1_555 .   . .  . .     . .  ?   1 ORN   Ornithine 'Named protein modification' 
13 A1A8T A 11 ? .   . . . A1A8T A 10 ? 1_555 .   . .  . .     . .  VAL 1 A1A8T None      'Non-standard residue'       
14 A1A8T B 11 ? .   . . . A1A8T a 10 ? 1_555 .   . .  . .     . .  VAL 1 A1A8T None      'Non-standard residue'       
15 A1A8T C 11 ? .   . . . A1A8T B 10 ? 1_555 .   . .  . .     . .  VAL 1 A1A8T None      'Non-standard residue'       
16 A1A8T D 11 ? .   . . . A1A8T b 10 ? 1_555 .   . .  . .     . .  VAL 1 A1A8T None      'Non-standard residue'       
17 A1A8T E 11 ? .   . . . A1A8T C 10 ? 1_555 .   . .  . .     . .  VAL 1 A1A8T None      'Non-standard residue'       
18 A1A8T F 11 ? .   . . . A1A8T c 10 ? 1_555 .   . .  . .     . .  VAL 1 A1A8T None      'Non-standard residue'       
19 A1A8T G 11 ? .   . . . A1A8T D 10 ? 1_555 .   . .  . .     . .  VAL 1 A1A8T None      'Non-standard residue'       
20 A1A8T H 11 ? .   . . . A1A8T d 10 ? 1_555 .   . .  . .     . .  VAL 1 A1A8T None      'Non-standard residue'       
21 A1A8T I 11 ? .   . . . A1A8T E 10 ? 1_555 .   . .  . .     . .  VAL 1 A1A8T None      'Non-standard residue'       
22 A1A8T J 11 ? .   . . . A1A8T e 10 ? 1_555 .   . .  . .     . .  VAL 1 A1A8T None      'Non-standard residue'       
23 A1A8T K 11 ? .   . . . A1A8T F 10 ? 1_555 .   . .  . .     . .  VAL 1 A1A8T None      'Non-standard residue'       
24 A1A8T L 11 ? .   . . . A1A8T f 10 ? 1_555 .   . .  . .     . .  VAL 1 A1A8T None      'Non-standard residue'       
25 VAL   A 13 ? ORN A 1 ? VAL   A 12 ? 1_555 ORN A 13 ? 1_555 C NE .   . .     None      'Non-standard linkage'       
26 VAL   B 13 ? ORN B 1 ? VAL   a 12 ? 1_555 ORN a 13 ? 1_555 C NE .   . .     None      'Non-standard linkage'       
27 VAL   C 13 ? ORN C 1 ? VAL   B 12 ? 1_555 ORN B 13 ? 1_555 C NE .   . .     None      'Non-standard linkage'       
28 VAL   D 13 ? ORN D 1 ? VAL   b 12 ? 1_555 ORN b 13 ? 1_555 C NE .   . .     None      'Non-standard linkage'       
29 VAL   E 13 ? ORN E 1 ? VAL   C 12 ? 1_555 ORN C 13 ? 1_555 C NE .   . .     None      'Non-standard linkage'       
30 VAL   F 13 ? ORN F 1 ? VAL   c 12 ? 1_555 ORN c 13 ? 1_555 C NE .   . .     None      'Non-standard linkage'       
31 VAL   G 13 ? ORN G 1 ? VAL   D 12 ? 1_555 ORN D 13 ? 1_555 C NE .   . .     None      'Non-standard linkage'       
32 VAL   H 13 ? ORN H 1 ? VAL   d 12 ? 1_555 ORN d 13 ? 1_555 C NE .   . .     None      'Non-standard linkage'       
33 VAL   I 13 ? ORN I 1 ? VAL   E 12 ? 1_555 ORN E 13 ? 1_555 C NE .   . .     None      'Non-standard linkage'       
34 VAL   J 13 ? ORN J 1 ? VAL   e 12 ? 1_555 ORN e 13 ? 1_555 C NE .   . .     None      'Non-standard linkage'       
35 VAL   K 13 ? ORN K 1 ? VAL   F 12 ? 1_555 ORN F 13 ? 1_555 C NE .   . .     None      'Non-standard linkage'       
36 VAL   L 13 ? ORN L 1 ? VAL   f 12 ? 1_555 ORN f 13 ? 1_555 C NE .   . .     None      'Non-standard linkage'       
# 
loop_
_struct_sheet.id 
_struct_sheet.type 
_struct_sheet.number_strands 
_struct_sheet.details 
AA1 ? 2 ? 
AA2 ? 2 ? 
AA3 ? 2 ? 
AA4 ? 2 ? 
AA5 ? 2 ? 
AA6 ? 2 ? 
AA7 ? 2 ? 
AA8 ? 2 ? 
AA9 ? 2 ? 
AB1 ? 2 ? 
AB2 ? 2 ? 
AB3 ? 2 ? 
# 
loop_
_struct_sheet_order.sheet_id 
_struct_sheet_order.range_id_1 
_struct_sheet_order.range_id_2 
_struct_sheet_order.offset 
_struct_sheet_order.sense 
AA1 1 2 ? anti-parallel 
AA2 1 2 ? anti-parallel 
AA3 1 2 ? anti-parallel 
AA4 1 2 ? anti-parallel 
AA5 1 2 ? anti-parallel 
AA6 1 2 ? anti-parallel 
AA7 1 2 ? anti-parallel 
AA8 1 2 ? anti-parallel 
AA9 1 2 ? anti-parallel 
AB1 1 2 ? anti-parallel 
AB2 1 2 ? anti-parallel 
AB3 1 2 ? anti-parallel 
# 
loop_
_struct_sheet_range.sheet_id 
_struct_sheet_range.id 
_struct_sheet_range.beg_label_comp_id 
_struct_sheet_range.beg_label_asym_id 
_struct_sheet_range.beg_label_seq_id 
_struct_sheet_range.pdbx_beg_PDB_ins_code 
_struct_sheet_range.end_label_comp_id 
_struct_sheet_range.end_label_asym_id 
_struct_sheet_range.end_label_seq_id 
_struct_sheet_range.pdbx_end_PDB_ins_code 
_struct_sheet_range.beg_auth_comp_id 
_struct_sheet_range.beg_auth_asym_id 
_struct_sheet_range.beg_auth_seq_id 
_struct_sheet_range.end_auth_comp_id 
_struct_sheet_range.end_auth_asym_id 
_struct_sheet_range.end_auth_seq_id 
AA1 1 VAL A 2 ? VAL A 6  ? VAL A 1 VAL A 5  
AA1 2 THR A 9 ? VAL A 13 ? THR A 8 VAL A 12 
AA2 1 VAL B 2 ? VAL B 6  ? VAL a 1 VAL a 5  
AA2 2 THR B 9 ? VAL B 13 ? THR a 8 VAL a 12 
AA3 1 VAL C 2 ? VAL C 6  ? VAL B 1 VAL B 5  
AA3 2 THR C 9 ? VAL C 13 ? THR B 8 VAL B 12 
AA4 1 VAL D 2 ? VAL D 6  ? VAL b 1 VAL b 5  
AA4 2 THR D 9 ? VAL D 13 ? THR b 8 VAL b 12 
AA5 1 VAL E 2 ? VAL E 6  ? VAL C 1 VAL C 5  
AA5 2 THR E 9 ? VAL E 13 ? THR C 8 VAL C 12 
AA6 1 VAL F 2 ? VAL F 6  ? VAL c 1 VAL c 5  
AA6 2 THR F 9 ? VAL F 13 ? THR c 8 VAL c 12 
AA7 1 VAL G 2 ? VAL G 6  ? VAL D 1 VAL D 5  
AA7 2 THR G 9 ? VAL G 13 ? THR D 8 VAL D 12 
AA8 1 VAL H 2 ? VAL H 6  ? VAL d 1 VAL d 5  
AA8 2 THR H 9 ? VAL H 13 ? THR d 8 VAL d 12 
AA9 1 VAL I 2 ? VAL I 6  ? VAL E 1 VAL E 5  
AA9 2 THR I 9 ? VAL I 13 ? THR E 8 VAL E 12 
AB1 1 VAL J 2 ? VAL J 6  ? VAL e 1 VAL e 5  
AB1 2 THR J 9 ? VAL J 13 ? THR e 8 VAL e 12 
AB2 1 VAL K 2 ? VAL K 6  ? VAL F 1 VAL F 5  
AB2 2 THR K 9 ? VAL K 13 ? THR F 8 VAL F 12 
AB3 1 VAL L 2 ? VAL L 6  ? VAL f 1 VAL f 5  
AB3 2 THR L 9 ? VAL L 13 ? THR f 8 VAL f 12 
# 
loop_
_pdbx_struct_sheet_hbond.sheet_id 
_pdbx_struct_sheet_hbond.range_id_1 
_pdbx_struct_sheet_hbond.range_id_2 
_pdbx_struct_sheet_hbond.range_1_label_atom_id 
_pdbx_struct_sheet_hbond.range_1_label_comp_id 
_pdbx_struct_sheet_hbond.range_1_label_asym_id 
_pdbx_struct_sheet_hbond.range_1_label_seq_id 
_pdbx_struct_sheet_hbond.range_1_PDB_ins_code 
_pdbx_struct_sheet_hbond.range_1_auth_atom_id 
_pdbx_struct_sheet_hbond.range_1_auth_comp_id 
_pdbx_struct_sheet_hbond.range_1_auth_asym_id 
_pdbx_struct_sheet_hbond.range_1_auth_seq_id 
_pdbx_struct_sheet_hbond.range_2_label_atom_id 
_pdbx_struct_sheet_hbond.range_2_label_comp_id 
_pdbx_struct_sheet_hbond.range_2_label_asym_id 
_pdbx_struct_sheet_hbond.range_2_label_seq_id 
_pdbx_struct_sheet_hbond.range_2_PDB_ins_code 
_pdbx_struct_sheet_hbond.range_2_auth_atom_id 
_pdbx_struct_sheet_hbond.range_2_auth_comp_id 
_pdbx_struct_sheet_hbond.range_2_auth_asym_id 
_pdbx_struct_sheet_hbond.range_2_auth_seq_id 
AA1 1 2 N VAL A 2 ? N VAL A 1 O VAL   A 13 ? O VAL   A 12 
AA2 1 2 N VAL B 2 ? N VAL a 1 O VAL   B 13 ? O VAL   a 12 
AA3 1 2 N VAL C 4 ? N VAL B 3 O A1A8T C 11 ? O A1A8T B 10 
AA4 1 2 N VAL D 2 ? N VAL b 1 O VAL   D 13 ? O VAL   b 12 
AA5 1 2 N VAL E 4 ? N VAL C 3 O A1A8T E 11 ? O A1A8T C 10 
AA6 1 2 N VAL F 4 ? N VAL c 3 O A1A8T F 11 ? O A1A8T c 10 
AA7 1 2 N VAL G 4 ? N VAL D 3 O A1A8T G 11 ? O A1A8T D 10 
AA8 1 2 N VAL H 6 ? N VAL d 5 O THR   H 9  ? O THR   d 8  
AA9 1 2 N VAL I 6 ? N VAL E 5 O THR   I 9  ? O THR   E 8  
AB1 1 2 N VAL J 6 ? N VAL e 5 O THR   J 9  ? O THR   e 8  
AB2 1 2 N VAL K 6 ? N VAL F 5 O THR   K 9  ? O THR   F 8  
AB3 1 2 N VAL L 6 ? N VAL f 5 O THR   L 9  ? O THR   f 8  
# 
_pdbx_entry_details.entry_id                   9DOY 
_pdbx_entry_details.has_ligand_of_interest     N 
_pdbx_entry_details.compound_details           ? 
_pdbx_entry_details.source_details             ? 
_pdbx_entry_details.nonpolymer_details         ? 
_pdbx_entry_details.sequence_details           ? 
_pdbx_entry_details.has_protein_modification   Y 
# 
loop_
_pdbx_validate_close_contact.id 
_pdbx_validate_close_contact.PDB_model_num 
_pdbx_validate_close_contact.auth_atom_id_1 
_pdbx_validate_close_contact.auth_asym_id_1 
_pdbx_validate_close_contact.auth_comp_id_1 
_pdbx_validate_close_contact.auth_seq_id_1 
_pdbx_validate_close_contact.PDB_ins_code_1 
_pdbx_validate_close_contact.label_alt_id_1 
_pdbx_validate_close_contact.auth_atom_id_2 
_pdbx_validate_close_contact.auth_asym_id_2 
_pdbx_validate_close_contact.auth_comp_id_2 
_pdbx_validate_close_contact.auth_seq_id_2 
_pdbx_validate_close_contact.PDB_ins_code_2 
_pdbx_validate_close_contact.label_alt_id_2 
_pdbx_validate_close_contact.dist 
1 1 NZ a LYS 4 ? ? O a DPR 6   ? ? 2.18 
2 1 O  F DPR 6 ? ? O F HOH 101 ? ? 2.19 
# 
_pdbx_validate_symm_contact.id                1 
_pdbx_validate_symm_contact.PDB_model_num     1 
_pdbx_validate_symm_contact.auth_atom_id_1    I3 
_pdbx_validate_symm_contact.auth_asym_id_1    c 
_pdbx_validate_symm_contact.auth_comp_id_1    I3C 
_pdbx_validate_symm_contact.auth_seq_id_1     101 
_pdbx_validate_symm_contact.PDB_ins_code_1    ? 
_pdbx_validate_symm_contact.label_alt_id_1    ? 
_pdbx_validate_symm_contact.site_symmetry_1   1_555 
_pdbx_validate_symm_contact.auth_atom_id_2    O 
_pdbx_validate_symm_contact.auth_asym_id_2    A 
_pdbx_validate_symm_contact.auth_comp_id_2    HOH 
_pdbx_validate_symm_contact.auth_seq_id_2     103 
_pdbx_validate_symm_contact.PDB_ins_code_2    ? 
_pdbx_validate_symm_contact.label_alt_id_2    ? 
_pdbx_validate_symm_contact.site_symmetry_2   5_655 
_pdbx_validate_symm_contact.dist              1.77 
# 
_pdbx_validate_torsion.id              1 
_pdbx_validate_torsion.PDB_model_num   1 
_pdbx_validate_torsion.auth_comp_id    DPR 
_pdbx_validate_torsion.auth_asym_id    F 
_pdbx_validate_torsion.auth_seq_id     6 
_pdbx_validate_torsion.PDB_ins_code    ? 
_pdbx_validate_torsion.label_alt_id    ? 
_pdbx_validate_torsion.phi             46.64 
_pdbx_validate_torsion.psi             -104.17 
# 
loop_
_chem_comp_atom.comp_id 
_chem_comp_atom.atom_id 
_chem_comp_atom.type_symbol 
_chem_comp_atom.pdbx_aromatic_flag 
_chem_comp_atom.pdbx_stereo_config 
_chem_comp_atom.pdbx_ordinal 
A1A8T N    N N N 1   
A1A8T CA   C N S 2   
A1A8T C    C N N 3   
A1A8T O    O N N 4   
A1A8T CB   C N N 5   
A1A8T CG1  C N N 6   
A1A8T CG2  C N N 7   
A1A8T C1   C N N 8   
A1A8T H    H N N 9   
A1A8T H2   H N N 10  
A1A8T HB   H N N 11  
A1A8T HG11 H N N 12  
A1A8T HG12 H N N 13  
A1A8T HG13 H N N 14  
A1A8T HG21 H N N 15  
A1A8T HG22 H N N 16  
A1A8T HG23 H N N 17  
A1A8T H12  H N N 18  
A1A8T H13  H N N 19  
A1A8T H14  H N N 20  
A1A8T OXT  O N N 21  
A1A8T H1   H N N 22  
DPR   N    N N N 23  
DPR   CA   C N R 24  
DPR   CB   C N N 25  
DPR   CG   C N N 26  
DPR   CD   C N N 27  
DPR   C    C N N 28  
DPR   O    O N N 29  
DPR   OXT  O N N 30  
DPR   H    H N N 31  
DPR   HA   H N N 32  
DPR   HB2  H N N 33  
DPR   HB3  H N N 34  
DPR   HG2  H N N 35  
DPR   HG3  H N N 36  
DPR   HD2  H N N 37  
DPR   HD3  H N N 38  
DPR   HXT  H N N 39  
HOH   O    O N N 40  
HOH   H1   H N N 41  
HOH   H2   H N N 42  
I3C   I3   I N N 43  
I3C   I2   I N N 44  
I3C   I1   I N N 45  
I3C   O8   O N N 46  
I3C   O9   O N N 47  
I3C   C10  C N N 48  
I3C   N13  N N N 49  
I3C   C1   C Y N 50  
I3C   C6   C Y N 51  
I3C   C5   C Y N 52  
I3C   C4   C Y N 53  
I3C   C3   C Y N 54  
I3C   C2   C Y N 55  
I3C   C7   C N N 56  
I3C   O11  O N N 57  
I3C   O12  O N N 58  
I3C   HO9  H N N 59  
I3C   HN13 H N N 60  
I3C   HN1A H N N 61  
I3C   HO11 H N N 62  
LYS   N    N N N 63  
LYS   CA   C N S 64  
LYS   C    C N N 65  
LYS   O    O N N 66  
LYS   CB   C N N 67  
LYS   CG   C N N 68  
LYS   CD   C N N 69  
LYS   CE   C N N 70  
LYS   NZ   N N N 71  
LYS   OXT  O N N 72  
LYS   H    H N N 73  
LYS   H2   H N N 74  
LYS   HA   H N N 75  
LYS   HB2  H N N 76  
LYS   HB3  H N N 77  
LYS   HG2  H N N 78  
LYS   HG3  H N N 79  
LYS   HD2  H N N 80  
LYS   HD3  H N N 81  
LYS   HE2  H N N 82  
LYS   HE3  H N N 83  
LYS   HZ1  H N N 84  
LYS   HZ2  H N N 85  
LYS   HZ3  H N N 86  
LYS   HXT  H N N 87  
ORN   N    N N N 88  
ORN   CA   C N S 89  
ORN   CB   C N N 90  
ORN   CG   C N N 91  
ORN   CD   C N N 92  
ORN   NE   N N N 93  
ORN   C    C N N 94  
ORN   O    O N N 95  
ORN   OXT  O N N 96  
ORN   H    H N N 97  
ORN   H2   H N N 98  
ORN   HA   H N N 99  
ORN   HB2  H N N 100 
ORN   HB3  H N N 101 
ORN   HG2  H N N 102 
ORN   HG3  H N N 103 
ORN   HD2  H N N 104 
ORN   HD3  H N N 105 
ORN   HE1  H N N 106 
ORN   HE2  H N N 107 
ORN   HXT  H N N 108 
PRO   N    N N N 109 
PRO   CA   C N S 110 
PRO   C    C N N 111 
PRO   O    O N N 112 
PRO   CB   C N N 113 
PRO   CG   C N N 114 
PRO   CD   C N N 115 
PRO   OXT  O N N 116 
PRO   H    H N N 117 
PRO   HA   H N N 118 
PRO   HB2  H N N 119 
PRO   HB3  H N N 120 
PRO   HG2  H N N 121 
PRO   HG3  H N N 122 
PRO   HD2  H N N 123 
PRO   HD3  H N N 124 
PRO   HXT  H N N 125 
THR   N    N N N 126 
THR   CA   C N S 127 
THR   C    C N N 128 
THR   O    O N N 129 
THR   CB   C N R 130 
THR   OG1  O N N 131 
THR   CG2  C N N 132 
THR   OXT  O N N 133 
THR   H    H N N 134 
THR   H2   H N N 135 
THR   HA   H N N 136 
THR   HB   H N N 137 
THR   HG1  H N N 138 
THR   HG21 H N N 139 
THR   HG22 H N N 140 
THR   HG23 H N N 141 
THR   HXT  H N N 142 
VAL   N    N N N 143 
VAL   CA   C N S 144 
VAL   C    C N N 145 
VAL   O    O N N 146 
VAL   CB   C N N 147 
VAL   CG1  C N N 148 
VAL   CG2  C N N 149 
VAL   OXT  O N N 150 
VAL   H    H N N 151 
VAL   H2   H N N 152 
VAL   HA   H N N 153 
VAL   HB   H N N 154 
VAL   HG11 H N N 155 
VAL   HG12 H N N 156 
VAL   HG13 H N N 157 
VAL   HG21 H N N 158 
VAL   HG22 H N N 159 
VAL   HG23 H N N 160 
VAL   HXT  H N N 161 
# 
loop_
_chem_comp_bond.comp_id 
_chem_comp_bond.atom_id_1 
_chem_comp_bond.atom_id_2 
_chem_comp_bond.value_order 
_chem_comp_bond.pdbx_aromatic_flag 
_chem_comp_bond.pdbx_stereo_config 
_chem_comp_bond.pdbx_ordinal 
A1A8T C1  CA   sing N N 1   
A1A8T CG2 CB   sing N N 2   
A1A8T CG1 CB   sing N N 3   
A1A8T CB  CA   sing N N 4   
A1A8T CA  C    sing N N 5   
A1A8T CA  N    sing N N 6   
A1A8T C   O    doub N N 7   
A1A8T N   H    sing N N 8   
A1A8T N   H2   sing N N 9   
A1A8T CB  HB   sing N N 10  
A1A8T CG1 HG11 sing N N 11  
A1A8T CG1 HG12 sing N N 12  
A1A8T CG1 HG13 sing N N 13  
A1A8T CG2 HG21 sing N N 14  
A1A8T CG2 HG22 sing N N 15  
A1A8T CG2 HG23 sing N N 16  
A1A8T C1  H12  sing N N 17  
A1A8T C1  H13  sing N N 18  
A1A8T C1  H14  sing N N 19  
A1A8T C   OXT  sing N N 20  
A1A8T OXT H1   sing N N 21  
DPR   N   CA   sing N N 22  
DPR   N   CD   sing N N 23  
DPR   N   H    sing N N 24  
DPR   CA  CB   sing N N 25  
DPR   CA  C    sing N N 26  
DPR   CA  HA   sing N N 27  
DPR   CB  CG   sing N N 28  
DPR   CB  HB2  sing N N 29  
DPR   CB  HB3  sing N N 30  
DPR   CG  CD   sing N N 31  
DPR   CG  HG2  sing N N 32  
DPR   CG  HG3  sing N N 33  
DPR   CD  HD2  sing N N 34  
DPR   CD  HD3  sing N N 35  
DPR   C   O    doub N N 36  
DPR   C   OXT  sing N N 37  
DPR   OXT HXT  sing N N 38  
HOH   O   H1   sing N N 39  
HOH   O   H2   sing N N 40  
I3C   I3  C6   sing N N 41  
I3C   I2  C4   sing N N 42  
I3C   I1  C2   sing N N 43  
I3C   O8  C7   doub N N 44  
I3C   O9  C7   sing N N 45  
I3C   C10 C3   sing N N 46  
I3C   C10 O11  sing N N 47  
I3C   C10 O12  doub N N 48  
I3C   N13 C5   sing N N 49  
I3C   C1  C6   doub Y N 50  
I3C   C1  C2   sing Y N 51  
I3C   C1  C7   sing N N 52  
I3C   C6  C5   sing Y N 53  
I3C   C5  C4   doub Y N 54  
I3C   C4  C3   sing Y N 55  
I3C   C3  C2   doub Y N 56  
I3C   O9  HO9  sing N N 57  
I3C   N13 HN13 sing N N 58  
I3C   N13 HN1A sing N N 59  
I3C   O11 HO11 sing N N 60  
LYS   N   CA   sing N N 61  
LYS   N   H    sing N N 62  
LYS   N   H2   sing N N 63  
LYS   CA  C    sing N N 64  
LYS   CA  CB   sing N N 65  
LYS   CA  HA   sing N N 66  
LYS   C   O    doub N N 67  
LYS   C   OXT  sing N N 68  
LYS   CB  CG   sing N N 69  
LYS   CB  HB2  sing N N 70  
LYS   CB  HB3  sing N N 71  
LYS   CG  CD   sing N N 72  
LYS   CG  HG2  sing N N 73  
LYS   CG  HG3  sing N N 74  
LYS   CD  CE   sing N N 75  
LYS   CD  HD2  sing N N 76  
LYS   CD  HD3  sing N N 77  
LYS   CE  NZ   sing N N 78  
LYS   CE  HE2  sing N N 79  
LYS   CE  HE3  sing N N 80  
LYS   NZ  HZ1  sing N N 81  
LYS   NZ  HZ2  sing N N 82  
LYS   NZ  HZ3  sing N N 83  
LYS   OXT HXT  sing N N 84  
ORN   N   CA   sing N N 85  
ORN   N   H    sing N N 86  
ORN   N   H2   sing N N 87  
ORN   CA  CB   sing N N 88  
ORN   CA  C    sing N N 89  
ORN   CA  HA   sing N N 90  
ORN   CB  CG   sing N N 91  
ORN   CB  HB2  sing N N 92  
ORN   CB  HB3  sing N N 93  
ORN   CG  CD   sing N N 94  
ORN   CG  HG2  sing N N 95  
ORN   CG  HG3  sing N N 96  
ORN   CD  NE   sing N N 97  
ORN   CD  HD2  sing N N 98  
ORN   CD  HD3  sing N N 99  
ORN   NE  HE1  sing N N 100 
ORN   NE  HE2  sing N N 101 
ORN   C   O    doub N N 102 
ORN   C   OXT  sing N N 103 
ORN   OXT HXT  sing N N 104 
PRO   N   CA   sing N N 105 
PRO   N   CD   sing N N 106 
PRO   N   H    sing N N 107 
PRO   CA  C    sing N N 108 
PRO   CA  CB   sing N N 109 
PRO   CA  HA   sing N N 110 
PRO   C   O    doub N N 111 
PRO   C   OXT  sing N N 112 
PRO   CB  CG   sing N N 113 
PRO   CB  HB2  sing N N 114 
PRO   CB  HB3  sing N N 115 
PRO   CG  CD   sing N N 116 
PRO   CG  HG2  sing N N 117 
PRO   CG  HG3  sing N N 118 
PRO   CD  HD2  sing N N 119 
PRO   CD  HD3  sing N N 120 
PRO   OXT HXT  sing N N 121 
THR   N   CA   sing N N 122 
THR   N   H    sing N N 123 
THR   N   H2   sing N N 124 
THR   CA  C    sing N N 125 
THR   CA  CB   sing N N 126 
THR   CA  HA   sing N N 127 
THR   C   O    doub N N 128 
THR   C   OXT  sing N N 129 
THR   CB  OG1  sing N N 130 
THR   CB  CG2  sing N N 131 
THR   CB  HB   sing N N 132 
THR   OG1 HG1  sing N N 133 
THR   CG2 HG21 sing N N 134 
THR   CG2 HG22 sing N N 135 
THR   CG2 HG23 sing N N 136 
THR   OXT HXT  sing N N 137 
VAL   N   CA   sing N N 138 
VAL   N   H    sing N N 139 
VAL   N   H2   sing N N 140 
VAL   CA  C    sing N N 141 
VAL   CA  CB   sing N N 142 
VAL   CA  HA   sing N N 143 
VAL   C   O    doub N N 144 
VAL   C   OXT  sing N N 145 
VAL   CB  CG1  sing N N 146 
VAL   CB  CG2  sing N N 147 
VAL   CB  HB   sing N N 148 
VAL   CG1 HG11 sing N N 149 
VAL   CG1 HG12 sing N N 150 
VAL   CG1 HG13 sing N N 151 
VAL   CG2 HG21 sing N N 152 
VAL   CG2 HG22 sing N N 153 
VAL   CG2 HG23 sing N N 154 
VAL   OXT HXT  sing N N 155 
# 
_pdbx_audit_support.funding_organization   'National Institutes of Health/National Cancer Institute (NIH/NCI)' 
_pdbx_audit_support.country                'United States' 
_pdbx_audit_support.grant_number           1ZIABC011313-14 
_pdbx_audit_support.ordinal                1 
# 
_pdbx_initial_refinement_model.id               1 
_pdbx_initial_refinement_model.entity_id_list   ? 
_pdbx_initial_refinement_model.type             'experimental model' 
_pdbx_initial_refinement_model.source_name      PDB 
_pdbx_initial_refinement_model.accession_code   2N1E 
_pdbx_initial_refinement_model.details          ? 
# 
_atom_sites.entry_id                    9DOY 
_atom_sites.Cartn_transf_matrix[1][1]   ? 
_atom_sites.Cartn_transf_matrix[1][2]   ? 
_atom_sites.Cartn_transf_matrix[1][3]   ? 
_atom_sites.Cartn_transf_matrix[2][1]   ? 
_atom_sites.Cartn_transf_matrix[2][2]   ? 
_atom_sites.Cartn_transf_matrix[2][3]   ? 
_atom_sites.Cartn_transf_matrix[3][1]   ? 
_atom_sites.Cartn_transf_matrix[3][2]   ? 
_atom_sites.Cartn_transf_matrix[3][3]   ? 
_atom_sites.Cartn_transf_vector[1]      ? 
_atom_sites.Cartn_transf_vector[2]      ? 
_atom_sites.Cartn_transf_vector[3]      ? 
_atom_sites.Cartn_transform_axes        ? 
_atom_sites.fract_transf_matrix[1][1]   0.00040845 
_atom_sites.fract_transf_matrix[1][2]   0.01590760 
_atom_sites.fract_transf_matrix[1][3]   0.00703610 
_atom_sites.fract_transf_matrix[2][1]   0.01258047 
_atom_sites.fract_transf_matrix[2][2]   -0.00513050 
_atom_sites.fract_transf_matrix[2][3]   0.01086899 
_atom_sites.fract_transf_matrix[3][1]   0.00607888 
_atom_sites.fract_transf_matrix[3][2]   0.00244547 
_atom_sites.fract_transf_matrix[3][3]   -0.00588174 
_atom_sites.fract_transf_vector[1]      0.546404 
_atom_sites.fract_transf_vector[2]      0.249022 
_atom_sites.fract_transf_vector[3]      0.102633 
_atom_sites.solution_primary            ? 
_atom_sites.solution_secondary          ? 
_atom_sites.solution_hydrogens          ? 
_atom_sites.special_details             ? 
# 
loop_
_atom_type.symbol 
C 
I 
N 
O 
# 
loop_
_atom_site.group_PDB 
_atom_site.id 
_atom_site.type_symbol 
_atom_site.label_atom_id 
_atom_site.label_alt_id 
_atom_site.label_comp_id 
_atom_site.label_asym_id 
_atom_site.label_entity_id 
_atom_site.label_seq_id 
_atom_site.pdbx_PDB_ins_code 
_atom_site.Cartn_x 
_atom_site.Cartn_y 
_atom_site.Cartn_z 
_atom_site.occupancy 
_atom_site.B_iso_or_equiv 
_atom_site.pdbx_formal_charge 
_atom_site.auth_seq_id 
_atom_site.auth_comp_id 
_atom_site.auth_asym_id 
_atom_site.auth_atom_id 
_atom_site.pdbx_PDB_model_num 
HETATM 1    N N   . ORN   A  1 1  ? 7.683   19.368  2.857   1.00 26.42 ? 13  ORN   A N   1 
HETATM 2    C CA  . ORN   A  1 1  ? 6.270   19.408  3.317   1.00 25.80 ? 13  ORN   A CA  1 
HETATM 3    C CB  . ORN   A  1 1  ? 5.813   20.859  3.495   1.00 27.39 ? 13  ORN   A CB  1 
HETATM 4    C CG  . ORN   A  1 1  ? 6.455   21.546  4.690   1.00 25.50 ? 13  ORN   A CG  1 
HETATM 5    C CD  . ORN   A  1 1  ? 5.841   21.118  6.019   1.00 23.32 ? 13  ORN   A CD  1 
HETATM 6    N NE  . ORN   A  1 1  ? 4.452   21.397  6.143   1.00 21.21 ? 13  ORN   A NE  1 
HETATM 7    C C   . ORN   A  1 1  ? 5.404   18.705  2.287   1.00 24.56 ? 13  ORN   A C   1 
HETATM 8    O O   . ORN   A  1 1  ? 5.867   18.438  1.182   1.00 23.43 ? 13  ORN   A O   1 
ATOM   9    N N   . VAL   A  1 2  ? 4.145   18.440  2.665   1.00 21.70 ? 1   VAL   A N   1 
ATOM   10   C CA  . VAL   A  1 2  ? 3.276   17.560  1.911   1.00 19.97 ? 1   VAL   A CA  1 
ATOM   11   C C   . VAL   A  1 2  ? 1.871   18.141  1.932   1.00 18.89 ? 1   VAL   A C   1 
ATOM   12   O O   . VAL   A  1 2  ? 1.408   18.716  2.918   1.00 17.96 ? 1   VAL   A O   1 
ATOM   13   C CB  . VAL   A  1 2  ? 3.310   16.126  2.480   1.00 23.12 ? 1   VAL   A CB  1 
ATOM   14   C CG1 . VAL   A  1 2  ? 2.815   16.068  3.909   1.00 23.34 ? 1   VAL   A CG1 1 
ATOM   15   C CG2 . VAL   A  1 2  ? 2.524   15.140  1.623   1.00 24.51 ? 1   VAL   A CG2 1 
ATOM   16   N N   . LYS   A  1 3  ? 1.196   17.965  0.806   1.00 19.15 ? 2   LYS   A N   1 
ATOM   17   C CA  . LYS   A  1 3  ? -0.206  18.274  0.675   1.00 19.17 ? 2   LYS   A CA  1 
ATOM   18   C C   . LYS   A  1 3  ? -1.012  17.240  1.450   1.00 17.61 ? 2   LYS   A C   1 
ATOM   19   O O   . LYS   A  1 3  ? -0.851  16.058  1.228   1.00 18.04 ? 2   LYS   A O   1 
ATOM   20   C CB  . LYS   A  1 3  ? -0.616  18.183  -0.793  1.00 19.89 ? 2   LYS   A CB  1 
ATOM   21   C CG  . LYS   A  1 3  ? 0.015   19.218  -1.710  1.00 22.99 ? 2   LYS   A CG  1 
ATOM   22   C CD  . LYS   A  1 3  ? -0.317  18.919  -3.164  1.00 28.20 ? 2   LYS   A CD  1 
ATOM   23   C CE  . LYS   A  1 3  ? 0.225   19.929  -4.150  1.00 30.81 ? 2   LYS   A CE  1 
ATOM   24   N NZ  . LYS   A  1 3  ? -0.332  19.664  -5.498  1.00 34.84 ? 2   LYS   A NZ  1 
ATOM   25   N N   . VAL   A  1 4  ? -1.919  17.688  2.301   1.00 18.73 ? 3   VAL   A N   1 
ATOM   26   C CA  . VAL   A  1 4  ? -2.721  16.730  3.030   1.00 19.58 ? 3   VAL   A CA  1 
ATOM   27   C C   . VAL   A  1 4  ? -4.171  17.185  2.963   1.00 19.18 ? 3   VAL   A C   1 
ATOM   28   O O   . VAL   A  1 4  ? -4.467  18.336  2.658   1.00 20.64 ? 3   VAL   A O   1 
ATOM   29   C CB  . VAL   A  1 4  ? -2.265  16.583  4.497   1.00 20.44 ? 3   VAL   A CB  1 
ATOM   30   C CG1 . VAL   A  1 4  ? -0.924  15.896  4.657   1.00 23.22 ? 3   VAL   A CG1 1 
ATOM   31   C CG2 . VAL   A  1 4  ? -2.316  17.899  5.270   1.00 20.86 ? 3   VAL   A CG2 1 
ATOM   32   N N   . LYS   A  1 5  ? -5.065  16.258  3.302   1.00 19.40 ? 4   LYS   A N   1 
ATOM   33   C CA  . LYS   A  1 5  ? -6.445  16.578  3.590   1.00 20.85 ? 4   LYS   A CA  1 
ATOM   34   C C   . LYS   A  1 5  ? -6.776  15.864  4.890   1.00 22.54 ? 4   LYS   A C   1 
ATOM   35   O O   . LYS   A  1 5  ? -6.624  14.654  4.970   1.00 20.14 ? 4   LYS   A O   1 
ATOM   36   C CB  . LYS   A  1 5  ? -7.393  16.096  2.489   1.00 23.66 ? 4   LYS   A CB  1 
ATOM   37   C CG  . LYS   A  1 5  ? -8.847  16.514  2.613   1.00 25.76 ? 4   LYS   A CG  1 
ATOM   38   C CD  . LYS   A  1 5  ? -9.733  15.737  1.648   1.00 29.69 ? 4   LYS   A CD  1 
ATOM   39   C CE  . LYS   A  1 5  ? -10.951 16.504  1.196   1.00 32.83 ? 4   LYS   A CE  1 
ATOM   40   N NZ  . LYS   A  1 5  ? -11.897 16.678  2.306   1.00 33.92 ? 4   LYS   A NZ  1 
ATOM   41   N N   . VAL   A  1 6  ? -7.217  16.665  5.861   1.00 23.21 ? 5   VAL   A N   1 
ATOM   42   C CA  . VAL   A  1 6  ? -7.610  16.216  7.173   1.00 23.01 ? 5   VAL   A CA  1 
ATOM   43   C C   . VAL   A  1 6  ? -9.045  16.689  7.377   1.00 25.61 ? 5   VAL   A C   1 
ATOM   44   O O   . VAL   A  1 6  ? -9.385  17.853  7.208   1.00 23.52 ? 5   VAL   A O   1 
ATOM   45   C CB  . VAL   A  1 6  ? -6.660  16.732  8.266   1.00 24.96 ? 5   VAL   A CB  1 
ATOM   46   C CG1 . VAL   A  1 6  ? -7.048  16.166  9.620   1.00 26.46 ? 5   VAL   A CG1 1 
ATOM   47   C CG2 . VAL   A  1 6  ? -5.200  16.433  7.960   1.00 25.27 ? 5   VAL   A CG2 1 
HETATM 48   N N   . DPR   A  1 7  ? -9.982  15.778  7.672   1.00 29.25 ? 6   DPR   A N   1 
HETATM 49   C CA  . DPR   A  1 7  ? -11.393 16.130  7.625   1.00 27.91 ? 6   DPR   A CA  1 
HETATM 50   C CB  . DPR   A  1 7  ? -12.132 14.830  7.989   1.00 30.75 ? 6   DPR   A CB  1 
HETATM 51   C CG  . DPR   A  1 7  ? -11.092 13.723  7.953   1.00 29.58 ? 6   DPR   A CG  1 
HETATM 52   C CD  . DPR   A  1 7  ? -9.734  14.382  8.047   1.00 32.37 ? 6   DPR   A CD  1 
HETATM 53   C C   . DPR   A  1 7  ? -11.726 16.675  6.240   1.00 27.71 ? 6   DPR   A C   1 
HETATM 54   O O   . DPR   A  1 7  ? -11.207 16.237  5.202   1.00 28.63 ? 6   DPR   A O   1 
ATOM   55   N N   . PRO   A  1 8  ? -12.552 17.726  6.169   1.00 26.61 ? 7   PRO   A N   1 
ATOM   56   C CA  . PRO   A  1 8  ? -12.873 18.338  4.889   1.00 29.63 ? 7   PRO   A CA  1 
ATOM   57   C C   . PRO   A  1 8  ? -11.845 19.328  4.356   1.00 27.59 ? 7   PRO   A C   1 
ATOM   58   O O   . PRO   A  1 8  ? -12.109 20.011  3.384   1.00 28.88 ? 7   PRO   A O   1 
ATOM   59   C CB  . PRO   A  1 8  ? -14.151 19.097  5.255   1.00 31.41 ? 7   PRO   A CB  1 
ATOM   60   C CG  . PRO   A  1 8  ? -13.864 19.582  6.655   1.00 29.90 ? 7   PRO   A CG  1 
ATOM   61   C CD  . PRO   A  1 8  ? -13.253 18.364  7.307   1.00 31.01 ? 7   PRO   A CD  1 
ATOM   62   N N   . THR   A  1 9  ? -10.681 19.450  5.000   1.00 26.87 ? 8   THR   A N   1 
ATOM   63   C CA  . THR   A  1 9  ? -9.799  20.571  4.703   1.00 23.87 ? 8   THR   A CA  1 
ATOM   64   C C   . THR   A  1 9  ? -8.483  20.160  4.060   1.00 22.13 ? 8   THR   A C   1 
ATOM   65   O O   . THR   A  1 9  ? -7.672  19.483  4.688   1.00 21.40 ? 8   THR   A O   1 
ATOM   66   C CB  . THR   A  1 9  ? -9.408  21.313  5.988   1.00 24.98 ? 8   THR   A CB  1 
ATOM   67   O OG1 . THR   A  1 9  ? -10.650 21.783  6.496   1.00 20.50 ? 8   THR   A OG1 1 
ATOM   68   C CG2 . THR   A  1 9  ? -8.460  22.465  5.742   1.00 26.05 ? 8   THR   A CG2 1 
ATOM   69   N N   . LYS   A  1 10 ? -8.199  20.751  2.889   1.00 20.70 ? 9   LYS   A N   1 
ATOM   70   C CA  . LYS   A  1 10 ? -6.903  20.590  2.247   1.00 18.81 ? 9   LYS   A CA  1 
ATOM   71   C C   . LYS   A  1 10 ? -6.032  21.788  2.612   1.00 19.75 ? 9   LYS   A C   1 
ATOM   72   O O   . LYS   A  1 10 ? -6.544  22.900  2.793   1.00 17.21 ? 9   LYS   A O   1 
ATOM   73   C CB  . LYS   A  1 10 ? -7.076  20.520  0.725   1.00 22.28 ? 9   LYS   A CB  1 
ATOM   74   C CG  . LYS   A  1 10 ? -7.874  19.311  0.243   1.00 22.16 ? 9   LYS   A CG  1 
ATOM   75   C CD  . LYS   A  1 10 ? -7.928  19.192  -1.268  1.00 21.67 ? 9   LYS   A CD  1 
ATOM   76   C CE  . LYS   A  1 10 ? -8.655  17.942  -1.727  1.00 24.12 ? 9   LYS   A CE  1 
ATOM   77   N NZ  . LYS   A  1 10 ? -8.714  17.851  -3.202  1.00 27.12 ? 9   LYS   A NZ  1 
HETATM 78   N N   . A1A8T A  1 11 ? -4.733  21.522  2.694   1.00 17.97 ? 10  A1A8T A N   1 
HETATM 79   C CA  . A1A8T A  1 11 ? -3.729  22.452  3.167   1.00 20.67 ? 10  A1A8T A CA  1 
HETATM 80   C C   . A1A8T A  1 11 ? -2.382  21.770  2.901   1.00 20.00 ? 10  A1A8T A C   1 
HETATM 81   O O   . A1A8T A  1 11 ? -2.338  20.575  2.582   1.00 19.23 ? 10  A1A8T A O   1 
HETATM 82   C CB  . A1A8T A  1 11 ? -3.910  22.720  4.678   1.00 22.35 ? 10  A1A8T A CB  1 
HETATM 83   C CG1 . A1A8T A  1 11 ? -3.638  21.480  5.520   1.00 23.39 ? 10  A1A8T A CG1 1 
HETATM 84   C CG2 . A1A8T A  1 11 ? -3.047  23.853  5.165   1.00 25.07 ? 10  A1A8T A CG2 1 
HETATM 85   C C1  . A1A8T A  1 11 ? -3.947  23.754  2.336   1.00 20.10 ? 10  A1A8T A C1  1 
ATOM   86   N N   . LYS   A  1 12 ? -1.274  22.520  3.002   1.00 20.71 ? 11  LYS   A N   1 
ATOM   87   C CA  . LYS   A  1 12 ? 0.047   21.927  2.916   1.00 20.27 ? 11  LYS   A CA  1 
ATOM   88   C C   . LYS   A  1 12 ? 0.764   22.071  4.259   1.00 19.73 ? 11  LYS   A C   1 
ATOM   89   O O   . LYS   A  1 12 ? 0.802   23.155  4.832   1.00 19.90 ? 11  LYS   A O   1 
ATOM   90   C CB  . LYS   A  1 12 ? 0.816   22.549  1.753   1.00 23.29 ? 11  LYS   A CB  1 
ATOM   91   C CG  . LYS   A  1 12 ? 2.161   21.900  1.437   1.00 26.10 ? 11  LYS   A CG  1 
ATOM   92   C CD  . LYS   A  1 12 ? 2.838   22.490  0.183   1.00 27.22 ? 11  LYS   A CD  1 
ATOM   93   C CE  . LYS   A  1 12 ? 3.999   21.655  -0.317  1.00 33.62 ? 11  LYS   A CE  1 
ATOM   94   N NZ  . LYS   A  1 12 ? 4.713   22.295  -1.452  1.00 34.93 ? 11  LYS   A NZ  1 
ATOM   95   N N   . VAL   A  1 13 ? 1.362   20.974  4.725   1.00 19.38 ? 12  VAL   A N   1 
ATOM   96   C CA  . VAL   A  1 13 ? 2.033   20.935  6.026   1.00 23.05 ? 12  VAL   A CA  1 
ATOM   97   C C   . VAL   A  1 13 ? 3.489   20.490  5.869   1.00 23.22 ? 12  VAL   A C   1 
ATOM   98   O O   . VAL   A  1 13 ? 3.705   19.342  5.459   1.00 22.64 ? 12  VAL   A O   1 
ATOM   99   C CB  . VAL   A  1 13 ? 1.296   20.041  7.033   1.00 23.00 ? 12  VAL   A CB  1 
ATOM   100  C CG1 . VAL   A  1 13 ? 2.069   19.945  8.355   1.00 24.14 ? 12  VAL   A CG1 1 
ATOM   101  C CG2 . VAL   A  1 13 ? -0.110  20.552  7.263   1.00 25.11 ? 12  VAL   A CG2 1 
HETATM 102  N N   . ORN   B  1 1  ? 7.749   15.529  13.042  1.00 28.79 ? 13  ORN   a N   1 
HETATM 103  C CA  . ORN   B  1 1  ? 6.318   15.562  12.644  1.00 27.07 ? 13  ORN   a CA  1 
HETATM 104  C CB  . ORN   B  1 1  ? 5.737   14.152  12.503  1.00 25.63 ? 13  ORN   a CB  1 
HETATM 105  C CG  . ORN   B  1 1  ? 6.258   13.436  11.267  1.00 25.83 ? 13  ORN   a CG  1 
HETATM 106  C CD  . ORN   B  1 1  ? 5.757   14.035  9.966   1.00 25.97 ? 13  ORN   a CD  1 
HETATM 107  N NE  . ORN   B  1 1  ? 4.317   13.877  9.733   1.00 23.67 ? 13  ORN   a NE  1 
HETATM 108  C C   . ORN   B  1 1  ? 5.540   16.366  13.671  1.00 29.35 ? 13  ORN   a C   1 
HETATM 109  O O   . ORN   B  1 1  ? 6.018   16.605  14.779  1.00 27.34 ? 13  ORN   a O   1 
ATOM   110  N N   . VAL   B  1 2  ? 4.331   16.743  13.267  1.00 26.78 ? 1   VAL   a N   1 
ATOM   111  C CA  . VAL   B  1 2  ? 3.548   17.732  13.972  1.00 27.67 ? 1   VAL   a CA  1 
ATOM   112  C C   . VAL   B  1 2  ? 2.098   17.263  14.021  1.00 25.74 ? 1   VAL   a C   1 
ATOM   113  O O   . VAL   B  1 2  ? 1.567   16.673  13.076  1.00 24.04 ? 1   VAL   a O   1 
ATOM   114  C CB  . VAL   B  1 2  ? 3.696   19.102  13.291  1.00 30.65 ? 1   VAL   a CB  1 
ATOM   115  C CG1 . VAL   B  1 2  ? 3.006   19.147  11.936  1.00 32.26 ? 1   VAL   a CG1 1 
ATOM   116  C CG2 . VAL   B  1 2  ? 3.205   20.220  14.196  1.00 33.83 ? 1   VAL   a CG2 1 
ATOM   117  N N   . LYS   B  1 3  ? 1.453   17.552  15.146  1.00 27.86 ? 2   LYS   a N   1 
ATOM   118  C CA  . LYS   B  1 3  ? 0.059   17.222  15.319  1.00 26.59 ? 2   LYS   a CA  1 
ATOM   119  C C   . LYS   B  1 3  ? -0.755  18.199  14.460  1.00 23.80 ? 2   LYS   a C   1 
ATOM   120  O O   . LYS   B  1 3  ? -0.449  19.385  14.409  1.00 23.83 ? 2   LYS   a O   1 
ATOM   121  C CB  . LYS   B  1 3  ? -0.233  17.285  16.820  1.00 31.02 ? 2   LYS   a CB  1 
ATOM   122  C CG  . LYS   B  1 3  ? 0.509   16.267  17.679  1.00 37.02 ? 2   LYS   a CG  1 
ATOM   123  C CD  . LYS   B  1 3  ? 0.438   16.613  19.156  1.00 43.53 ? 2   LYS   a CD  1 
ATOM   124  C CE  . LYS   B  1 3  ? 1.629   16.121  19.955  1.00 51.69 ? 2   LYS   a CE  1 
ATOM   125  N NZ  . LYS   B  1 3  ? 1.484   16.434  21.402  1.00 54.60 ? 2   LYS   a NZ  1 
ATOM   126  N N   . VAL   B  1 4  ? -1.765  17.676  13.765  1.00 21.60 ? 3   VAL   a N   1 
ATOM   127  C CA  . VAL   B  1 4  ? -2.706  18.457  12.995  1.00 21.39 ? 3   VAL   a CA  1 
ATOM   128  C C   . VAL   B  1 4  ? -4.108  18.085  13.478  1.00 22.51 ? 3   VAL   a C   1 
ATOM   129  O O   . VAL   B  1 4  ? -4.409  16.927  13.791  1.00 23.47 ? 3   VAL   a O   1 
ATOM   130  C CB  . VAL   B  1 4  ? -2.532  18.227  11.480  1.00 24.52 ? 3   VAL   a CB  1 
ATOM   131  C CG1 . VAL   B  1 4  ? -3.393  19.157  10.629  1.00 21.90 ? 3   VAL   a CG1 1 
ATOM   132  C CG2 . VAL   B  1 4  ? -1.083  18.345  11.052  1.00 24.45 ? 3   VAL   a CG2 1 
ATOM   133  N N   . LYS   B  1 5  ? -4.966  19.090  13.573  1.00 19.00 ? 4   LYS   a N   1 
ATOM   134  C CA  . LYS   B  1 5  ? -6.323  18.889  14.052  1.00 19.85 ? 4   LYS   a CA  1 
ATOM   135  C C   . LYS   B  1 5  ? -7.249  19.801  13.279  1.00 19.91 ? 4   LYS   a C   1 
ATOM   136  O O   . LYS   B  1 5  ? -7.007  21.009  13.194  1.00 20.69 ? 4   LYS   a O   1 
ATOM   137  C CB  . LYS   B  1 5  ? -6.430  19.197  15.547  1.00 21.23 ? 4   LYS   a CB  1 
ATOM   138  C CG  . LYS   B  1 5  ? -7.769  18.826  16.168  1.00 23.16 ? 4   LYS   a CG  1 
ATOM   139  C CD  . LYS   B  1 5  ? -7.864  19.238  17.622  1.00 26.74 ? 4   LYS   a CD  1 
ATOM   140  C CE  . LYS   B  1 5  ? -9.082  18.704  18.347  1.00 32.34 ? 4   LYS   a CE  1 
ATOM   141  N NZ  . LYS   B  1 5  ? -10.332 19.296  17.819  1.00 39.21 ? 4   LYS   a NZ  1 
ATOM   142  N N   . VAL   B  1 6  ? -8.291  19.201  12.702  1.00 20.29 ? 5   VAL   a N   1 
ATOM   143  C CA  . VAL   B  1 6  ? -9.312  19.907  11.958  1.00 20.13 ? 5   VAL   a CA  1 
ATOM   144  C C   . VAL   B  1 6  ? -10.641 19.554  12.613  1.00 25.92 ? 5   VAL   a C   1 
ATOM   145  O O   . VAL   B  1 6  ? -11.019 18.378  12.639  1.00 24.22 ? 5   VAL   a O   1 
ATOM   146  C CB  . VAL   B  1 6  ? -9.340  19.547  10.464  1.00 22.07 ? 5   VAL   a CB  1 
ATOM   147  C CG1 . VAL   B  1 6  ? -10.485 20.260  9.742   1.00 20.47 ? 5   VAL   a CG1 1 
ATOM   148  C CG2 . VAL   B  1 6  ? -8.017  19.852  9.774   1.00 22.67 ? 5   VAL   a CG2 1 
HETATM 149  N N   . DPR   B  1 7  ? -11.333 20.541  13.222  1.00 27.42 ? 6   DPR   a N   1 
HETATM 150  C CA  . DPR   B  1 7  ? -12.512 20.256  14.028  1.00 29.56 ? 6   DPR   a CA  1 
HETATM 151  C CB  . DPR   B  1 7  ? -12.879 21.589  14.687  1.00 32.16 ? 6   DPR   a CB  1 
HETATM 152  C CG  . DPR   B  1 7  ? -11.620 22.431  14.556  1.00 32.93 ? 6   DPR   a CG  1 
HETATM 153  C CD  . DPR   B  1 7  ? -10.946 21.958  13.284  1.00 30.38 ? 6   DPR   a CD  1 
HETATM 154  C C   . DPR   B  1 7  ? -12.150 19.217  15.080  1.00 27.00 ? 6   DPR   a C   1 
HETATM 155  O O   . DPR   B  1 7  ? -11.188 19.380  15.814  1.00 25.10 ? 6   DPR   a O   1 
ATOM   156  N N   . PRO   B  1 8  ? -12.874 18.086  15.162  1.00 29.44 ? 7   PRO   a N   1 
ATOM   157  C CA  . PRO   B  1 8  ? -12.552 17.055  16.142  1.00 30.13 ? 7   PRO   a CA  1 
ATOM   158  C C   . PRO   B  1 8  ? -11.443 16.100  15.720  1.00 29.47 ? 7   PRO   a C   1 
ATOM   159  O O   . PRO   B  1 8  ? -11.001 15.288  16.526  1.00 27.56 ? 7   PRO   a O   1 
ATOM   160  C CB  . PRO   B  1 8  ? -13.861 16.277  16.221  1.00 30.70 ? 7   PRO   a CB  1 
ATOM   161  C CG  . PRO   B  1 8  ? -14.390 16.350  14.824  1.00 27.95 ? 7   PRO   a CG  1 
ATOM   162  C CD  . PRO   B  1 8  ? -14.074 17.763  14.379  1.00 30.41 ? 7   PRO   a CD  1 
ATOM   163  N N   . THR   B  1 9  ? -10.998 16.205  14.464  1.00 28.53 ? 8   THR   a N   1 
ATOM   164  C CA  . THR   B  1 9  ? -10.163 15.160  13.897  1.00 28.93 ? 8   THR   a CA  1 
ATOM   165  C C   . THR   B  1 9  ? -8.691  15.510  14.052  1.00 26.53 ? 8   THR   a C   1 
ATOM   166  O O   . THR   B  1 9  ? -8.172  16.365  13.342  1.00 19.99 ? 8   THR   a O   1 
ATOM   167  C CB  . THR   B  1 9  ? -10.459 14.892  12.419  1.00 29.25 ? 8   THR   a CB  1 
ATOM   168  O OG1 . THR   B  1 9  ? -11.867 14.820  12.195  1.00 28.48 ? 8   THR   a OG1 1 
ATOM   169  C CG2 . THR   B  1 9  ? -9.816  13.607  11.951  1.00 32.92 ? 8   THR   a CG2 1 
ATOM   170  N N   . LYS   B  1 10 ? -8.042  14.760  14.935  1.00 24.18 ? 9   LYS   a N   1 
ATOM   171  C CA  . LYS   B  1 10 ? -6.612  14.841  15.191  1.00 26.44 ? 9   LYS   a CA  1 
ATOM   172  C C   . LYS   B  1 10 ? -5.862  13.726  14.454  1.00 23.42 ? 9   LYS   a C   1 
ATOM   173  O O   . LYS   B  1 10 ? -6.390  12.621  14.401  1.00 19.84 ? 9   LYS   a O   1 
ATOM   174  C CB  . LYS   B  1 10 ? -6.516  14.682  16.704  1.00 31.16 ? 9   LYS   a CB  1 
ATOM   175  C CG  . LYS   B  1 10 ? -5.356  15.348  17.397  1.00 40.52 ? 9   LYS   a CG  1 
ATOM   176  C CD  . LYS   B  1 10 ? -5.749  15.953  18.730  1.00 47.15 ? 9   LYS   a CD  1 
ATOM   177  C CE  . LYS   B  1 10 ? -6.930  15.300  19.418  1.00 47.43 ? 9   LYS   a CE  1 
ATOM   178  N NZ  . LYS   B  1 10 ? -6.738  13.842  19.597  1.00 51.61 ? 9   LYS   a NZ  1 
HETATM 179  N N   . A1A8T B  1 11 ? -4.649  14.030  13.919  1.00 18.97 ? 10  A1A8T a N   1 
HETATM 180  C CA  . A1A8T B  1 11 ? -3.763  13.142  13.162  1.00 21.25 ? 10  A1A8T a CA  1 
HETATM 181  C C   . A1A8T B  1 11 ? -2.351  13.717  13.349  1.00 19.51 ? 10  A1A8T a C   1 
HETATM 182  O O   . A1A8T B  1 11 ? -2.206  14.693  14.057  1.00 19.65 ? 10  A1A8T a O   1 
HETATM 183  C CB  . A1A8T B  1 11 ? -4.132  13.096  11.660  1.00 20.73 ? 10  A1A8T a CB  1 
HETATM 184  C CG1 . A1A8T B  1 11 ? -5.527  12.540  11.430  1.00 23.47 ? 10  A1A8T a CG1 1 
HETATM 185  C CG2 . A1A8T B  1 11 ? -3.987  14.463  10.979  1.00 20.39 ? 10  A1A8T a CG2 1 
HETATM 186  C C1  . A1A8T B  1 11 ? -3.665  11.727  13.783  1.00 20.76 ? 10  A1A8T a C1  1 
ATOM   187  N N   . LYS   B  1 12 ? -1.323  13.112  12.749  1.00 18.71 ? 11  LYS   a N   1 
ATOM   188  C CA  . LYS   B  1 12 ? 0.035   13.592  12.894  1.00 21.03 ? 11  LYS   a CA  1 
ATOM   189  C C   . LYS   B  1 12 ? 0.725   13.447  11.543  1.00 21.05 ? 11  LYS   a C   1 
ATOM   190  O O   . LYS   B  1 12 ? 0.629   12.414  10.897  1.00 22.73 ? 11  LYS   a O   1 
ATOM   191  C CB  . LYS   B  1 12 ? 0.738   12.821  14.017  1.00 24.27 ? 11  LYS   a CB  1 
ATOM   192  C CG  . LYS   B  1 12 ? 2.064   13.383  14.488  1.00 27.91 ? 11  LYS   a CG  1 
ATOM   193  C CD  . LYS   B  1 12 ? 2.588   12.718  15.754  1.00 27.06 ? 11  LYS   a CD  1 
ATOM   194  C CE  . LYS   B  1 12 ? 3.904   13.323  16.159  1.00 29.21 ? 11  LYS   a CE  1 
ATOM   195  N NZ  . LYS   B  1 12 ? 4.489   12.601  17.303  1.00 28.11 ? 11  LYS   a NZ  1 
ATOM   196  N N   . VAL   B  1 13 ? 1.344   14.528  11.088  1.00 19.62 ? 12  VAL   a N   1 
ATOM   197  C CA  . VAL   B  1 13 ? 1.967   14.540  9.784   1.00 20.75 ? 12  VAL   a CA  1 
ATOM   198  C C   . VAL   B  1 13 ? 3.450   14.860  9.971   1.00 21.88 ? 12  VAL   a C   1 
ATOM   199  O O   . VAL   B  1 13 ? 3.708   15.966  10.401  1.00 22.33 ? 12  VAL   a O   1 
ATOM   200  C CB  . VAL   B  1 13 ? 1.271   15.548  8.865   1.00 21.51 ? 12  VAL   a CB  1 
ATOM   201  C CG1 . VAL   B  1 13 ? 1.965   15.602  7.511   1.00 21.31 ? 12  VAL   a CG1 1 
ATOM   202  C CG2 . VAL   B  1 13 ? -0.205  15.203  8.743   1.00 22.61 ? 12  VAL   a CG2 1 
HETATM 203  N N   . ORN   C  1 1  ? 8.612   10.506  0.672   1.00 28.91 ? 13  ORN   B N   1 
HETATM 204  C CA  . ORN   C  1 1  ? 7.417   10.098  1.452   1.00 26.92 ? 13  ORN   B CA  1 
HETATM 205  C CB  . ORN   C  1 1  ? 7.420   8.571   1.612   1.00 23.95 ? 13  ORN   B CB  1 
HETATM 206  C CG  . ORN   C  1 1  ? 7.090   7.810   0.332   1.00 25.02 ? 13  ORN   B CG  1 
HETATM 207  C CD  . ORN   C  1 1  ? 5.630   7.888   -0.082  1.00 23.40 ? 13  ORN   B CD  1 
HETATM 208  N NE  . ORN   C  1 1  ? 4.776   7.211   0.859   1.00 20.87 ? 13  ORN   B NE  1 
HETATM 209  C C   . ORN   C  1 1  ? 7.430   10.807  2.801   1.00 25.51 ? 13  ORN   B C   1 
HETATM 210  O O   . ORN   C  1 1  ? 8.444   11.394  3.190   1.00 28.78 ? 13  ORN   B O   1 
ATOM   211  N N   . VAL   C  1 2  ? 6.328   10.648  3.547   1.00 22.50 ? 1   VAL   B N   1 
ATOM   212  C CA  . VAL   C  1 2  ? 6.143   11.308  4.834   1.00 21.58 ? 1   VAL   B CA  1 
ATOM   213  C C   . VAL   C  1 2  ? 5.577   10.328  5.858   1.00 21.26 ? 1   VAL   B C   1 
ATOM   214  O O   . VAL   C  1 2  ? 4.723   9.489   5.549   1.00 20.09 ? 1   VAL   B O   1 
ATOM   215  C CB  . VAL   C  1 2  ? 5.204   12.518  4.695   1.00 22.29 ? 1   VAL   B CB  1 
ATOM   216  C CG1 . VAL   C  1 2  ? 3.785   12.097  4.377   1.00 25.41 ? 1   VAL   B CG1 1 
ATOM   217  C CG2 . VAL   C  1 2  ? 5.210   13.424  5.921   1.00 23.52 ? 1   VAL   B CG2 1 
ATOM   218  N N   . LYS   C  1 3  ? 6.089   10.442  7.077   1.00 20.32 ? 2   LYS   B N   1 
ATOM   219  C CA  . LYS   C  1 3  ? 5.559   9.674   8.189   1.00 23.21 ? 2   LYS   B CA  1 
ATOM   220  C C   . LYS   C  1 3  ? 4.218   10.277  8.555   1.00 21.17 ? 2   LYS   B C   1 
ATOM   221  O O   . LYS   C  1 3  ? 4.088   11.499  8.616   1.00 21.28 ? 2   LYS   B O   1 
ATOM   222  C CB  . LYS   C  1 3  ? 6.452   9.754   9.423   1.00 25.65 ? 2   LYS   B CB  1 
ATOM   223  C CG  . LYS   C  1 3  ? 7.899   9.313   9.276   1.00 29.81 ? 2   LYS   B CG  1 
ATOM   224  C CD  . LYS   C  1 3  ? 8.668   9.590   10.559  1.00 33.28 ? 2   LYS   B CD  1 
ATOM   225  C CE  . LYS   C  1 3  ? 10.170  9.490   10.424  1.00 39.79 ? 2   LYS   B CE  1 
ATOM   226  N NZ  . LYS   C  1 3  ? 10.815  9.814   11.718  1.00 40.11 ? 2   LYS   B NZ  1 
ATOM   227  N N   . VAL   C  1 4  ? 3.222   9.422   8.790   1.00 20.33 ? 3   VAL   B N   1 
ATOM   228  C CA  A VAL   C  1 4  ? 1.936   9.927   9.219   0.50 21.51 ? 3   VAL   B CA  1 
ATOM   229  C CA  B VAL   C  1 4  ? 1.903   9.884   9.171   0.50 20.04 ? 3   VAL   B CA  1 
ATOM   230  C C   . VAL   C  1 4  ? 1.370   8.964   10.259  1.00 20.21 ? 3   VAL   B C   1 
ATOM   231  O O   . VAL   C  1 4  ? 1.809   7.812   10.368  1.00 18.23 ? 3   VAL   B O   1 
ATOM   232  C CB  A VAL   C  1 4  ? 1.011   10.178  8.006   0.50 23.99 ? 3   VAL   B CB  1 
ATOM   233  C CB  B VAL   C  1 4  ? 0.951   9.927   7.961   0.50 20.00 ? 3   VAL   B CB  1 
ATOM   234  C CG1 A VAL   C  1 4  ? 0.851   8.943   7.129   0.50 24.50 ? 3   VAL   B CG1 1 
ATOM   235  C CG1 B VAL   C  1 4  ? 1.403   10.965  6.958   0.50 18.97 ? 3   VAL   B CG1 1 
ATOM   236  C CG2 A VAL   C  1 4  ? -0.353  10.727  8.407   0.50 26.30 ? 3   VAL   B CG2 1 
ATOM   237  C CG2 B VAL   C  1 4  ? 0.791   8.566   7.288   0.50 20.18 ? 3   VAL   B CG2 1 
ATOM   238  N N   . LYS   C  1 5  ? 0.443   9.499   11.048  1.00 21.30 ? 4   LYS   B N   1 
ATOM   239  C CA  . LYS   C  1 5  ? -0.369  8.705   11.943  1.00 23.96 ? 4   LYS   B CA  1 
ATOM   240  C C   . LYS   C  1 5  ? -1.820  8.879   11.490  1.00 25.14 ? 4   LYS   B C   1 
ATOM   241  O O   . LYS   C  1 5  ? -2.297  10.005  11.344  1.00 25.18 ? 4   LYS   B O   1 
ATOM   242  C CB  . LYS   C  1 5  ? -0.147  9.145   13.393  1.00 26.59 ? 4   LYS   B CB  1 
ATOM   243  C CG  . LYS   C  1 5  ? -0.907  8.328   14.420  1.00 31.48 ? 4   LYS   B CG  1 
ATOM   244  C CD  . LYS   C  1 5  ? -0.549  8.696   15.833  1.00 37.38 ? 4   LYS   B CD  1 
ATOM   245  C CE  . LYS   C  1 5  ? -1.337  7.918   16.858  1.00 41.58 ? 4   LYS   B CE  1 
ATOM   246  N NZ  . LYS   C  1 5  ? -1.036  8.398   18.234  1.00 44.46 ? 4   LYS   B NZ  1 
ATOM   247  N N   . VAL   C  1 6  ? -2.494  7.751   11.211  1.00 25.55 ? 5   VAL   B N   1 
ATOM   248  C CA  . VAL   C  1 6  ? -3.873  7.742   10.744  1.00 24.57 ? 5   VAL   B CA  1 
ATOM   249  C C   . VAL   C  1 6  ? -4.664  6.918   11.742  1.00 25.00 ? 5   VAL   B C   1 
ATOM   250  O O   . VAL   C  1 6  ? -4.352  5.746   11.950  1.00 21.78 ? 5   VAL   B O   1 
ATOM   251  C CB  . VAL   C  1 6  ? -4.027  7.164   9.321   1.00 27.46 ? 5   VAL   B CB  1 
ATOM   252  C CG1 . VAL   C  1 6  ? -5.441  7.380   8.803   1.00 28.28 ? 5   VAL   B CG1 1 
ATOM   253  C CG2 . VAL   C  1 6  ? -3.013  7.759   8.362   1.00 30.44 ? 5   VAL   B CG2 1 
HETATM 254  N N   . DPR   C  1 7  ? -5.632  7.526   12.463  1.00 26.53 ? 6   DPR   B N   1 
HETATM 255  C CA  . DPR   C  1 7  ? -6.208  6.889   13.632  1.00 28.83 ? 6   DPR   B CA  1 
HETATM 256  C CB  . DPR   C  1 7  ? -7.190  7.917   14.221  1.00 32.60 ? 6   DPR   B CB  1 
HETATM 257  C CG  . DPR   C  1 7  ? -6.766  9.232   13.610  1.00 30.36 ? 6   DPR   B CG  1 
HETATM 258  C CD  . DPR   C  1 7  ? -6.131  8.894   12.275  1.00 30.90 ? 6   DPR   B CD  1 
HETATM 259  C C   . DPR   C  1 7  ? -5.036  6.574   14.548  1.00 27.75 ? 6   DPR   B C   1 
HETATM 260  O O   . DPR   C  1 7  ? -4.121  7.390   14.719  1.00 27.90 ? 6   DPR   B O   1 
ATOM   261  N N   . PRO   C  1 8  ? -4.984  5.353   15.113  1.00 24.62 ? 7   PRO   B N   1 
ATOM   262  C CA  . PRO   C  1 8  ? -3.897  4.979   16.001  1.00 26.18 ? 7   PRO   B CA  1 
ATOM   263  C C   . PRO   C  1 8  ? -2.652  4.450   15.310  1.00 25.36 ? 7   PRO   B C   1 
ATOM   264  O O   . PRO   C  1 8  ? -1.780  3.945   15.997  1.00 23.90 ? 7   PRO   B O   1 
ATOM   265  C CB  . PRO   C  1 8  ? -4.502  3.804   16.781  1.00 25.30 ? 7   PRO   B CB  1 
ATOM   266  C CG  . PRO   C  1 8  ? -5.397  3.135   15.770  1.00 25.70 ? 7   PRO   B CG  1 
ATOM   267  C CD  . PRO   C  1 8  ? -5.942  4.257   14.915  1.00 26.07 ? 7   PRO   B CD  1 
ATOM   268  N N   . THR   C  1 9  ? -2.618  4.466   13.967  1.00 24.44 ? 8   THR   B N   1 
ATOM   269  C CA  . THR   C  1 9  ? -1.630  3.662   13.266  1.00 23.94 ? 8   THR   B CA  1 
ATOM   270  C C   . THR   C  1 9  ? -0.606  4.554   12.576  1.00 21.26 ? 8   THR   B C   1 
ATOM   271  O O   . THR   C  1 9  ? -0.996  5.373   11.754  1.00 20.90 ? 8   THR   B O   1 
ATOM   272  C CB  . THR   C  1 9  ? -2.283  2.761   12.211  1.00 24.91 ? 8   THR   B CB  1 
ATOM   273  O OG1 . THR   C  1 9  ? -3.235  1.900   12.838  1.00 23.02 ? 8   THR   B OG1 1 
ATOM   274  C CG2 . THR   C  1 9  ? -1.282  1.896   11.486  1.00 23.32 ? 8   THR   B CG2 1 
ATOM   275  N N   . LYS   C  1 10 ? 0.674   4.321   12.903  1.00 19.19 ? 9   LYS   B N   1 
ATOM   276  C CA  . LYS   C  1 10 ? 1.813   4.960   12.266  1.00 23.24 ? 9   LYS   B CA  1 
ATOM   277  C C   . LYS   C  1 10 ? 2.271   4.135   11.065  1.00 19.37 ? 9   LYS   B C   1 
ATOM   278  O O   . LYS   C  1 10 ? 2.216   2.912   11.094  1.00 19.00 ? 9   LYS   B O   1 
ATOM   279  C CB  . LYS   C  1 10 ? 2.981   5.116   13.241  1.00 26.38 ? 9   LYS   B CB  1 
ATOM   280  C CG  . LYS   C  1 10 ? 2.748   6.177   14.307  1.00 32.93 ? 9   LYS   B CG  1 
ATOM   281  C CD  . LYS   C  1 10 ? 3.985   6.531   15.087  1.00 39.23 ? 9   LYS   B CD  1 
ATOM   282  C CE  . LYS   C  1 10 ? 4.320   5.499   16.144  1.00 45.03 ? 9   LYS   B CE  1 
ATOM   283  N NZ  . LYS   C  1 10 ? 3.318   5.502   17.234  1.00 50.26 ? 9   LYS   B NZ  1 
HETATM 284  N N   . A1A8T C  1 11 ? 2.705   4.859   10.033  1.00 19.07 ? 10  A1A8T B N   1 
HETATM 285  C CA  . A1A8T C  1 11 ? 3.129   4.310   8.755   1.00 21.97 ? 10  A1A8T B CA  1 
HETATM 286  C C   . A1A8T C  1 11 ? 3.864   5.430   8.000   1.00 21.05 ? 10  A1A8T B C   1 
HETATM 287  O O   . A1A8T C  1 11 ? 3.661   6.605   8.303   1.00 19.55 ? 10  A1A8T B O   1 
HETATM 288  C CB  . A1A8T C  1 11 ? 1.915   3.766   7.974   1.00 22.17 ? 10  A1A8T B CB  1 
HETATM 289  C CG1 . A1A8T C  1 11 ? 0.983   4.877   7.522   1.00 22.94 ? 10  A1A8T B CG1 1 
HETATM 290  C CG2 . A1A8T C  1 11 ? 2.351   2.908   6.789   1.00 22.79 ? 10  A1A8T B CG2 1 
HETATM 291  C C1  . A1A8T C  1 11 ? 4.678   3.080   9.198   1.00 22.31 ? 10  A1A8T B C1  1 
ATOM   292  N N   . LYS   C  1 12 ? 4.689   5.089   7.003   1.00 18.73 ? 11  LYS   B N   1 
ATOM   293  C CA  . LYS   C  1 12 ? 5.238   6.116   6.123   1.00 17.85 ? 11  LYS   B CA  1 
ATOM   294  C C   . LYS   C  1 12 ? 4.643   5.935   4.728   1.00 18.46 ? 11  LYS   B C   1 
ATOM   295  O O   . LYS   C  1 12 ? 4.710   4.840   4.154   1.00 19.55 ? 11  LYS   B O   1 
ATOM   296  C CB  . LYS   C  1 12 ? 6.765   6.046   6.136   1.00 19.22 ? 11  LYS   B CB  1 
ATOM   297  C CG  . LYS   C  1 12 ? 7.475   7.140   5.359   1.00 21.18 ? 11  LYS   B CG  1 
ATOM   298  C CD  . LYS   C  1 12 ? 8.947   7.170   5.632   1.00 27.76 ? 11  LYS   B CD  1 
ATOM   299  C CE  . LYS   C  1 12 ? 9.691   8.170   4.776   1.00 30.53 ? 11  LYS   B CE  1 
ATOM   300  N NZ  . LYS   C  1 12 ? 11.135  8.176   5.107   1.00 33.28 ? 11  LYS   B NZ  1 
ATOM   301  N N   . VAL   C  1 13 ? 4.093   7.020   4.165   1.00 16.05 ? 12  VAL   B N   1 
ATOM   302  C CA  . VAL   C  1 13 ? 3.444   6.948   2.863   1.00 19.24 ? 12  VAL   B CA  1 
ATOM   303  C C   . VAL   C  1 13 ? 4.214   7.830   1.876   1.00 20.85 ? 12  VAL   B C   1 
ATOM   304  O O   . VAL   C  1 13 ? 4.269   9.037   2.107   1.00 21.94 ? 12  VAL   B O   1 
ATOM   305  C CB  . VAL   C  1 13 ? 1.967   7.361   2.965   1.00 22.34 ? 12  VAL   B CB  1 
ATOM   306  C CG1 . VAL   C  1 13 ? 1.252   7.384   1.620   1.00 24.49 ? 12  VAL   B CG1 1 
ATOM   307  C CG2 . VAL   C  1 13 ? 1.253   6.442   3.939   1.00 23.52 ? 12  VAL   B CG2 1 
HETATM 308  N N   . ORN   D  1 1  ? -1.619  12.483  -4.742  1.00 28.20 ? 13  ORN   b N   1 
HETATM 309  C CA  . ORN   D  1 1  ? -1.843  12.117  -3.317  1.00 26.41 ? 13  ORN   b CA  1 
HETATM 310  C CB  . ORN   D  1 1  ? -2.307  13.357  -2.546  1.00 26.22 ? 13  ORN   b CB  1 
HETATM 311  C CG  . ORN   D  1 1  ? -1.184  14.355  -2.328  1.00 26.95 ? 13  ORN   b CG  1 
HETATM 312  C CD  . ORN   D  1 1  ? -0.090  13.844  -1.413  1.00 26.72 ? 13  ORN   b CD  1 
HETATM 313  N NE  . ORN   D  1 1  ? -0.527  13.626  -0.030  1.00 25.45 ? 13  ORN   b NE  1 
HETATM 314  C C   . ORN   D  1 1  ? -2.819  10.947  -3.254  1.00 27.24 ? 13  ORN   b C   1 
HETATM 315  O O   . ORN   D  1 1  ? -3.543  10.696  -4.208  1.00 27.34 ? 13  ORN   b O   1 
ATOM   316  N N   . VAL   D  1 2  ? -2.785  10.219  -2.134  1.00 25.02 ? 1   VAL   b N   1 
ATOM   317  C CA  . VAL   D  1 2  ? -3.534  8.988   -1.970  1.00 24.13 ? 1   VAL   b CA  1 
ATOM   318  C C   . VAL   D  1 2  ? -4.289  9.046   -0.645  1.00 23.95 ? 1   VAL   b C   1 
ATOM   319  O O   . VAL   D  1 2  ? -3.808  9.569   0.362   1.00 21.31 ? 1   VAL   b O   1 
ATOM   320  C CB  . VAL   D  1 2  ? -2.591  7.768   -2.015  1.00 28.12 ? 1   VAL   b CB  1 
ATOM   321  C CG1 . VAL   D  1 2  ? -1.562  7.803   -0.910  1.00 28.52 ? 1   VAL   b CG1 1 
ATOM   322  C CG2 . VAL   D  1 2  ? -3.341  6.459   -1.957  1.00 31.58 ? 1   VAL   b CG2 1 
ATOM   323  N N   . LYS   D  1 3  ? -5.484  8.487   -0.663  1.00 23.14 ? 2   LYS   b N   1 
ATOM   324  C CA  . LYS   D  1 3  ? -6.245  8.287   0.551   1.00 28.66 ? 2   LYS   b CA  1 
ATOM   325  C C   . LYS   D  1 3  ? -5.581  7.192   1.376   1.00 26.46 ? 2   LYS   b C   1 
ATOM   326  O O   . LYS   D  1 3  ? -5.146  6.183   0.840   1.00 25.99 ? 2   LYS   b O   1 
ATOM   327  C CB  . LYS   D  1 3  ? -7.684  7.940   0.165   1.00 34.76 ? 2   LYS   b CB  1 
ATOM   328  C CG  . LYS   D  1 3  ? -8.421  9.116   -0.463  1.00 43.16 ? 2   LYS   b CG  1 
ATOM   329  C CD  . LYS   D  1 3  ? -9.499  8.766   -1.473  1.00 48.40 ? 2   LYS   b CD  1 
ATOM   330  C CE  . LYS   D  1 3  ? -9.994  10.005  -2.193  1.00 51.82 ? 2   LYS   b CE  1 
ATOM   331  N NZ  . LYS   D  1 3  ? -11.361 9.808   -2.721  1.00 55.10 ? 2   LYS   b NZ  1 
ATOM   332  N N   . VAL   D  1 4  ? -5.492  7.416   2.689   1.00 22.82 ? 3   VAL   b N   1 
ATOM   333  C CA  . VAL   D  1 4  ? -5.025  6.425   3.622   1.00 23.07 ? 3   VAL   b CA  1 
ATOM   334  C C   . VAL   D  1 4  ? -6.150  6.200   4.623   1.00 24.78 ? 3   VAL   b C   1 
ATOM   335  O O   . VAL   D  1 4  ? -6.717  7.157   5.148   1.00 24.27 ? 3   VAL   b O   1 
ATOM   336  C CB  . VAL   D  1 4  ? -3.719  6.855   4.294   1.00 23.73 ? 3   VAL   b CB  1 
ATOM   337  C CG1 . VAL   D  1 4  ? -3.185  5.732   5.155   1.00 26.13 ? 3   VAL   b CG1 1 
ATOM   338  C CG2 . VAL   D  1 4  ? -2.681  7.304   3.268   1.00 23.84 ? 3   VAL   b CG2 1 
ATOM   339  N N   . LYS   D  1 5  ? -6.577  4.947   4.759   1.00 23.15 ? 4   LYS   b N   1 
ATOM   340  C CA  . LYS   D  1 5  ? -7.692  4.631   5.646   1.00 27.01 ? 4   LYS   b CA  1 
ATOM   341  C C   . LYS   D  1 5  ? -7.246  3.610   6.684   1.00 25.12 ? 4   LYS   b C   1 
ATOM   342  O O   . LYS   D  1 5  ? -6.533  2.648   6.376   1.00 23.33 ? 4   LYS   b O   1 
ATOM   343  C CB  . LYS   D  1 5  ? -8.914  4.084   4.897   1.00 30.84 ? 4   LYS   b CB  1 
ATOM   344  C CG  . LYS   D  1 5  ? -9.524  4.961   3.808   1.00 39.15 ? 4   LYS   b CG  1 
ATOM   345  C CD  . LYS   D  1 5  ? -10.900 4.441   3.354   1.00 42.00 ? 4   LYS   b CD  1 
ATOM   346  C CE  . LYS   D  1 5  ? -11.590 5.273   2.291   1.00 49.94 ? 4   LYS   b CE  1 
ATOM   347  N NZ  . LYS   D  1 5  ? -10.687 5.709   1.197   1.00 52.78 ? 4   LYS   b NZ  1 
ATOM   348  N N   . VAL   D  1 6  ? -7.681  3.827   7.933   1.00 22.21 ? 5   VAL   b N   1 
ATOM   349  C CA  . VAL   D  1 6  ? -7.473  2.876   9.003   1.00 20.48 ? 5   VAL   b CA  1 
ATOM   350  C C   . VAL   D  1 6  ? -8.854  2.573   9.588   1.00 22.24 ? 5   VAL   b C   1 
ATOM   351  O O   . VAL   D  1 6  ? -9.414  3.394   10.313  1.00 18.63 ? 5   VAL   b O   1 
ATOM   352  C CB  . VAL   D  1 6  ? -6.503  3.401   10.075  1.00 22.04 ? 5   VAL   b CB  1 
ATOM   353  C CG1 . VAL   D  1 6  ? -6.398  2.428   11.225  1.00 20.34 ? 5   VAL   b CG1 1 
ATOM   354  C CG2 . VAL   D  1 6  ? -5.129  3.687   9.479   1.00 21.66 ? 5   VAL   b CG2 1 
HETATM 355  N N   . DPR   D  1 7  ? -9.499  1.474   9.156   1.00 25.66 ? 6   DPR   b N   1 
HETATM 356  C CA  . DPR   D  1 7  ? -10.887 1.220   9.527   1.00 29.03 ? 6   DPR   b CA  1 
HETATM 357  C CB  . DPR   D  1 7  ? -11.279 -0.073  8.798   1.00 31.65 ? 6   DPR   b CB  1 
HETATM 358  C CG  . DPR   D  1 7  ? -9.975  -0.638  8.240   1.00 36.04 ? 6   DPR   b CG  1 
HETATM 359  C CD  . DPR   D  1 7  ? -8.978  0.503   8.182   1.00 32.25 ? 6   DPR   b CD  1 
HETATM 360  C C   . DPR   D  1 7  ? -11.741 2.382   9.034   1.00 26.58 ? 6   DPR   b C   1 
HETATM 361  O O   . DPR   D  1 7  ? -11.646 2.767   7.864   1.00 26.58 ? 6   DPR   b O   1 
ATOM   362  N N   . PRO   D  1 8  ? -12.617 2.972   9.879   1.00 24.98 ? 7   PRO   b N   1 
ATOM   363  C CA  . PRO   D  1 8  ? -13.440 4.099   9.440   1.00 25.55 ? 7   PRO   b CA  1 
ATOM   364  C C   . PRO   D  1 8  ? -12.774 5.469   9.364   1.00 28.87 ? 7   PRO   b C   1 
ATOM   365  O O   . PRO   D  1 8  ? -13.446 6.426   9.013   1.00 36.25 ? 7   PRO   b O   1 
ATOM   366  C CB  . PRO   D  1 8  ? -14.539 4.187   10.505  1.00 24.62 ? 7   PRO   b CB  1 
ATOM   367  C CG  . PRO   D  1 8  ? -13.926 3.574   11.734  1.00 26.09 ? 7   PRO   b CG  1 
ATOM   368  C CD  . PRO   D  1 8  ? -12.951 2.528   11.245  1.00 25.34 ? 7   PRO   b CD  1 
ATOM   369  N N   . THR   D  1 9  ? -11.486 5.578   9.702   1.00 26.64 ? 8   THR   b N   1 
ATOM   370  C CA  . THR   D  1 9  ? -10.794 6.859   9.630   1.00 30.30 ? 8   THR   b CA  1 
ATOM   371  C C   . THR   D  1 9  ? -10.083 6.983   8.279   1.00 31.08 ? 8   THR   b C   1 
ATOM   372  O O   . THR   D  1 9  ? -9.330  6.084   7.902   1.00 24.21 ? 8   THR   b O   1 
ATOM   373  C CB  . THR   D  1 9  ? -9.889  7.028   10.853  1.00 33.18 ? 8   THR   b CB  1 
ATOM   374  O OG1 . THR   D  1 9  ? -10.632 6.523   11.965  1.00 39.93 ? 8   THR   b OG1 1 
ATOM   375  C CG2 . THR   D  1 9  ? -9.518  8.470   11.121  1.00 38.22 ? 8   THR   b CG2 1 
ATOM   376  N N   . LYS   D  1 10 ? -10.415 8.068   7.549   1.00 39.65 ? 9   LYS   b N   1 
ATOM   377  C CA  . LYS   D  1 10 ? -9.980  8.361   6.184   1.00 40.52 ? 9   LYS   b CA  1 
ATOM   378  C C   . LYS   D  1 10 ? -9.382  9.768   6.124   1.00 38.78 ? 9   LYS   b C   1 
ATOM   379  O O   . LYS   D  1 10 ? -9.941  10.679  6.744   1.00 37.15 ? 9   LYS   b O   1 
ATOM   380  C CB  . LYS   D  1 10 ? -11.155 8.416   5.195   1.00 47.13 ? 9   LYS   b CB  1 
ATOM   381  C CG  . LYS   D  1 10 ? -12.091 7.210   5.142   1.00 58.18 ? 9   LYS   b CG  1 
ATOM   382  C CD  . LYS   D  1 10 ? -13.277 7.265   6.095   1.00 60.90 ? 9   LYS   b CD  1 
ATOM   383  C CE  . LYS   D  1 10 ? -14.494 6.492   5.620   1.00 63.51 ? 9   LYS   b CE  1 
ATOM   384  N NZ  . LYS   D  1 10 ? -14.244 5.033   5.488   1.00 67.09 ? 9   LYS   b NZ  1 
HETATM 385  N N   . A1A8T D  1 11 ? -8.277  9.932   5.369   1.00 31.19 ? 10  A1A8T b N   1 
HETATM 386  C CA  . A1A8T D  1 11 ? -7.604  11.215  5.130   1.00 33.42 ? 10  A1A8T b CA  1 
HETATM 387  C C   . A1A8T D  1 11 ? -6.885  11.074  3.790   1.00 27.76 ? 10  A1A8T b C   1 
HETATM 388  O O   . A1A8T D  1 11 ? -7.137  10.094  3.077   1.00 27.46 ? 10  A1A8T b O   1 
HETATM 389  C CB  . A1A8T D  1 11 ? -6.578  11.566  6.245   1.00 33.76 ? 10  A1A8T b CB  1 
HETATM 390  C CG1 . A1A8T D  1 11 ? -7.183  11.577  7.640   1.00 35.50 ? 10  A1A8T b CG1 1 
HETATM 391  C CG2 . A1A8T D  1 11 ? -5.375  10.637  6.224   1.00 33.16 ? 10  A1A8T b CG2 1 
HETATM 392  C C1  . A1A8T D  1 11 ? -8.621  12.350  4.848   1.00 32.53 ? 10  A1A8T b C1  1 
ATOM   393  N N   . LYS   D  1 12 ? -6.001  12.030  3.445   1.00 23.53 ? 11  LYS   b N   1 
ATOM   394  C CA  . LYS   D  1 12 ? -5.292  11.951  2.176   1.00 21.18 ? 11  LYS   b CA  1 
ATOM   395  C C   . LYS   D  1 12 ? -3.896  12.555  2.319   1.00 22.32 ? 11  LYS   b C   1 
ATOM   396  O O   . LYS   D  1 12 ? -3.754  13.629  2.907   1.00 21.40 ? 11  LYS   b O   1 
ATOM   397  C CB  . LYS   D  1 12 ? -6.124  12.664  1.113   1.00 22.77 ? 11  LYS   b CB  1 
ATOM   398  C CG  . LYS   D  1 12 ? -5.733  12.435  -0.333  1.00 25.42 ? 11  LYS   b CG  1 
ATOM   399  C CD  . LYS   D  1 12 ? -6.657  13.167  -1.317  1.00 28.29 ? 11  LYS   b CD  1 
ATOM   400  C CE  . LYS   D  1 12 ? -6.397  12.764  -2.753  1.00 27.33 ? 11  LYS   b CE  1 
ATOM   401  N NZ  . LYS   D  1 12 ? -7.044  13.674  -3.731  1.00 29.21 ? 11  LYS   b NZ  1 
ATOM   402  N N   . VAL   D  1 13 ? -2.883  11.846  1.782   1.00 19.96 ? 12  VAL   b N   1 
ATOM   403  C CA  . VAL   D  1 13 ? -1.508  12.274  1.870   1.00 20.84 ? 12  VAL   b CA  1 
ATOM   404  C C   . VAL   D  1 13 ? -0.947  12.429  0.445   1.00 23.53 ? 12  VAL   b C   1 
ATOM   405  O O   . VAL   D  1 13 ? -0.936  11.437  -0.223  1.00 22.54 ? 12  VAL   b O   1 
ATOM   406  C CB  . VAL   D  1 13 ? -0.713  11.224  2.667   1.00 25.59 ? 12  VAL   b CB  1 
ATOM   407  C CG1 . VAL   D  1 13 ? 0.766   11.556  2.698   1.00 26.78 ? 12  VAL   b CG1 1 
ATOM   408  C CG2 . VAL   D  1 13 ? -1.283  11.047  4.061   1.00 27.40 ? 12  VAL   b CG2 1 
HETATM 409  N N   . ORN   E  1 1  ? -8.957  1.767   -3.332  1.00 32.76 ? 13  ORN   C N   1 
HETATM 410  C CA  . ORN   E  1 1  ? -7.785  1.550   -2.439  1.00 30.73 ? 13  ORN   C CA  1 
HETATM 411  C CB  . ORN   E  1 1  ? -7.898  2.491   -1.243  1.00 30.15 ? 13  ORN   C CB  1 
HETATM 412  C CG  . ORN   E  1 1  ? -7.547  3.935   -1.578  1.00 29.37 ? 13  ORN   C CG  1 
HETATM 413  C CD  . ORN   E  1 1  ? -6.064  4.116   -1.872  1.00 27.97 ? 13  ORN   C CD  1 
HETATM 414  N NE  . ORN   E  1 1  ? -5.230  3.828   -0.731  1.00 25.11 ? 13  ORN   C NE  1 
HETATM 415  C C   . ORN   E  1 1  ? -7.724  0.077   -2.036  1.00 30.60 ? 13  ORN   C C   1 
HETATM 416  O O   . ORN   E  1 1  ? -8.716  -0.628  -2.207  1.00 35.78 ? 13  ORN   C O   1 
ATOM   417  N N   . VAL   E  1 2  ? -6.592  -0.365  -1.455  1.00 27.67 ? 1   VAL   C N   1 
ATOM   418  C CA  . VAL   E  1 2  ? -6.404  -1.783  -1.167  1.00 26.30 ? 1   VAL   C CA  1 
ATOM   419  C C   . VAL   E  1 2  ? -5.779  -1.990  0.204   1.00 24.32 ? 1   VAL   C C   1 
ATOM   420  O O   . VAL   E  1 2  ? -4.887  -1.250  0.619   1.00 24.45 ? 1   VAL   C O   1 
ATOM   421  C CB  . VAL   E  1 2  ? -5.556  -2.474  -2.247  1.00 29.06 ? 1   VAL   C CB  1 
ATOM   422  C CG1 . VAL   E  1 2  ? -4.089  -2.042  -2.211  1.00 29.54 ? 1   VAL   C CG1 1 
ATOM   423  C CG2 . VAL   E  1 2  ? -5.667  -3.978  -2.124  1.00 28.21 ? 1   VAL   C CG2 1 
ATOM   424  N N   . LYS   E  1 3  ? -6.283  -3.013  0.898   1.00 23.76 ? 2   LYS   C N   1 
ATOM   425  C CA  . LYS   E  1 3  ? -5.785  -3.404  2.203   1.00 26.38 ? 2   LYS   C CA  1 
ATOM   426  C C   . LYS   E  1 3  ? -4.408  -4.042  2.030   1.00 24.74 ? 2   LYS   C C   1 
ATOM   427  O O   . LYS   E  1 3  ? -4.214  -4.851  1.129   1.00 21.26 ? 2   LYS   C O   1 
ATOM   428  C CB  . LYS   E  1 3  ? -6.760  -4.400  2.827   1.00 31.19 ? 2   LYS   C CB  1 
ATOM   429  C CG  . LYS   E  1 3  ? -8.176  -3.878  3.009   1.00 34.37 ? 2   LYS   C CG  1 
ATOM   430  C CD  . LYS   E  1 3  ? -9.035  -4.844  3.768   1.00 40.12 ? 2   LYS   C CD  1 
ATOM   431  C CE  . LYS   E  1 3  ? -10.324 -4.240  4.277   1.00 43.16 ? 2   LYS   C CE  1 
ATOM   432  N NZ  . LYS   E  1 3  ? -11.252 -5.324  4.664   1.00 48.09 ? 2   LYS   C NZ  1 
ATOM   433  N N   . VAL   E  1 4  ? -3.443  -3.619  2.846   1.00 24.20 ? 3   VAL   C N   1 
ATOM   434  C CA  . VAL   E  1 4  ? -2.132  -4.233  2.857   1.00 25.02 ? 3   VAL   C CA  1 
ATOM   435  C C   . VAL   E  1 4  ? -1.656  -4.404  4.294   1.00 28.51 ? 3   VAL   C C   1 
ATOM   436  O O   . VAL   E  1 4  ? -2.162  -3.753  5.214   1.00 27.81 ? 3   VAL   C O   1 
ATOM   437  C CB  . VAL   E  1 4  ? -1.136  -3.406  2.036   1.00 26.07 ? 3   VAL   C CB  1 
ATOM   438  C CG1 . VAL   E  1 4  ? -1.640  -3.216  0.614   1.00 27.27 ? 3   VAL   C CG1 1 
ATOM   439  C CG2 . VAL   E  1 4  ? -0.843  -2.071  2.681   1.00 25.97 ? 3   VAL   C CG2 1 
ATOM   440  N N   . LYS   E  1 5  ? -0.719  -5.347  4.447   1.00 25.50 ? 4   LYS   C N   1 
ATOM   441  C CA  . LYS   E  1 5  ? 0.082   -5.523  5.644   1.00 26.06 ? 4   LYS   C CA  1 
ATOM   442  C C   . LYS   E  1 5  ? 1.541   -5.509  5.221   1.00 25.86 ? 4   LYS   C C   1 
ATOM   443  O O   . LYS   E  1 5  ? 1.932   -6.215  4.293   1.00 22.30 ? 4   LYS   C O   1 
ATOM   444  C CB  . LYS   E  1 5  ? -0.270  -6.826  6.365   1.00 31.68 ? 4   LYS   C CB  1 
ATOM   445  C CG  . LYS   E  1 5  ? 0.612   -7.168  7.558   1.00 35.53 ? 4   LYS   C CG  1 
ATOM   446  C CD  . LYS   E  1 5  ? 0.031   -8.215  8.477   1.00 39.24 ? 4   LYS   C CD  1 
ATOM   447  C CE  . LYS   E  1 5  ? 0.873   -8.409  9.721   1.00 41.74 ? 4   LYS   C CE  1 
ATOM   448  N NZ  . LYS   E  1 5  ? 0.223   -9.325  10.680  1.00 46.21 ? 4   LYS   C NZ  1 
ATOM   449  N N   . VAL   E  1 6  ? 2.303   -4.623  5.870   1.00 24.79 ? 5   VAL   C N   1 
ATOM   450  C CA  . VAL   E  1 6  ? 3.735   -4.472  5.677   1.00 27.14 ? 5   VAL   C CA  1 
ATOM   451  C C   . VAL   E  1 6  ? 4.359   -4.607  7.063   1.00 29.63 ? 5   VAL   C C   1 
ATOM   452  O O   . VAL   E  1 6  ? 4.060   -3.810  7.944   1.00 26.26 ? 5   VAL   C O   1 
ATOM   453  C CB  . VAL   E  1 6  ? 4.069   -3.123  5.015   1.00 30.50 ? 5   VAL   C CB  1 
ATOM   454  C CG1 . VAL   E  1 6  ? 5.562   -2.959  4.734   1.00 29.84 ? 5   VAL   C CG1 1 
ATOM   455  C CG2 . VAL   E  1 6  ? 3.251   -2.906  3.749   1.00 33.60 ? 5   VAL   C CG2 1 
HETATM 456  N N   . DPR   E  1 7  ? 5.209   -5.629  7.323   1.00 35.89 ? 6   DPR   C N   1 
HETATM 457  C CA  . DPR   E  1 7  ? 5.651   -5.933  8.683   1.00 35.49 ? 6   DPR   C CA  1 
HETATM 458  C CB  . DPR   E  1 7  ? 6.569   -7.153  8.512   1.00 39.35 ? 6   DPR   C CB  1 
HETATM 459  C CG  . DPR   E  1 7  ? 7.035   -7.052  7.078   1.00 40.40 ? 6   DPR   C CG  1 
HETATM 460  C CD  . DPR   E  1 7  ? 5.840   -6.507  6.320   1.00 37.72 ? 6   DPR   C CD  1 
HETATM 461  C C   . DPR   E  1 7  ? 4.472   -6.251  9.600   1.00 33.76 ? 6   DPR   C C   1 
HETATM 462  O O   . DPR   E  1 7  ? 3.540   -6.965  9.227   1.00 32.43 ? 6   DPR   C O   1 
ATOM   463  N N   . PRO   E  1 8  ? 4.456   -5.717  10.834  1.00 32.42 ? 7   PRO   C N   1 
ATOM   464  C CA  . PRO   E  1 8  ? 3.315   -5.931  11.728  1.00 36.09 ? 7   PRO   C CA  1 
ATOM   465  C C   . PRO   E  1 8  ? 2.088   -5.048  11.472  1.00 34.94 ? 7   PRO   C C   1 
ATOM   466  O O   . PRO   E  1 8  ? 1.072   -5.197  12.157  1.00 37.55 ? 7   PRO   C O   1 
ATOM   467  C CB  . PRO   E  1 8  ? 3.951   -5.599  13.089  1.00 37.28 ? 7   PRO   C CB  1 
ATOM   468  C CG  . PRO   E  1 8  ? 4.927   -4.484  12.755  1.00 37.39 ? 7   PRO   C CG  1 
ATOM   469  C CD  . PRO   E  1 8  ? 5.535   -4.907  11.439  1.00 33.90 ? 7   PRO   C CD  1 
ATOM   470  N N   . THR   E  1 9  ? 2.145   -4.156  10.462  1.00 30.26 ? 8   THR   C N   1 
ATOM   471  C CA  . THR   E  1 9  ? 1.181   -3.066  10.361  1.00 27.96 ? 8   THR   C CA  1 
ATOM   472  C C   . THR   E  1 9  ? 0.228   -3.240  9.178   1.00 23.81 ? 8   THR   C C   1 
ATOM   473  O O   . THR   E  1 9  ? 0.651   -3.333  8.024   1.00 20.52 ? 8   THR   C O   1 
ATOM   474  C CB  . THR   E  1 9  ? 1.921   -1.723  10.267  1.00 28.62 ? 8   THR   C CB  1 
ATOM   475  O OG1 . THR   E  1 9  ? 2.685   -1.591  11.464  1.00 30.21 ? 8   THR   C OG1 1 
ATOM   476  C CG2 . THR   E  1 9  ? 1.001   -0.540  10.094  1.00 26.20 ? 8   THR   C CG2 1 
ATOM   477  N N   . LYS   E  1 10 ? -1.074  -3.233  9.480   1.00 23.45 ? 9   LYS   C N   1 
ATOM   478  C CA  . LYS   E  1 10 ? -2.127  -3.183  8.477   1.00 26.33 ? 9   LYS   C CA  1 
ATOM   479  C C   . LYS   E  1 10 ? -2.619  -1.747  8.311   1.00 26.74 ? 9   LYS   C C   1 
ATOM   480  O O   . LYS   E  1 10 ? -2.549  -0.949  9.246   1.00 27.21 ? 9   LYS   C O   1 
ATOM   481  C CB  . LYS   E  1 10 ? -3.281  -4.109  8.875   1.00 29.63 ? 9   LYS   C CB  1 
ATOM   482  C CG  . LYS   E  1 10 ? -2.973  -5.582  8.664   1.00 32.26 ? 9   LYS   C CG  1 
ATOM   483  C CD  . LYS   E  1 10 ? -3.891  -6.574  9.361   1.00 37.28 ? 9   LYS   C CD  1 
ATOM   484  C CE  . LYS   E  1 10 ? -3.405  -8.000  9.154   1.00 39.64 ? 9   LYS   C CE  1 
ATOM   485  N NZ  . LYS   E  1 10 ? -4.509  -8.991  9.105   1.00 42.05 ? 9   LYS   C NZ  1 
HETATM 486  N N   . A1A8T E  1 11 ? -3.074  -1.454  7.089   1.00 23.63 ? 10  A1A8T C N   1 
HETATM 487  C CA  . A1A8T E  1 11 ? -3.526  -0.155  6.631   1.00 24.26 ? 10  A1A8T C CA  1 
HETATM 488  C C   . A1A8T E  1 11 ? -4.144  -0.392  5.253   1.00 21.62 ? 10  A1A8T C C   1 
HETATM 489  O O   . A1A8T E  1 11 ? -3.892  -1.416  4.620   1.00 23.49 ? 10  A1A8T C O   1 
HETATM 490  C CB  . A1A8T E  1 11 ? -2.337  0.828   6.574   1.00 25.14 ? 10  A1A8T C CB  1 
HETATM 491  C CG1 . A1A8T E  1 11 ? -1.286  0.369   5.579   1.00 26.38 ? 10  A1A8T C CG1 1 
HETATM 492  C CG2 . A1A8T E  1 11 ? -2.764  2.259   6.291   1.00 24.92 ? 10  A1A8T C CG2 1 
HETATM 493  C C1  . A1A8T E  1 11 ? -4.646  0.339   7.555   1.00 25.78 ? 10  A1A8T C C1  1 
ATOM   494  N N   . LYS   E  1 12 ? -4.991  0.528   4.810   1.00 21.94 ? 11  LYS   C N   1 
ATOM   495  C CA  . LYS   E  1 12 ? -5.503  0.535   3.462   1.00 23.79 ? 11  LYS   C CA  1 
ATOM   496  C C   . LYS   E  1 12 ? -4.981  1.771   2.729   1.00 22.14 ? 11  LYS   C C   1 
ATOM   497  O O   . LYS   E  1 12 ? -5.127  2.915   3.191   1.00 20.43 ? 11  LYS   C O   1 
ATOM   498  C CB  . LYS   E  1 12 ? -7.027  0.475   3.572   1.00 28.76 ? 11  LYS   C CB  1 
ATOM   499  C CG  . LYS   E  1 12 ? -7.784  0.523   2.264   1.00 32.32 ? 11  LYS   C CG  1 
ATOM   500  C CD  . LYS   E  1 12 ? -9.250  0.307   2.535   1.00 35.91 ? 11  LYS   C CD  1 
ATOM   501  C CE  . LYS   E  1 12 ? -10.115 0.334   1.301   1.00 37.64 ? 11  LYS   C CE  1 
ATOM   502  N NZ  . LYS   E  1 12 ? -11.538 0.152   1.675   1.00 39.48 ? 11  LYS   C NZ  1 
ATOM   503  N N   . VAL   E  1 13 ? -4.374  1.532   1.565   1.00 23.95 ? 12  VAL   C N   1 
ATOM   504  C CA  . VAL   E  1 13 ? -3.778  2.595   0.787   1.00 23.66 ? 12  VAL   C CA  1 
ATOM   505  C C   . VAL   E  1 13 ? -4.522  2.717   -0.557  1.00 27.41 ? 12  VAL   C C   1 
ATOM   506  O O   . VAL   E  1 13 ? -4.472  1.770   -1.363  1.00 24.19 ? 12  VAL   C O   1 
ATOM   507  C CB  . VAL   E  1 13 ? -2.259  2.373   0.655   1.00 27.90 ? 12  VAL   C CB  1 
ATOM   508  C CG1 . VAL   E  1 13 ? -1.593  2.326   2.019   1.00 32.37 ? 12  VAL   C CG1 1 
ATOM   509  C CG2 . VAL   E  1 13 ? -1.914  1.118   -0.125  1.00 30.02 ? 12  VAL   C CG2 1 
HETATM 510  N N   . ORN   F  1 1  ? 0.523   4.439   -7.950  1.00 30.96 ? 13  ORN   c N   1 
HETATM 511  C CA  . ORN   F  1 1  ? 0.924   3.612   -6.787  1.00 27.92 ? 13  ORN   c CA  1 
HETATM 512  C CB  . ORN   F  1 1  ? 1.578   2.317   -7.262  1.00 25.98 ? 13  ORN   c CB  1 
HETATM 513  C CG  . ORN   F  1 1  ? 0.582   1.353   -7.880  1.00 22.80 ? 13  ORN   c CG  1 
HETATM 514  C CD  . ORN   F  1 1  ? -0.398  0.769   -6.876  1.00 23.00 ? 13  ORN   c CD  1 
HETATM 515  N NE  . ORN   F  1 1  ? 0.199   -0.070  -5.854  1.00 21.54 ? 13  ORN   c NE  1 
HETATM 516  C C   . ORN   F  1 1  ? 1.864   4.398   -5.878  1.00 29.80 ? 13  ORN   c C   1 
HETATM 517  O O   . ORN   F  1 1  ? 2.484   5.384   -6.288  1.00 31.49 ? 13  ORN   c O   1 
ATOM   518  N N   . VAL   F  1 2  ? 2.013   3.905   -4.653  1.00 24.90 ? 1   VAL   c N   1 
ATOM   519  C CA  . VAL   F  1 2  ? 2.808   4.609   -3.660  1.00 23.41 ? 1   VAL   c CA  1 
ATOM   520  C C   . VAL   F  1 2  ? 3.642   3.634   -2.832  1.00 22.55 ? 1   VAL   c C   1 
ATOM   521  O O   . VAL   F  1 2  ? 3.226   2.516   -2.520  1.00 23.77 ? 1   VAL   c O   1 
ATOM   522  C CB  . VAL   F  1 2  ? 1.870   5.456   -2.779  1.00 23.13 ? 1   VAL   c CB  1 
ATOM   523  C CG1 . VAL   F  1 2  ? 0.994   4.563   -1.914  1.00 27.43 ? 1   VAL   c CG1 1 
ATOM   524  C CG2 . VAL   F  1 2  ? 2.617   6.468   -1.933  1.00 24.60 ? 1   VAL   c CG2 1 
ATOM   525  N N   . LYS   F  1 3  ? 4.850   4.086   -2.515  1.00 21.69 ? 2   LYS   c N   1 
ATOM   526  C CA  . LYS   F  1 3  ? 5.759   3.382   -1.636  1.00 25.44 ? 2   LYS   c CA  1 
ATOM   527  C C   . LYS   F  1 3  ? 5.172   3.451   -0.226  1.00 23.81 ? 2   LYS   c C   1 
ATOM   528  O O   . LYS   F  1 3  ? 4.681   4.481   0.175   1.00 23.15 ? 2   LYS   c O   1 
ATOM   529  C CB  . LYS   F  1 3  ? 7.152   3.995   -1.721  1.00 27.19 ? 2   LYS   c CB  1 
ATOM   530  C CG  . LYS   F  1 3  ? 7.794   3.862   -3.096  1.00 35.25 ? 2   LYS   c CG  1 
ATOM   531  C CD  . LYS   F  1 3  ? 9.158   4.505   -3.273  1.00 41.48 ? 2   LYS   c CD  1 
ATOM   532  C CE  . LYS   F  1 3  ? 9.815   4.075   -4.571  1.00 41.58 ? 2   LYS   c CE  1 
ATOM   533  N NZ  . LYS   F  1 3  ? 11.036  4.862   -4.863  1.00 44.27 ? 2   LYS   c NZ  1 
ATOM   534  N N   . VAL   F  1 4  ? 5.110   2.313   0.438   1.00 21.55 ? 3   VAL   c N   1 
ATOM   535  C CA  . VAL   F  1 4  ? 4.711   2.223   1.829   1.00 23.89 ? 3   VAL   c CA  1 
ATOM   536  C C   . VAL   F  1 4  ? 5.896   1.628   2.581   1.00 27.90 ? 3   VAL   c C   1 
ATOM   537  O O   . VAL   F  1 4  ? 6.562   0.716   2.077   1.00 26.77 ? 3   VAL   c O   1 
ATOM   538  C CB  . VAL   F  1 4  ? 3.421   1.412   2.021   1.00 28.39 ? 3   VAL   c CB  1 
ATOM   539  C CG1 . VAL   F  1 4  ? 2.307   1.924   1.126   1.00 29.26 ? 3   VAL   c CG1 1 
ATOM   540  C CG2 . VAL   F  1 4  ? 3.624   -0.074  1.797   1.00 31.09 ? 3   VAL   c CG2 1 
ATOM   541  N N   . LYS   F  1 5  ? 6.237   2.250   3.711   1.00 25.66 ? 4   LYS   c N   1 
ATOM   542  C CA  . LYS   F  1 5  ? 7.344   1.796   4.537   1.00 26.39 ? 4   LYS   c CA  1 
ATOM   543  C C   . LYS   F  1 5  ? 6.878   1.698   5.978   1.00 23.63 ? 4   LYS   c C   1 
ATOM   544  O O   . LYS   F  1 5  ? 6.207   2.602   6.466   1.00 20.06 ? 4   LYS   c O   1 
ATOM   545  C CB  . LYS   F  1 5  ? 8.540   2.747   4.615   1.00 30.45 ? 4   LYS   c CB  1 
ATOM   546  C CG  . LYS   F  1 5  ? 9.314   3.000   3.338   1.00 38.10 ? 4   LYS   c CG  1 
ATOM   547  C CD  . LYS   F  1 5  ? 10.624  3.747   3.583   1.00 42.50 ? 4   LYS   c CD  1 
ATOM   548  C CE  . LYS   F  1 5  ? 11.497  3.840   2.349   1.00 46.81 ? 4   LYS   c CE  1 
ATOM   549  N NZ  . LYS   F  1 5  ? 12.931  3.977   2.701   1.00 47.57 ? 4   LYS   c NZ  1 
ATOM   550  N N   . VAL   F  1 6  ? 7.309   0.619   6.628   1.00 21.02 ? 5   VAL   c N   1 
ATOM   551  C CA  . VAL   F  1 6  ? 7.046   0.348   8.026   1.00 23.77 ? 5   VAL   c CA  1 
ATOM   552  C C   . VAL   F  1 6  ? 8.397   -0.051  8.607   1.00 25.54 ? 5   VAL   c C   1 
ATOM   553  O O   . VAL   F  1 6  ? 8.856   -1.190  8.393   1.00 21.78 ? 5   VAL   c O   1 
ATOM   554  C CB  . VAL   F  1 6  ? 5.978   -0.750  8.205   1.00 23.01 ? 5   VAL   c CB  1 
ATOM   555  C CG1 . VAL   F  1 6  ? 5.693   -1.015  9.676   1.00 20.33 ? 5   VAL   c CG1 1 
ATOM   556  C CG2 . VAL   F  1 6  ? 4.685   -0.423  7.461   1.00 24.21 ? 5   VAL   c CG2 1 
HETATM 557  N N   . DPR   F  1 7  ? 9.092   0.916   9.268   1.00 27.39 ? 6   DPR   c N   1 
HETATM 558  C CA  . DPR   F  1 7  ? 10.432  0.699   9.811   1.00 28.08 ? 6   DPR   c CA  1 
HETATM 559  C CB  . DPR   F  1 7  ? 10.901  2.082   10.287  1.00 29.05 ? 6   DPR   c CB  1 
HETATM 560  C CG  . DPR   F  1 7  ? 9.620   2.846   10.536  1.00 32.90 ? 6   DPR   c CG  1 
HETATM 561  C CD  . DPR   F  1 7  ? 8.620   2.291   9.538   1.00 30.68 ? 6   DPR   c CD  1 
HETATM 562  C C   . DPR   F  1 7  ? 11.348  0.173   8.721   1.00 26.46 ? 6   DPR   c C   1 
HETATM 563  O O   . DPR   F  1 7  ? 11.446  0.751   7.639   1.00 23.63 ? 6   DPR   c O   1 
ATOM   564  N N   . PRO   F  1 8  ? 11.992  -0.982  8.960   1.00 26.58 ? 7   PRO   c N   1 
ATOM   565  C CA  . PRO   F  1 8  ? 12.966  -1.510  8.024   1.00 28.67 ? 7   PRO   c CA  1 
ATOM   566  C C   . PRO   F  1 8  ? 12.373  -2.121  6.754   1.00 28.93 ? 7   PRO   c C   1 
ATOM   567  O O   . PRO   F  1 8  ? 13.141  -2.610  5.932   1.00 31.69 ? 7   PRO   c O   1 
ATOM   568  C CB  . PRO   F  1 8  ? 13.670  -2.576  8.886   1.00 27.26 ? 7   PRO   c CB  1 
ATOM   569  C CG  . PRO   F  1 8  ? 12.593  -3.069  9.790   1.00 31.39 ? 7   PRO   c CG  1 
ATOM   570  C CD  . PRO   F  1 8  ? 11.809  -1.833  10.142  1.00 27.82 ? 7   PRO   c CD  1 
ATOM   571  N N   . THR   F  1 9  ? 11.035  -2.137  6.601   1.00 24.84 ? 8   THR   c N   1 
ATOM   572  C CA  . THR   F  1 9  ? 10.410  -2.851  5.494   1.00 24.81 ? 8   THR   c CA  1 
ATOM   573  C C   . THR   F  1 9  ? 9.662   -1.895  4.580   1.00 25.34 ? 8   THR   c C   1 
ATOM   574  O O   . THR   F  1 9  ? 8.934   -1.027  5.071   1.00 27.90 ? 8   THR   c O   1 
ATOM   575  C CB  . THR   F  1 9  ? 9.353   -3.875  5.939   1.00 29.00 ? 8   THR   c CB  1 
ATOM   576  O OG1 . THR   F  1 9  ? 9.806   -4.644  7.060   1.00 31.65 ? 8   THR   c OG1 1 
ATOM   577  C CG2 . THR   F  1 9  ? 8.989   -4.806  4.801   1.00 30.83 ? 8   THR   c CG2 1 
ATOM   578  N N   . LYS   F  1 10 ? 9.782   -2.104  3.263   1.00 23.63 ? 9   LYS   c N   1 
ATOM   579  C CA  . LYS   F  1 10 ? 9.071   -1.286  2.282   1.00 23.49 ? 9   LYS   c CA  1 
ATOM   580  C C   . LYS   F  1 10 ? 8.516   -2.153  1.151   1.00 22.05 ? 9   LYS   c C   1 
ATOM   581  O O   . LYS   F  1 10 ? 8.924   -3.304  1.017   1.00 19.20 ? 9   LYS   c O   1 
ATOM   582  C CB  . LYS   F  1 10 ? 10.010  -0.225  1.719   1.00 28.40 ? 9   LYS   c CB  1 
ATOM   583  C CG  . LYS   F  1 10 ? 11.200  -0.735  0.933   1.00 32.45 ? 9   LYS   c CG  1 
ATOM   584  C CD  . LYS   F  1 10 ? 12.069  0.405   0.447   1.00 37.34 ? 9   LYS   c CD  1 
ATOM   585  C CE  . LYS   F  1 10 ? 13.132  -0.026  -0.536  1.00 38.37 ? 9   LYS   c CE  1 
ATOM   586  N NZ  . LYS   F  1 10 ? 14.120  1.059   -0.720  1.00 42.28 ? 9   LYS   c NZ  1 
HETATM 587  N N   . A1A8T F  1 11 ? 7.554   -1.581  0.412   1.00 20.25 ? 10  A1A8T c N   1 
HETATM 588  C CA  . A1A8T F  1 11 ? 6.990   -2.133  -0.813  1.00 21.85 ? 10  A1A8T c CA  1 
HETATM 589  C C   . A1A8T F  1 11 ? 6.266   -0.986  -1.527  1.00 21.92 ? 10  A1A8T c C   1 
HETATM 590  O O   . A1A8T F  1 11 ? 5.979   0.029   -0.909  1.00 22.10 ? 10  A1A8T c O   1 
HETATM 591  C CB  . A1A8T F  1 11 ? 6.027   -3.289  -0.500  1.00 21.03 ? 10  A1A8T c CB  1 
HETATM 592  C CG1 . A1A8T F  1 11 ? 4.935   -2.886  0.481   1.00 22.81 ? 10  A1A8T c CG1 1 
HETATM 593  C CG2 . A1A8T F  1 11 ? 5.416   -3.883  -1.756  1.00 22.40 ? 10  A1A8T c CG2 1 
HETATM 594  C C1  . A1A8T F  1 11 ? 8.174   -2.646  -1.681  1.00 22.72 ? 10  A1A8T c C1  1 
ATOM   595  N N   . LYS   F  1 12 ? 5.972   -1.129  -2.827  1.00 19.36 ? 11  LYS   c N   1 
ATOM   596  C CA  . LYS   F  1 12 ? 5.145   -0.174  -3.529  1.00 20.60 ? 11  LYS   c CA  1 
ATOM   597  C C   . LYS   F  1 12 ? 3.824   -0.827  -3.941  1.00 20.57 ? 11  LYS   c C   1 
ATOM   598  O O   . LYS   F  1 12 ? 3.810   -1.860  -4.614  1.00 18.88 ? 11  LYS   c O   1 
ATOM   599  C CB  . LYS   F  1 12 ? 5.935   0.328   -4.739  1.00 24.07 ? 11  LYS   c CB  1 
ATOM   600  C CG  . LYS   F  1 12 ? 5.239   1.408   -5.542  1.00 27.17 ? 11  LYS   c CG  1 
ATOM   601  C CD  . LYS   F  1 12 ? 6.162   2.065   -6.503  1.00 27.37 ? 11  LYS   c CD  1 
ATOM   602  C CE  . LYS   F  1 12 ? 5.474   3.155   -7.285  1.00 31.92 ? 11  LYS   c CE  1 
ATOM   603  N NZ  . LYS   F  1 12 ? 6.408   3.755   -8.267  1.00 34.65 ? 11  LYS   c NZ  1 
ATOM   604  N N   . VAL   F  1 13 ? 2.716   -0.179  -3.554  1.00 20.81 ? 12  VAL   c N   1 
ATOM   605  C CA  . VAL   F  1 13 ? 1.383   -0.672  -3.820  1.00 23.18 ? 12  VAL   c CA  1 
ATOM   606  C C   . VAL   F  1 13 ? 0.613   0.352   -4.676  1.00 23.95 ? 12  VAL   c C   1 
ATOM   607  O O   . VAL   F  1 13 ? 0.484   1.528   -4.248  1.00 22.44 ? 12  VAL   c O   1 
ATOM   608  C CB  . VAL   F  1 13 ? 0.676   -0.929  -2.467  1.00 27.64 ? 12  VAL   c CB  1 
ATOM   609  C CG1 . VAL   F  1 13 ? -0.684  -1.566  -2.648  1.00 28.71 ? 12  VAL   c CG1 1 
ATOM   610  C CG2 . VAL   F  1 13 ? 1.540   -1.787  -1.556  1.00 31.27 ? 12  VAL   c CG2 1 
HETATM 611  N N   . ORN   G  1 1  ? -7.915  -10.975 1.143   1.00 26.99 ? 13  ORN   D N   1 
HETATM 612  C CA  . ORN   G  1 1  ? -6.535  -10.656 0.693   1.00 25.87 ? 13  ORN   D CA  1 
HETATM 613  C CB  . ORN   G  1 1  ? -5.958  -9.513  1.539   1.00 26.57 ? 13  ORN   D CB  1 
HETATM 614  C CG  . ORN   G  1 1  ? -6.608  -8.174  1.241   1.00 25.27 ? 13  ORN   D CG  1 
HETATM 615  C CD  . ORN   G  1 1  ? -6.045  -7.527  -0.013  1.00 24.40 ? 13  ORN   D CD  1 
HETATM 616  N NE  . ORN   G  1 1  ? -4.630  -7.278  0.090   1.00 22.82 ? 13  ORN   D NE  1 
HETATM 617  C C   . ORN   G  1 1  ? -5.675  -11.904 0.825   1.00 26.75 ? 13  ORN   D C   1 
HETATM 618  O O   . ORN   G  1 1  ? -6.109  -12.899 1.399   1.00 24.43 ? 13  ORN   D O   1 
ATOM   619  N N   . VAL   G  1 2  ? -4.426  -11.824 0.349   1.00 23.67 ? 1   VAL   D N   1 
ATOM   620  C CA  . VAL   G  1 2  ? -3.608  -13.016 0.240   1.00 24.23 ? 1   VAL   D CA  1 
ATOM   621  C C   . VAL   G  1 2  ? -2.159  -12.647 0.500   1.00 21.13 ? 1   VAL   D C   1 
ATOM   622  O O   . VAL   G  1 2  ? -1.700  -11.562 0.129   1.00 22.68 ? 1   VAL   D O   1 
ATOM   623  C CB  . VAL   G  1 2  ? -3.807  -13.647 -1.150  1.00 24.78 ? 1   VAL   D CB  1 
ATOM   624  C CG1 . VAL   G  1 2  ? -3.166  -12.797 -2.226  1.00 24.74 ? 1   VAL   D CG1 1 
ATOM   625  C CG2 . VAL   G  1 2  ? -3.323  -15.080 -1.238  1.00 28.09 ? 1   VAL   D CG2 1 
ATOM   626  N N   . LYS   G  1 3  ? -1.468  -13.573 1.152   1.00 21.45 ? 2   LYS   D N   1 
ATOM   627  C CA  . LYS   G  1 3  ? -0.044  -13.484 1.425   1.00 19.70 ? 2   LYS   D CA  1 
ATOM   628  C C   . LYS   G  1 3  ? 0.715   -13.692 0.119   1.00 18.84 ? 2   LYS   D C   1 
ATOM   629  O O   . LYS   G  1 3  ? 0.459   -14.640 -0.601  1.00 20.04 ? 2   LYS   D O   1 
ATOM   630  C CB  . LYS   G  1 3  ? 0.350   -14.559 2.442   1.00 24.55 ? 2   LYS   D CB  1 
ATOM   631  C CG  . LYS   G  1 3  ? -0.198  -14.293 3.847   1.00 25.95 ? 2   LYS   D CG  1 
ATOM   632  C CD  . LYS   G  1 3  ? 0.098   -15.360 4.902   1.00 30.70 ? 2   LYS   D CD  1 
ATOM   633  C CE  . LYS   G  1 3  ? -0.465  -14.907 6.237   1.00 31.91 ? 2   LYS   D CE  1 
ATOM   634  N NZ  . LYS   G  1 3  ? 0.044   -15.696 7.367   1.00 32.74 ? 2   LYS   D NZ  1 
ATOM   635  N N   . VAL   G  1 4  ? 1.659   -12.806 -0.176  1.00 18.34 ? 3   VAL   D N   1 
ATOM   636  C CA  . VAL   G  1 4  ? 2.397   -12.929 -1.405  1.00 21.52 ? 3   VAL   D CA  1 
ATOM   637  C C   . VAL   G  1 4  ? 3.859   -12.660 -1.063  1.00 22.47 ? 3   VAL   D C   1 
ATOM   638  O O   . VAL   G  1 4  ? 4.154   -12.050 -0.043  1.00 19.63 ? 3   VAL   D O   1 
ATOM   639  C CB  . VAL   G  1 4  ? 1.873   -12.009 -2.527  1.00 24.32 ? 3   VAL   D CB  1 
ATOM   640  C CG1 . VAL   G  1 4  ? 0.417   -12.275 -2.843  1.00 29.15 ? 3   VAL   D CG1 1 
ATOM   641  C CG2 . VAL   G  1 4  ? 2.082   -10.528 -2.254  1.00 23.90 ? 3   VAL   D CG2 1 
ATOM   642  N N   . LYS   G  1 5  ? 4.746   -13.158 -1.925  1.00 22.11 ? 4   LYS   D N   1 
ATOM   643  C CA  . LYS   G  1 5  ? 6.155   -12.832 -1.867  1.00 19.98 ? 4   LYS   D CA  1 
ATOM   644  C C   . LYS   G  1 5  ? 6.521   -12.318 -3.248  1.00 21.76 ? 4   LYS   D C   1 
ATOM   645  O O   . LYS   G  1 5  ? 6.217   -12.959 -4.262  1.00 20.74 ? 4   LYS   D O   1 
ATOM   646  C CB  . LYS   G  1 5  ? 7.012   -14.046 -1.501  1.00 21.41 ? 4   LYS   D CB  1 
ATOM   647  C CG  . LYS   G  1 5  ? 8.511   -13.785 -1.385  1.00 24.67 ? 4   LYS   D CG  1 
ATOM   648  C CD  . LYS   G  1 5  ? 9.352   -14.995 -0.999  1.00 27.21 ? 4   LYS   D CD  1 
ATOM   649  C CE  . LYS   G  1 5  ? 10.655  -14.573 -0.343  1.00 32.92 ? 4   LYS   D CE  1 
ATOM   650  N NZ  . LYS   G  1 5  ? 11.572  -15.724 -0.101  1.00 36.24 ? 4   LYS   D NZ  1 
ATOM   651  N N   . VAL   G  1 6  ? 7.094   -11.118 -3.259  1.00 23.27 ? 5   VAL   D N   1 
ATOM   652  C CA  . VAL   G  1 6  ? 7.470   -10.447 -4.489  1.00 25.69 ? 5   VAL   D CA  1 
ATOM   653  C C   . VAL   G  1 6  ? 8.919   -10.038 -4.307  1.00 28.70 ? 5   VAL   D C   1 
ATOM   654  O O   . VAL   G  1 6  ? 9.219   -9.328  -3.350  1.00 26.74 ? 5   VAL   D O   1 
ATOM   655  C CB  . VAL   G  1 6  ? 6.551   -9.243  -4.781  1.00 26.71 ? 5   VAL   D CB  1 
ATOM   656  C CG1 . VAL   G  1 6  ? 6.950   -8.532  -6.055  1.00 27.90 ? 5   VAL   D CG1 1 
ATOM   657  C CG2 . VAL   G  1 6  ? 5.087   -9.646  -4.861  1.00 27.69 ? 5   VAL   D CG2 1 
HETATM 658  N N   . DPR   G  1 7  ? 9.853   -10.511 -5.178  1.00 32.07 ? 6   DPR   D N   1 
HETATM 659  C CA  . DPR   G  1 7  ? 11.272  -10.503 -4.852  1.00 31.98 ? 6   DPR   D CA  1 
HETATM 660  C CB  . DPR   G  1 7  ? 11.904  -11.306 -5.994  1.00 37.45 ? 6   DPR   D CB  1 
HETATM 661  C CG  . DPR   G  1 7  ? 10.984  -11.021 -7.152  1.00 34.07 ? 6   DPR   D CG  1 
HETATM 662  C CD  . DPR   G  1 7  ? 9.599   -11.058 -6.524  1.00 33.21 ? 6   DPR   D CD  1 
HETATM 663  C C   . DPR   G  1 7  ? 11.521  -11.178 -3.518  1.00 31.43 ? 6   DPR   D C   1 
HETATM 664  O O   . DPR   G  1 7  ? 10.948  -12.222 -3.236  1.00 33.87 ? 6   DPR   D O   1 
ATOM   665  N N   . PRO   G  1 8  ? 12.348  -10.573 -2.643  1.00 30.77 ? 7   PRO   D N   1 
ATOM   666  C CA  . PRO   G  1 8  ? 12.640  -11.141 -1.340  1.00 30.98 ? 7   PRO   D CA  1 
ATOM   667  C C   . PRO   G  1 8  ? 11.588  -10.859 -0.281  1.00 26.64 ? 7   PRO   D C   1 
ATOM   668  O O   . PRO   G  1 8  ? 11.747  -11.300 0.853   1.00 28.73 ? 7   PRO   D O   1 
ATOM   669  C CB  . PRO   G  1 8  ? 13.947  -10.403 -0.982  1.00 32.17 ? 7   PRO   D CB  1 
ATOM   670  C CG  . PRO   G  1 8  ? 13.772  -9.037  -1.577  1.00 33.93 ? 7   PRO   D CG  1 
ATOM   671  C CD  . PRO   G  1 8  ? 13.031  -9.287  -2.867  1.00 35.50 ? 7   PRO   D CD  1 
ATOM   672  N N   . THR   G  1 9  ? 10.499  -10.145 -0.642  1.00 25.99 ? 8   THR   D N   1 
ATOM   673  C CA  A THR   G  1 9  ? 9.645   -9.563  0.383   0.50 24.50 ? 8   THR   D CA  1 
ATOM   674  C CA  B THR   G  1 9  ? 9.633   -9.534  0.352   0.50 22.70 ? 8   THR   D CA  1 
ATOM   675  C C   . THR   G  1 9  ? 8.257   -10.196 0.423   1.00 22.54 ? 8   THR   D C   1 
ATOM   676  O O   . THR   G  1 9  ? 7.479   -10.099 -0.513  1.00 23.92 ? 8   THR   D O   1 
ATOM   677  C CB  A THR   G  1 9  ? 9.528   -8.049  0.206   0.50 24.16 ? 8   THR   D CB  1 
ATOM   678  C CB  B THR   G  1 9  ? 9.489   -8.036  0.065   0.50 20.19 ? 8   THR   D CB  1 
ATOM   679  O OG1 A THR   G  1 9  ? 9.017   -7.837  -1.101  0.50 26.80 ? 8   THR   D OG1 1 
ATOM   680  O OG1 B THR   G  1 9  ? 10.825  -7.536  0.006   0.50 18.26 ? 8   THR   D OG1 1 
ATOM   681  C CG2 A THR   G  1 9  ? 10.864  -7.367  0.356   0.50 23.63 ? 8   THR   D CG2 1 
ATOM   682  C CG2 B THR   G  1 9  ? 8.691   -7.315  1.124   0.50 19.76 ? 8   THR   D CG2 1 
ATOM   683  N N   . LYS   G  1 10 ? 7.967   -10.821 1.568   1.00 20.99 ? 9   LYS   D N   1 
ATOM   684  C CA  . LYS   G  1 10 ? 6.644   -11.302 1.916   1.00 22.38 ? 9   LYS   D CA  1 
ATOM   685  C C   . LYS   G  1 10 ? 5.854   -10.156 2.542   1.00 21.83 ? 9   LYS   D C   1 
ATOM   686  O O   . LYS   G  1 10 ? 6.383   -9.393  3.369   1.00 21.99 ? 9   LYS   D O   1 
ATOM   687  C CB  . LYS   G  1 10 ? 6.750   -12.474 2.896   1.00 26.71 ? 9   LYS   D CB  1 
ATOM   688  C CG  . LYS   G  1 10 ? 7.190   -13.799 2.281   1.00 29.53 ? 9   LYS   D CG  1 
ATOM   689  C CD  . LYS   G  1 10 ? 7.412   -14.903 3.315   1.00 32.52 ? 9   LYS   D CD  1 
ATOM   690  C CE  . LYS   G  1 10 ? 8.038   -16.150 2.712   1.00 34.30 ? 9   LYS   D CE  1 
ATOM   691  N NZ  . LYS   G  1 10 ? 8.017   -17.295 3.651   1.00 34.71 ? 9   LYS   D NZ  1 
HETATM 692  N N   . A1A8T G  1 11 ? 4.601   -10.039 2.110   1.00 20.82 ? 10  A1A8T D N   1 
HETATM 693  C CA  . A1A8T G  1 11 ? 3.639   -9.042  2.563   1.00 22.03 ? 10  A1A8T D CA  1 
HETATM 694  C C   . A1A8T G  1 11 ? 2.263   -9.673  2.342   1.00 21.83 ? 10  A1A8T D C   1 
HETATM 695  O O   . A1A8T G  1 11 ? 2.154   -10.818 1.894   1.00 21.85 ? 10  A1A8T D O   1 
HETATM 696  C CB  . A1A8T G  1 11 ? 3.748   -7.729  1.754   1.00 22.80 ? 10  A1A8T D CB  1 
HETATM 697  C CG1 . A1A8T G  1 11 ? 5.024   -6.947  2.041   1.00 25.10 ? 10  A1A8T D CG1 1 
HETATM 698  C CG2 . A1A8T G  1 11 ? 3.608   -7.980  0.254   1.00 23.03 ? 10  A1A8T D CG2 1 
HETATM 699  C C1  . A1A8T G  1 11 ? 3.708   -8.742  4.084   1.00 23.06 ? 10  A1A8T D C1  1 
ATOM   700  N N   . LYS   G  1 12 ? 1.207   -8.914  2.637   1.00 21.13 ? 11  LYS   D N   1 
ATOM   701  C CA  . LYS   G  1 12 ? -0.149  -9.371  2.403   1.00 18.77 ? 11  LYS   D CA  1 
ATOM   702  C C   . LYS   G  1 12 ? -0.913  -8.272  1.685   1.00 18.14 ? 11  LYS   D C   1 
ATOM   703  O O   . LYS   G  1 12 ? -0.823  -7.102  2.034   1.00 16.89 ? 11  LYS   D O   1 
ATOM   704  C CB  . LYS   G  1 12 ? -0.786  -9.809  3.728   1.00 22.16 ? 11  LYS   D CB  1 
ATOM   705  C CG  . LYS   G  1 12 ? -2.102  -10.553 3.582   1.00 21.75 ? 11  LYS   D CG  1 
ATOM   706  C CD  . LYS   G  1 12 ? -2.741  -10.977 4.890   1.00 24.62 ? 11  LYS   D CD  1 
ATOM   707  C CE  . LYS   G  1 12 ? -3.938  -11.870 4.653   1.00 26.33 ? 11  LYS   D CE  1 
ATOM   708  N NZ  . LYS   G  1 12 ? -4.692  -12.117 5.903   1.00 27.91 ? 11  LYS   D NZ  1 
ATOM   709  N N   . VAL   G  1 13 ? -1.588  -8.656  0.609   1.00 19.34 ? 12  VAL   D N   1 
ATOM   710  C CA  . VAL   G  1 13 ? -2.261  -7.724  -0.273  1.00 21.51 ? 12  VAL   D CA  1 
ATOM   711  C C   . VAL   G  1 13 ? -3.734  -8.134  -0.383  1.00 22.38 ? 12  VAL   D C   1 
ATOM   712  O O   . VAL   G  1 13 ? -3.989  -9.218  -0.885  1.00 20.02 ? 12  VAL   D O   1 
ATOM   713  C CB  . VAL   G  1 13 ? -1.600  -7.640  -1.658  1.00 21.29 ? 12  VAL   D CB  1 
ATOM   714  C CG1 . VAL   G  1 13 ? -2.328  -6.641  -2.550  1.00 22.03 ? 12  VAL   D CG1 1 
ATOM   715  C CG2 . VAL   G  1 13 ? -0.142  -7.262  -1.572  1.00 21.86 ? 12  VAL   D CG2 1 
HETATM 716  N N   . ORN   H  1 1  ? -7.668  -6.041  -8.748  1.00 28.45 ? 13  ORN   d N   1 
HETATM 717  C CA  . ORN   H  1 1  ? -6.224  -6.322  -8.518  1.00 26.97 ? 13  ORN   d CA  1 
HETATM 718  C CB  . ORN   H  1 1  ? -5.734  -7.382  -9.509  1.00 25.65 ? 13  ORN   d CB  1 
HETATM 719  C CG  . ORN   H  1 1  ? -6.330  -8.759  -9.231  1.00 27.21 ? 13  ORN   d CG  1 
HETATM 720  C CD  . ORN   H  1 1  ? -5.945  -9.275  -7.858  1.00 24.97 ? 13  ORN   d CD  1 
HETATM 721  N NE  . ORN   H  1 1  ? -4.522  -9.553  -7.747  1.00 24.72 ? 13  ORN   d NE  1 
HETATM 722  C C   . ORN   H  1 1  ? -5.425  -5.026  -8.590  1.00 26.59 ? 13  ORN   d C   1 
HETATM 723  O O   . ORN   H  1 1  ? -5.941  -3.997  -9.023  1.00 28.19 ? 13  ORN   d O   1 
ATOM   724  N N   . VAL   H  1 2  ? -4.181  -5.083  -8.106  1.00 23.71 ? 1   VAL   d N   1 
ATOM   725  C CA  . VAL   H  1 2  ? -3.388  -3.892  -7.862  1.00 23.95 ? 1   VAL   d CA  1 
ATOM   726  C C   . VAL   H  1 2  ? -1.952  -4.225  -8.234  1.00 23.27 ? 1   VAL   d C   1 
ATOM   727  O O   . VAL   H  1 2  ? -1.499  -5.348  -8.033  1.00 19.68 ? 1   VAL   d O   1 
ATOM   728  C CB  . VAL   H  1 2  ? -3.481  -3.406  -6.400  1.00 26.00 ? 1   VAL   d CB  1 
ATOM   729  C CG1 . VAL   H  1 2  ? -2.912  -4.414  -5.406  1.00 27.71 ? 1   VAL   d CG1 1 
ATOM   730  C CG2 . VAL   H  1 2  ? -2.793  -2.057  -6.224  1.00 29.99 ? 1   VAL   d CG2 1 
ATOM   731  N N   . LYS   H  1 3  ? -1.264  -3.261  -8.832  1.00 21.75 ? 2   LYS   d N   1 
ATOM   732  C CA  . LYS   H  1 3  ? 0.160   -3.421  -9.070  1.00 25.85 ? 2   LYS   d CA  1 
ATOM   733  C C   . LYS   H  1 3  ? 0.896   -3.436  -7.725  1.00 23.06 ? 2   LYS   d C   1 
ATOM   734  O O   . LYS   H  1 3  ? 0.659   -2.594  -6.858  1.00 21.57 ? 2   LYS   d O   1 
ATOM   735  C CB  . LYS   H  1 3  ? 0.688   -2.307  -9.988  1.00 29.05 ? 2   LYS   d CB  1 
ATOM   736  C CG  . LYS   H  1 3  ? 1.773   -2.759  -10.957 1.00 35.49 ? 2   LYS   d CG  1 
ATOM   737  C CD  . LYS   H  1 3  ? 1.240   -3.833  -11.925 1.00 33.91 ? 2   LYS   d CD  1 
ATOM   738  C CE  . LYS   H  1 3  ? 2.254   -4.324  -12.944 1.00 30.04 ? 2   LYS   d CE  1 
ATOM   739  N NZ  . LYS   H  1 3  ? 1.632   -5.264  -13.879 1.00 25.39 ? 2   LYS   d NZ  1 
ATOM   740  N N   . VAL   H  1 4  ? 1.833   -4.373  -7.602  1.00 21.93 ? 3   VAL   d N   1 
ATOM   741  C CA  . VAL   H  1 4  ? 2.765   -4.441  -6.500  1.00 21.28 ? 3   VAL   d CA  1 
ATOM   742  C C   . VAL   H  1 4  ? 4.179   -4.411  -7.091  1.00 23.18 ? 3   VAL   d C   1 
ATOM   743  O O   . VAL   H  1 4  ? 4.441   -5.039  -8.132  1.00 25.99 ? 3   VAL   d O   1 
ATOM   744  C CB  . VAL   H  1 4  ? 2.517   -5.715  -5.669  1.00 21.29 ? 3   VAL   d CB  1 
ATOM   745  C CG1 . VAL   H  1 4  ? 3.425   -5.799  -4.447  1.00 20.61 ? 3   VAL   d CG1 1 
ATOM   746  C CG2 . VAL   H  1 4  ? 1.056   -5.832  -5.261  1.00 21.58 ? 3   VAL   d CG2 1 
ATOM   747  N N   . LYS   H  1 5  ? 5.068   -3.628  -6.472  1.00 19.88 ? 4   LYS   d N   1 
ATOM   748  C CA  . LYS   H  1 5  ? 6.445   -3.553  -6.938  1.00 20.23 ? 4   LYS   d CA  1 
ATOM   749  C C   . LYS   H  1 5  ? 7.383   -3.563  -5.734  1.00 22.87 ? 4   LYS   d C   1 
ATOM   750  O O   . LYS   H  1 5  ? 7.209   -2.787  -4.773  1.00 19.06 ? 4   LYS   d O   1 
ATOM   751  C CB  . LYS   H  1 5  ? 6.606   -2.322  -7.825  1.00 23.76 ? 4   LYS   d CB  1 
ATOM   752  C CG  . LYS   H  1 5  ? 7.904   -2.215  -8.612  1.00 23.37 ? 4   LYS   d CG  1 
ATOM   753  C CD  . LYS   H  1 5  ? 8.018   -0.872  -9.275  1.00 28.46 ? 4   LYS   d CD  1 
ATOM   754  C CE  . LYS   H  1 5  ? 9.305   -0.638  -10.033 1.00 32.21 ? 4   LYS   d CE  1 
ATOM   755  N NZ  . LYS   H  1 5  ? 9.515   0.815   -10.243 1.00 37.26 ? 4   LYS   d NZ  1 
ATOM   756  N N   . VAL   H  1 6  ? 8.384   -4.459  -5.809  1.00 20.72 ? 5   VAL   d N   1 
ATOM   757  C CA  . VAL   H  1 6  ? 9.447   -4.562  -4.832  1.00 24.08 ? 5   VAL   d CA  1 
ATOM   758  C C   . VAL   H  1 6  ? 10.778  -4.372  -5.559  1.00 25.34 ? 5   VAL   d C   1 
ATOM   759  O O   . VAL   H  1 6  ? 11.107  -5.118  -6.490  1.00 27.13 ? 5   VAL   d O   1 
ATOM   760  C CB  . VAL   H  1 6  ? 9.385   -5.904  -4.082  1.00 25.33 ? 5   VAL   d CB  1 
ATOM   761  C CG1 . VAL   H  1 6  ? 10.521  -6.029  -3.079  1.00 26.50 ? 5   VAL   d CG1 1 
ATOM   762  C CG2 . VAL   H  1 6  ? 8.037   -6.076  -3.393  1.00 25.60 ? 5   VAL   d CG2 1 
HETATM 763  N N   . DPR   H  1 7  ? 11.538  -3.308  -5.217  1.00 29.29 ? 6   DPR   d N   1 
HETATM 764  C CA  . DPR   H  1 7  ? 12.712  -2.922  -6.001  1.00 28.51 ? 6   DPR   d CA  1 
HETATM 765  C CB  . DPR   H  1 7  ? 13.113  -1.559  -5.422  1.00 28.64 ? 6   DPR   d CB  1 
HETATM 766  C CG  . DPR   H  1 7  ? 12.578  -1.586  -4.001  1.00 28.54 ? 6   DPR   d CG  1 
HETATM 767  C CD  . DPR   H  1 7  ? 11.302  -2.395  -4.087  1.00 27.15 ? 6   DPR   d CD  1 
HETATM 768  C C   . DPR   H  1 7  ? 12.355  -2.791  -7.478  1.00 28.39 ? 6   DPR   d C   1 
HETATM 769  O O   . DPR   H  1 7  ? 11.428  -2.067  -7.843  1.00 24.70 ? 6   DPR   d O   1 
ATOM   770  N N   . PRO   H  1 8  ? 13.036  -3.528  -8.373  1.00 31.56 ? 7   PRO   d N   1 
ATOM   771  C CA  . PRO   H  1 8  ? 12.712  -3.488  -9.796  1.00 30.81 ? 7   PRO   d CA  1 
ATOM   772  C C   . PRO   H  1 8  ? 11.549  -4.370  -10.247 1.00 29.03 ? 7   PRO   d C   1 
ATOM   773  O O   . PRO   H  1 8  ? 11.136  -4.294  -11.405 1.00 30.43 ? 7   PRO   d O   1 
ATOM   774  C CB  . PRO   H  1 8  ? 14.010  -4.017  -10.428 1.00 29.84 ? 7   PRO   d CB  1 
ATOM   775  C CG  . PRO   H  1 8  ? 14.511  -5.020  -9.428  1.00 30.64 ? 7   PRO   d CG  1 
ATOM   776  C CD  . PRO   H  1 8  ? 14.138  -4.457  -8.068  1.00 34.23 ? 7   PRO   d CD  1 
ATOM   777  N N   . THR   H  1 9  ? 11.058  -5.237  -9.355  1.00 26.16 ? 8   THR   d N   1 
ATOM   778  C CA  . THR   H  1 9  ? 10.188  -6.328  -9.763  1.00 28.41 ? 8   THR   d CA  1 
ATOM   779  C C   . THR   H  1 9  ? 8.722   -5.925  -9.621  1.00 25.00 ? 8   THR   d C   1 
ATOM   780  O O   . THR   H  1 9  ? 8.217   -5.859  -8.500  1.00 22.11 ? 8   THR   d O   1 
ATOM   781  C CB  . THR   H  1 9  ? 10.434  -7.611  -8.954  1.00 26.56 ? 8   THR   d CB  1 
ATOM   782  O OG1 . THR   H  1 9  ? 11.832  -7.921  -8.922  1.00 30.22 ? 8   THR   d OG1 1 
ATOM   783  C CG2 . THR   H  1 9  ? 9.651   -8.779  -9.516  1.00 30.29 ? 8   THR   d CG2 1 
ATOM   784  N N   . LYS   H  1 10 ? 8.049   -5.739  -10.763 1.00 24.49 ? 9   LYS   d N   1 
ATOM   785  C CA  . LYS   H  1 10 ? 6.618   -5.442  -10.811 1.00 26.36 ? 9   LYS   d CA  1 
ATOM   786  C C   . LYS   H  1 10 ? 5.805   -6.705  -11.102 1.00 24.20 ? 9   LYS   d C   1 
ATOM   787  O O   . LYS   H  1 10 ? 6.273   -7.508  -11.899 1.00 25.19 ? 9   LYS   d O   1 
ATOM   788  C CB  . LYS   H  1 10 ? 6.276   -4.504  -11.968 1.00 30.64 ? 9   LYS   d CB  1 
ATOM   789  C CG  . LYS   H  1 10 ? 6.935   -3.142  -11.974 1.00 35.68 ? 9   LYS   d CG  1 
ATOM   790  C CD  . LYS   H  1 10 ? 6.420   -2.288  -13.111 1.00 44.36 ? 9   LYS   d CD  1 
ATOM   791  C CE  . LYS   H  1 10 ? 4.902   -2.273  -13.196 1.00 51.76 ? 9   LYS   d CE  1 
ATOM   792  N NZ  . LYS   H  1 10 ? 4.376   -1.079  -13.907 1.00 55.31 ? 9   LYS   d NZ  1 
HETATM 793  N N   . A1A8T H  1 11 ? 4.590   -6.815  -10.514 1.00 20.35 ? 10  A1A8T d N   1 
HETATM 794  C CA  . A1A8T H  1 11 ? 3.629   -7.916  -10.677 1.00 20.10 ? 10  A1A8T d CA  1 
HETATM 795  C C   . A1A8T H  1 11 ? 2.229   -7.350  -10.380 1.00 20.19 ? 10  A1A8T d C   1 
HETATM 796  O O   . A1A8T H  1 11 ? 2.071   -6.176  -10.045 1.00 19.49 ? 10  A1A8T d O   1 
HETATM 797  C CB  . A1A8T H  1 11 ? 3.921   -9.118  -9.732  1.00 21.49 ? 10  A1A8T d CB  1 
HETATM 798  C CG1 . A1A8T H  1 11 ? 5.297   -9.749  -9.903  1.00 22.86 ? 10  A1A8T d CG1 1 
HETATM 799  C CG2 . A1A8T H  1 11 ? 3.723   -8.750  -8.264  1.00 22.36 ? 10  A1A8T d CG2 1 
HETATM 800  C C1  . A1A8T H  1 11 ? 3.503   -8.376  -12.134 1.00 20.19 ? 10  A1A8T d C1  1 
ATOM   801  N N   . LYS   H  1 12 ? 1.171   -8.179  -10.472 1.00 18.73 ? 11  LYS   d N   1 
ATOM   802  C CA  . LYS   H  1 12 ? -0.158  -7.700  -10.147 1.00 19.31 ? 11  LYS   d CA  1 
ATOM   803  C C   . LYS   H  1 12 ? -0.841  -8.782  -9.328  1.00 21.56 ? 11  LYS   d C   1 
ATOM   804  O O   . LYS   H  1 12 ? -0.689  -9.972  -9.644  1.00 18.68 ? 11  LYS   d O   1 
ATOM   805  C CB  . LYS   H  1 12 ? -0.944  -7.371  -11.424 1.00 23.59 ? 11  LYS   d CB  1 
ATOM   806  C CG  . LYS   H  1 12 ? -2.273  -6.666  -11.200 1.00 27.29 ? 11  LYS   d CG  1 
ATOM   807  C CD  . LYS   H  1 12 ? -2.948  -6.112  -12.449 1.00 28.62 ? 11  LYS   d CD  1 
ATOM   808  C CE  . LYS   H  1 12 ? -1.981  -5.501  -13.438 1.00 32.59 ? 11  LYS   d CE  1 
ATOM   809  N NZ  . LYS   H  1 12 ? -2.597  -4.380  -14.185 1.00 41.66 ? 11  LYS   d NZ  1 
ATOM   810  N N   . VAL   H  1 13 ? -1.525  -8.333  -8.266  1.00 20.54 ? 12  VAL   d N   1 
ATOM   811  C CA  . VAL   H  1 13 ? -2.200  -9.221  -7.341  1.00 22.50 ? 12  VAL   d CA  1 
ATOM   812  C C   . VAL   H  1 13 ? -3.641  -8.741  -7.190  1.00 22.53 ? 12  VAL   d C   1 
ATOM   813  O O   . VAL   H  1 13 ? -3.810  -7.644  -6.641  1.00 22.37 ? 12  VAL   d O   1 
ATOM   814  C CB  . VAL   H  1 13 ? -1.482  -9.249  -5.987  1.00 21.49 ? 12  VAL   d CB  1 
ATOM   815  C CG1 . VAL   H  1 13 ? -2.198  -10.153 -4.984  1.00 21.68 ? 12  VAL   d CG1 1 
ATOM   816  C CG2 . VAL   H  1 13 ? -0.023  -9.655  -6.135  1.00 23.05 ? 12  VAL   d CG2 1 
HETATM 817  N N   . ORN   I  1 1  ? -9.133  -18.382 -4.118  1.00 32.60 ? 13  ORN   E N   1 
HETATM 818  C CA  . ORN   I  1 1  ? -7.962  -18.176 -5.019  1.00 29.02 ? 13  ORN   E CA  1 
HETATM 819  C CB  . ORN   I  1 1  ? -8.033  -19.160 -6.189  1.00 29.25 ? 13  ORN   E CB  1 
HETATM 820  C CG  . ORN   I  1 1  ? -7.707  -20.592 -5.785  1.00 27.09 ? 13  ORN   E CG  1 
HETATM 821  C CD  . ORN   I  1 1  ? -6.238  -20.828 -5.495  1.00 24.14 ? 13  ORN   E CD  1 
HETATM 822  N NE  . ORN   I  1 1  ? -5.399  -20.661 -6.664  1.00 21.62 ? 13  ORN   E NE  1 
HETATM 823  C C   . ORN   I  1 1  ? -7.938  -16.722 -5.479  1.00 28.00 ? 13  ORN   E C   1 
HETATM 824  O O   . ORN   I  1 1  ? -8.900  -15.989 -5.267  1.00 26.91 ? 13  ORN   E O   1 
ATOM   825  N N   . VAL   I  1 2  ? -6.818  -16.314 -6.077  1.00 21.64 ? 1   VAL   E N   1 
ATOM   826  C CA  . VAL   I  1 2  ? -6.573  -14.922 -6.414  1.00 21.83 ? 1   VAL   E CA  1 
ATOM   827  C C   . VAL   I  1 2  ? -6.061  -14.854 -7.850  1.00 20.37 ? 1   VAL   E C   1 
ATOM   828  O O   . VAL   I  1 2  ? -5.246  -15.681 -8.277  1.00 18.67 ? 1   VAL   E O   1 
ATOM   829  C CB  . VAL   I  1 2  ? -5.567  -14.301 -5.414  1.00 24.60 ? 1   VAL   E CB  1 
ATOM   830  C CG1 . VAL   I  1 2  ? -4.203  -14.964 -5.468  1.00 27.07 ? 1   VAL   E CG1 1 
ATOM   831  C CG2 . VAL   I  1 2  ? -5.420  -12.794 -5.569  1.00 23.45 ? 1   VAL   E CG2 1 
ATOM   832  N N   . LYS   I  1 3  ? -6.546  -13.858 -8.590  1.00 21.53 ? 2   LYS   E N   1 
ATOM   833  C CA  . LYS   I  1 3  ? -5.962  -13.551 -9.889  1.00 24.12 ? 2   LYS   E CA  1 
ATOM   834  C C   . LYS   I  1 3  ? -4.586  -12.927 -9.668  1.00 21.44 ? 2   LYS   E C   1 
ATOM   835  O O   . LYS   I  1 3  ? -4.420  -12.046 -8.822  1.00 20.47 ? 2   LYS   E O   1 
ATOM   836  C CB  . LYS   I  1 3  ? -6.905  -12.623 -10.656 1.00 25.81 ? 2   LYS   E CB  1 
ATOM   837  C CG  . LYS   I  1 3  ? -8.178  -13.287 -11.138 1.00 29.28 ? 2   LYS   E CG  1 
ATOM   838  C CD  . LYS   I  1 3  ? -9.233  -12.323 -11.613 1.00 33.47 ? 2   LYS   E CD  1 
ATOM   839  C CE  . LYS   I  1 3  ? -10.387 -13.038 -12.279 1.00 36.51 ? 2   LYS   E CE  1 
ATOM   840  N NZ  . LYS   I  1 3  ? -11.088 -12.138 -13.214 1.00 40.30 ? 2   LYS   E NZ  1 
ATOM   841  N N   . VAL   I  1 4  ? -3.585  -13.387 -10.432 1.00 20.81 ? 3   VAL   E N   1 
ATOM   842  C CA  A VAL   I  1 4  ? -2.244  -12.841 -10.331 0.50 21.98 ? 3   VAL   E CA  1 
ATOM   843  C CA  B VAL   I  1 4  ? -2.262  -12.799 -10.341 0.50 21.51 ? 3   VAL   E CA  1 
ATOM   844  C C   . VAL   I  1 4  ? -1.684  -12.663 -11.742 1.00 21.47 ? 3   VAL   E C   1 
ATOM   845  O O   . VAL   I  1 4  ? -2.147  -13.316 -12.694 1.00 19.41 ? 3   VAL   E O   1 
ATOM   846  C CB  A VAL   I  1 4  ? -1.357  -13.729 -9.426  0.50 23.78 ? 3   VAL   E CB  1 
ATOM   847  C CB  B VAL   I  1 4  ? -1.324  -13.589 -9.403  0.50 22.49 ? 3   VAL   E CB  1 
ATOM   848  C CG1 A VAL   I  1 4  ? -0.978  -15.056 -10.077 0.50 23.11 ? 3   VAL   E CG1 1 
ATOM   849  C CG1 B VAL   I  1 4  ? -1.604  -13.277 -7.946  0.50 21.99 ? 3   VAL   E CG1 1 
ATOM   850  C CG2 A VAL   I  1 4  ? -0.110  -13.002 -8.947  0.50 24.70 ? 3   VAL   E CG2 1 
ATOM   851  C CG2 B VAL   I  1 4  ? -1.376  -15.091 -9.639  0.50 22.33 ? 3   VAL   E CG2 1 
ATOM   852  N N   . LYS   I  1 5  ? -0.715  -11.751 -11.858 1.00 20.85 ? 4   LYS   E N   1 
ATOM   853  C CA  . LYS   I  1 5  ? 0.093   -11.668 -13.061 1.00 21.61 ? 4   LYS   E CA  1 
ATOM   854  C C   . LYS   I  1 5  ? 1.521   -11.944 -12.617 1.00 22.73 ? 4   LYS   E C   1 
ATOM   855  O O   . LYS   I  1 5  ? 2.034   -11.220 -11.778 1.00 22.80 ? 4   LYS   E O   1 
ATOM   856  C CB  . LYS   I  1 5  ? 0.014   -10.313 -13.787 1.00 21.72 ? 4   LYS   E CB  1 
ATOM   857  C CG  . LYS   I  1 5  ? 0.814   -10.302 -15.090 1.00 23.76 ? 4   LYS   E CG  1 
ATOM   858  C CD  . LYS   I  1 5  ? 1.001   -8.943  -15.747 1.00 29.45 ? 4   LYS   E CD  1 
ATOM   859  C CE  . LYS   I  1 5  ? -0.315  -8.259  -16.024 1.00 32.19 ? 4   LYS   E CE  1 
ATOM   860  N NZ  . LYS   I  1 5  ? -0.121  -6.980  -16.747 1.00 33.00 ? 4   LYS   E NZ  1 
ATOM   861  N N   . VAL   I  1 6  ? 2.132   -12.990 -13.183 1.00 21.84 ? 5   VAL   E N   1 
ATOM   862  C CA  . VAL   I  1 6  ? 3.501   -13.358 -12.880 1.00 23.06 ? 5   VAL   E CA  1 
ATOM   863  C C   . VAL   I  1 6  ? 4.312   -13.187 -14.146 1.00 22.87 ? 5   VAL   E C   1 
ATOM   864  O O   . VAL   I  1 6  ? 3.979   -13.805 -15.157 1.00 23.19 ? 5   VAL   E O   1 
ATOM   865  C CB  . VAL   I  1 6  ? 3.590   -14.800 -12.357 1.00 24.23 ? 5   VAL   E CB  1 
ATOM   866  C CG1 . VAL   I  1 6  ? 5.026   -15.181 -12.025 1.00 23.96 ? 5   VAL   E CG1 1 
ATOM   867  C CG2 . VAL   I  1 6  ? 2.703   -14.969 -11.138 1.00 25.31 ? 5   VAL   E CG2 1 
HETATM 868  N N   . DPR   I  1 7  ? 5.338   -12.306 -14.155 1.00 28.99 ? 6   DPR   E N   1 
HETATM 869  C CA  . DPR   I  1 7  ? 5.929   -11.844 -15.406 1.00 29.78 ? 6   DPR   E CA  1 
HETATM 870  C CB  . DPR   I  1 7  ? 6.974   -10.800 -14.978 1.00 34.34 ? 6   DPR   E CB  1 
HETATM 871  C CG  . DPR   I  1 7  ? 6.573   -10.432 -13.570 1.00 34.65 ? 6   DPR   E CG  1 
HETATM 872  C CD  . DPR   I  1 7  ? 5.982   -11.696 -12.983 1.00 32.92 ? 6   DPR   E CD  1 
HETATM 873  C C   . DPR   I  1 7  ? 4.837   -11.273 -16.307 1.00 29.29 ? 6   DPR   E C   1 
HETATM 874  O O   . DPR   I  1 7  ? 3.981   -10.501 -15.866 1.00 31.29 ? 6   DPR   E O   1 
ATOM   875  N N   . PRO   I  1 8  ? 4.789   -11.687 -17.590 1.00 25.99 ? 7   PRO   E N   1 
ATOM   876  C CA  . PRO   I  1 8  ? 3.738   -11.244 -18.491 1.00 26.29 ? 7   PRO   E CA  1 
ATOM   877  C C   . PRO   I  1 8  ? 2.425   -12.019 -18.414 1.00 25.23 ? 7   PRO   E C   1 
ATOM   878  O O   . PRO   I  1 8  ? 1.508   -11.690 -19.146 1.00 24.24 ? 7   PRO   E O   1 
ATOM   879  C CB  . PRO   I  1 8  ? 4.331   -11.540 -19.872 1.00 27.39 ? 7   PRO   E CB  1 
ATOM   880  C CG  . PRO   I  1 8  ? 5.204   -12.739 -19.649 1.00 27.39 ? 7   PRO   E CG  1 
ATOM   881  C CD  . PRO   I  1 8  ? 5.752   -12.578 -18.253 1.00 25.24 ? 7   PRO   E CD  1 
ATOM   882  N N   . THR   I  1 9  ? 2.344   -13.049 -17.555 1.00 23.32 ? 8   THR   E N   1 
ATOM   883  C CA  . THR   I  1 9  ? 1.304   -14.064 -17.667 1.00 21.19 ? 8   THR   E CA  1 
ATOM   884  C C   . THR   I  1 9  ? 0.301   -13.954 -16.518 1.00 21.45 ? 8   THR   E C   1 
ATOM   885  O O   . THR   I  1 9  ? 0.687   -14.035 -15.350 1.00 22.39 ? 8   THR   E O   1 
ATOM   886  C CB  . THR   I  1 9  ? 1.931   -15.456 -17.707 1.00 22.96 ? 8   THR   E CB  1 
ATOM   887  O OG1 . THR   I  1 9  ? 2.744   -15.531 -18.877 1.00 23.16 ? 8   THR   E OG1 1 
ATOM   888  C CG2 . THR   I  1 9  ? 0.912   -16.570 -17.742 1.00 23.83 ? 8   THR   E CG2 1 
ATOM   889  N N   . LYS   I  1 10 ? -0.989  -13.830 -16.871 1.00 19.13 ? 9   LYS   E N   1 
ATOM   890  C CA  . LYS   I  1 10 ? -2.101  -13.816 -15.921 1.00 21.60 ? 9   LYS   E CA  1 
ATOM   891  C C   . LYS   I  1 10 ? -2.611  -15.252 -15.729 1.00 21.85 ? 9   LYS   E C   1 
ATOM   892  O O   . LYS   I  1 10 ? -2.554  -16.040 -16.670 1.00 21.33 ? 9   LYS   E O   1 
ATOM   893  C CB  . LYS   I  1 10 ? -3.267  -12.967 -16.448 1.00 25.56 ? 9   LYS   E CB  1 
ATOM   894  C CG  . LYS   I  1 10 ? -3.101  -11.455 -16.317 1.00 30.88 ? 9   LYS   E CG  1 
ATOM   895  C CD  . LYS   I  1 10 ? -4.375  -10.646 -16.506 1.00 32.97 ? 9   LYS   E CD  1 
ATOM   896  C CE  . LYS   I  1 10 ? -4.623  -10.186 -17.926 1.00 39.96 ? 9   LYS   E CE  1 
ATOM   897  N NZ  . LYS   I  1 10 ? -5.991  -9.620  -18.075 1.00 44.95 ? 9   LYS   E NZ  1 
HETATM 898  N N   . A1A8T I  1 11 ? -3.046  -15.586 -14.509 1.00 19.47 ? 10  A1A8T E N   1 
HETATM 899  C CA  . A1A8T I  1 11 ? -3.609  -16.889 -14.154 1.00 22.19 ? 10  A1A8T E CA  1 
HETATM 900  C C   . A1A8T I  1 11 ? -4.322  -16.662 -12.812 1.00 21.99 ? 10  A1A8T E C   1 
HETATM 901  O O   . A1A8T I  1 11 ? -4.106  -15.635 -12.160 1.00 20.52 ? 10  A1A8T E O   1 
HETATM 902  C CB  . A1A8T I  1 11 ? -2.481  -17.945 -14.084 1.00 26.00 ? 10  A1A8T E CB  1 
HETATM 903  C CG1 . A1A8T I  1 11 ? -1.316  -17.506 -13.207 1.00 26.20 ? 10  A1A8T E CG1 1 
HETATM 904  C CG2 . A1A8T I  1 11 ? -2.953  -19.328 -13.657 1.00 29.97 ? 10  A1A8T E CG2 1 
HETATM 905  C C1  . A1A8T I  1 11 ? -4.657  -17.290 -15.216 1.00 22.23 ? 10  A1A8T E C1  1 
ATOM   906  N N   . LYS   I  1 12 ? -5.157  -17.606 -12.387 1.00 19.61 ? 11  LYS   E N   1 
ATOM   907  C CA  . LYS   I  1 12 ? -5.736  -17.572 -11.054 1.00 20.58 ? 11  LYS   E CA  1 
ATOM   908  C C   . LYS   I  1 12 ? -5.200  -18.755 -10.250 1.00 18.96 ? 11  LYS   E C   1 
ATOM   909  O O   . LYS   I  1 12 ? -5.237  -19.879 -10.747 1.00 20.00 ? 11  LYS   E O   1 
ATOM   910  C CB  . LYS   I  1 12 ? -7.260  -17.647 -11.174 1.00 21.70 ? 11  LYS   E CB  1 
ATOM   911  C CG  . LYS   I  1 12 ? -8.016  -17.417 -9.873  1.00 25.17 ? 11  LYS   E CG  1 
ATOM   912  C CD  . LYS   I  1 12 ? -9.516  -17.216 -10.073 1.00 28.14 ? 11  LYS   E CD  1 
ATOM   913  C CE  . LYS   I  1 12 ? -10.215 -16.871 -8.774  1.00 32.60 ? 11  LYS   E CE  1 
ATOM   914  N NZ  . LYS   I  1 12 ? -11.635 -16.500 -8.996  1.00 34.22 ? 11  LYS   E NZ  1 
ATOM   915  N N   . VAL   I  1 13 ? -4.699  -18.478 -9.034  1.00 16.97 ? 12  VAL   E N   1 
ATOM   916  C CA  . VAL   I  1 13 ? -4.013  -19.434 -8.203  1.00 20.12 ? 12  VAL   E CA  1 
ATOM   917  C C   . VAL   I  1 13 ? -4.799  -19.508 -6.897  1.00 22.61 ? 12  VAL   E C   1 
ATOM   918  O O   . VAL   I  1 13 ? -4.863  -18.473 -6.232  1.00 21.19 ? 12  VAL   E O   1 
ATOM   919  C CB  . VAL   I  1 13 ? -2.555  -19.038 -7.921  1.00 22.23 ? 12  VAL   E CB  1 
ATOM   920  C CG1 . VAL   I  1 13 ? -1.873  -20.007 -6.957  1.00 23.03 ? 12  VAL   E CG1 1 
ATOM   921  C CG2 . VAL   I  1 13 ? -1.761  -18.896 -9.220  1.00 23.53 ? 12  VAL   E CG2 1 
HETATM 922  N N   . ORN   J  1 1  ? 0.705   -21.566 0.740   1.00 29.07 ? 13  ORN   e N   1 
HETATM 923  C CA  . ORN   J  1 1  ? 1.020   -20.779 -0.480  1.00 26.59 ? 13  ORN   e CA  1 
HETATM 924  C CB  . ORN   J  1 1  ? 1.590   -19.408 -0.104  1.00 25.78 ? 13  ORN   e CB  1 
HETATM 925  C CG  . ORN   J  1 1  ? 0.542   -18.464 0.473   1.00 24.97 ? 13  ORN   e CG  1 
HETATM 926  C CD  . ORN   J  1 1  ? -0.536  -18.047 -0.511  1.00 23.06 ? 13  ORN   e CD  1 
HETATM 927  N NE  . ORN   J  1 1  ? -0.015  -17.267 -1.612  1.00 22.10 ? 13  ORN   e NE  1 
HETATM 928  C C   . ORN   J  1 1  ? 1.984   -21.576 -1.348  1.00 24.59 ? 13  ORN   e C   1 
HETATM 929  O O   . ORN   J  1 1  ? 2.716   -22.437 -0.844  1.00 23.86 ? 13  ORN   e O   1 
ATOM   930  N N   . VAL   J  1 2  ? 2.032   -21.220 -2.637  1.00 20.45 ? 1   VAL   e N   1 
ATOM   931  C CA  . VAL   J  1 2  ? 2.799   -21.981 -3.606  1.00 21.26 ? 1   VAL   e CA  1 
ATOM   932  C C   . VAL   J  1 2  ? 3.672   -21.057 -4.467  1.00 22.07 ? 1   VAL   e C   1 
ATOM   933  O O   . VAL   J  1 2  ? 3.352   -19.899 -4.752  1.00 18.63 ? 1   VAL   e O   1 
ATOM   934  C CB  . VAL   J  1 2  ? 1.819   -22.798 -4.474  1.00 24.18 ? 1   VAL   e CB  1 
ATOM   935  C CG1 . VAL   J  1 2  ? 1.045   -21.904 -5.424  1.00 22.70 ? 1   VAL   e CG1 1 
ATOM   936  C CG2 . VAL   J  1 2  ? 2.503   -23.930 -5.224  1.00 27.68 ? 1   VAL   e CG2 1 
ATOM   937  N N   . LYS   J  1 3  ? 4.818   -21.596 -4.863  1.00 19.82 ? 2   LYS   e N   1 
ATOM   938  C CA  . LYS   J  1 3  ? 5.667   -20.951 -5.841  1.00 22.03 ? 2   LYS   e CA  1 
ATOM   939  C C   . LYS   J  1 3  ? 4.971   -20.927 -7.204  1.00 22.59 ? 2   LYS   e C   1 
ATOM   940  O O   . LYS   J  1 3  ? 4.422   -21.928 -7.655  1.00 21.00 ? 2   LYS   e O   1 
ATOM   941  C CB  . LYS   J  1 3  ? 6.956   -21.756 -5.961  1.00 25.28 ? 2   LYS   e CB  1 
ATOM   942  C CG  . LYS   J  1 3  ? 7.951   -21.165 -6.943  1.00 30.34 ? 2   LYS   e CG  1 
ATOM   943  C CD  . LYS   J  1 3  ? 9.295   -21.850 -6.853  1.00 37.58 ? 2   LYS   e CD  1 
ATOM   944  C CE  . LYS   J  1 3  ? 10.273  -21.409 -7.920  1.00 41.00 ? 2   LYS   e CE  1 
ATOM   945  N NZ  . LYS   J  1 3  ? 11.521  -22.193 -7.814  1.00 45.12 ? 2   LYS   e NZ  1 
ATOM   946  N N   . VAL   J  1 4  ? 5.003   -19.771 -7.865  1.00 20.02 ? 3   VAL   e N   1 
ATOM   947  C CA  . VAL   J  1 4  ? 4.499   -19.630 -9.217  1.00 20.02 ? 3   VAL   e CA  1 
ATOM   948  C C   . VAL   J  1 4  ? 5.647   -19.091 -10.053 1.00 20.79 ? 3   VAL   e C   1 
ATOM   949  O O   . VAL   J  1 4  ? 6.320   -18.170 -9.596  1.00 20.76 ? 3   VAL   e O   1 
ATOM   950  C CB  . VAL   J  1 4  ? 3.293   -18.689 -9.283  1.00 22.40 ? 3   VAL   e CB  1 
ATOM   951  C CG1 . VAL   J  1 4  ? 2.711   -18.683 -10.686 1.00 24.04 ? 3   VAL   e CG1 1 
ATOM   952  C CG2 . VAL   J  1 4  ? 2.238   -19.060 -8.246  1.00 22.82 ? 3   VAL   e CG2 1 
ATOM   953  N N   . LYS   J  1 5  ? 5.947   -19.774 -11.175 1.00 18.87 ? 4   LYS   e N   1 
ATOM   954  C CA  . LYS   J  1 5  ? 7.130   -19.452 -11.959 1.00 21.82 ? 4   LYS   e CA  1 
ATOM   955  C C   . LYS   J  1 5  ? 6.750   -19.334 -13.436 1.00 22.76 ? 4   LYS   e C   1 
ATOM   956  O O   . LYS   J  1 5  ? 6.096   -20.219 -14.003 1.00 21.96 ? 4   LYS   e O   1 
ATOM   957  C CB  . LYS   J  1 5  ? 8.193   -20.536 -11.742 1.00 24.73 ? 4   LYS   e CB  1 
ATOM   958  C CG  . LYS   J  1 5  ? 9.523   -20.256 -12.414 1.00 29.60 ? 4   LYS   e CG  1 
ATOM   959  C CD  . LYS   J  1 5  ? 10.675  -21.097 -11.920 1.00 35.65 ? 4   LYS   e CD  1 
ATOM   960  C CE  . LYS   J  1 5  ? 11.941  -20.801 -12.702 1.00 42.60 ? 4   LYS   e CE  1 
ATOM   961  N NZ  . LYS   J  1 5  ? 13.127  -21.482 -12.130 1.00 48.06 ? 4   LYS   e NZ  1 
ATOM   962  N N   . VAL   J  1 6  ? 7.160   -18.230 -14.060 1.00 20.53 ? 5   VAL   e N   1 
ATOM   963  C CA  . VAL   J  1 6  ? 6.967   -18.052 -15.483 1.00 21.66 ? 5   VAL   e CA  1 
ATOM   964  C C   . VAL   J  1 6  ? 8.362   -17.864 -16.082 1.00 23.85 ? 5   VAL   e C   1 
ATOM   965  O O   . VAL   J  1 6  ? 9.015   -16.845 -15.839 1.00 20.93 ? 5   VAL   e O   1 
ATOM   966  C CB  . VAL   J  1 6  ? 6.013   -16.886 -15.794 1.00 21.37 ? 5   VAL   e CB  1 
ATOM   967  C CG1 . VAL   J  1 6  ? 5.879   -16.634 -17.268 1.00 21.28 ? 5   VAL   e CG1 1 
ATOM   968  C CG2 . VAL   J  1 6  ? 4.631   -17.091 -15.182 1.00 21.78 ? 5   VAL   e CG2 1 
HETATM 969  N N   . DPR   J  1 7  ? 8.904   -18.897 -16.758 1.00 27.71 ? 6   DPR   e N   1 
HETATM 970  C CA  . DPR   J  1 7  ? 10.283  -18.855 -17.238 1.00 29.59 ? 6   DPR   e CA  1 
HETATM 971  C CB  . DPR   J  1 7  ? 10.594  -20.276 -17.755 1.00 32.45 ? 6   DPR   e CB  1 
HETATM 972  C CG  . DPR   J  1 7  ? 9.241   -20.954 -17.902 1.00 34.39 ? 6   DPR   e CG  1 
HETATM 973  C CD  . DPR   J  1 7  ? 8.254   -20.193 -17.032 1.00 34.00 ? 6   DPR   e CD  1 
HETATM 974  C C   . DPR   J  1 7  ? 11.168  -18.514 -16.044 1.00 26.41 ? 6   DPR   e C   1 
HETATM 975  O O   . DPR   J  1 7  ? 11.013  -19.114 -14.985 1.00 30.38 ? 6   DPR   e O   1 
ATOM   976  N N   . PRO   J  1 8  ? 12.113  -17.558 -16.152 1.00 23.56 ? 7   PRO   e N   1 
ATOM   977  C CA  . PRO   J  1 8  ? 13.036  -17.329 -15.054 1.00 25.37 ? 7   PRO   e CA  1 
ATOM   978  C C   . PRO   J  1 8  ? 12.368  -16.706 -13.828 1.00 28.56 ? 7   PRO   e C   1 
ATOM   979  O O   . PRO   J  1 8  ? 12.881  -16.933 -12.738 1.00 32.83 ? 7   PRO   e O   1 
ATOM   980  C CB  . PRO   J  1 8  ? 14.125  -16.446 -15.665 1.00 23.95 ? 7   PRO   e CB  1 
ATOM   981  C CG  . PRO   J  1 8  ? 13.469  -15.759 -16.828 1.00 25.49 ? 7   PRO   e CG  1 
ATOM   982  C CD  . PRO   J  1 8  ? 12.429  -16.742 -17.343 1.00 21.77 ? 7   PRO   e CD  1 
ATOM   983  N N   . THR   J  1 9  ? 11.206  -16.028 -13.983 1.00 25.23 ? 8   THR   e N   1 
ATOM   984  C CA  . THR   J  1 9  ? 10.625  -15.227 -12.906 1.00 26.48 ? 8   THR   e CA  1 
ATOM   985  C C   . THR   J  1 9  ? 9.760   -16.076 -11.972 1.00 27.95 ? 8   THR   e C   1 
ATOM   986  O O   . THR   J  1 9  ? 8.847   -16.763 -12.421 1.00 20.58 ? 8   THR   e O   1 
ATOM   987  C CB  . THR   J  1 9  ? 9.749   -14.062 -13.380 1.00 29.63 ? 8   THR   e CB  1 
ATOM   988  O OG1 . THR   J  1 9  ? 10.315  -13.475 -14.545 1.00 34.55 ? 8   THR   e OG1 1 
ATOM   989  C CG2 . THR   J  1 9  ? 9.599   -12.983 -12.326 1.00 32.49 ? 8   THR   e CG2 1 
ATOM   990  N N   . LYS   J  1 10 ? 10.057  -15.993 -10.669 1.00 28.14 ? 9   LYS   e N   1 
ATOM   991  C CA  . LYS   J  1 10 ? 9.311   -16.699 -9.640  1.00 31.43 ? 9   LYS   e CA  1 
ATOM   992  C C   . LYS   J  1 10 ? 8.804   -15.684 -8.615  1.00 33.49 ? 9   LYS   e C   1 
ATOM   993  O O   . LYS   J  1 10 ? 9.318   -14.552 -8.534  1.00 33.87 ? 9   LYS   e O   1 
ATOM   994  C CB  . LYS   J  1 10 ? 10.170  -17.779 -8.969  1.00 35.90 ? 9   LYS   e CB  1 
ATOM   995  C CG  . LYS   J  1 10 ? 11.068  -17.271 -7.851  1.00 41.94 ? 9   LYS   e CG  1 
ATOM   996  C CD  . LYS   J  1 10 ? 12.202  -18.203 -7.458  1.00 45.99 ? 9   LYS   e CD  1 
ATOM   997  C CE  . LYS   J  1 10 ? 13.319  -17.445 -6.771  1.00 45.80 ? 9   LYS   e CE  1 
ATOM   998  N NZ  . LYS   J  1 10 ? 14.159  -18.343 -5.950  1.00 48.36 ? 9   LYS   e NZ  1 
HETATM 999  N N   . A1A8T J  1 11 ? 7.746   -16.114 -7.903  1.00 27.92 ? 10  A1A8T e N   1 
HETATM 1000 C CA  . A1A8T J  1 11 ? 7.131   -15.433 -6.772  1.00 25.44 ? 10  A1A8T e CA  1 
HETATM 1001 C C   . A1A8T J  1 11 ? 6.462   -16.528 -5.954  1.00 21.76 ? 10  A1A8T e C   1 
HETATM 1002 O O   . A1A8T J  1 11 ? 6.632   -17.709 -6.258  1.00 22.76 ? 10  A1A8T e O   1 
HETATM 1003 C CB  . A1A8T J  1 11 ? 6.086   -14.400 -7.224  1.00 24.42 ? 10  A1A8T e CB  1 
HETATM 1004 C CG1 . A1A8T J  1 11 ? 6.691   -13.300 -8.086  1.00 28.05 ? 10  A1A8T e CG1 1 
HETATM 1005 C CG2 . A1A8T J  1 11 ? 4.924   -15.073 -7.931  1.00 25.17 ? 10  A1A8T e CG2 1 
HETATM 1006 C C1  . A1A8T J  1 11 ? 8.171   -14.796 -5.858  1.00 26.55 ? 10  A1A8T e C1  1 
ATOM   1007 N N   . LYS   J  1 12 ? 5.719   -16.136 -4.918  1.00 19.77 ? 11  LYS   e N   1 
ATOM   1008 C CA  . LYS   J  1 12 ? 4.945   -17.072 -4.131  1.00 18.78 ? 11  LYS   e CA  1 
ATOM   1009 C C   . LYS   J  1 12 ? 3.596   -16.444 -3.795  1.00 18.35 ? 11  LYS   e C   1 
ATOM   1010 O O   . LYS   J  1 12 ? 3.538   -15.266 -3.451  1.00 19.02 ? 11  LYS   e O   1 
ATOM   1011 C CB  . LYS   J  1 12 ? 5.755   -17.470 -2.892  1.00 21.15 ? 11  LYS   e CB  1 
ATOM   1012 C CG  . LYS   J  1 12 ? 5.263   -18.720 -2.190  1.00 24.71 ? 11  LYS   e CG  1 
ATOM   1013 C CD  . LYS   J  1 12 ? 6.050   -18.986 -0.932  1.00 30.92 ? 11  LYS   e CD  1 
ATOM   1014 C CE  . LYS   J  1 12 ? 5.641   -20.270 -0.241  1.00 32.67 ? 11  LYS   e CE  1 
ATOM   1015 N NZ  . LYS   J  1 12 ? 6.187   -20.333 1.137   1.00 38.15 ? 11  LYS   e NZ  1 
ATOM   1016 N N   . VAL   J  1 13 ? 2.515   -17.232 -3.960  1.00 17.19 ? 12  VAL   e N   1 
ATOM   1017 C CA  . VAL   J  1 13 ? 1.154   -16.802 -3.729  1.00 18.96 ? 12  VAL   e CA  1 
ATOM   1018 C C   . VAL   J  1 13 ? 0.450   -17.762 -2.746  1.00 20.70 ? 12  VAL   e C   1 
ATOM   1019 O O   . VAL   J  1 13 ? 0.389   -18.953 -3.056  1.00 15.58 ? 12  VAL   e O   1 
ATOM   1020 C CB  . VAL   J  1 13 ? 0.402   -16.769 -5.070  1.00 22.39 ? 12  VAL   e CB  1 
ATOM   1021 C CG1 . VAL   J  1 13 ? -1.022  -16.305 -4.868  1.00 24.37 ? 12  VAL   e CG1 1 
ATOM   1022 C CG2 . VAL   J  1 13 ? 1.134   -15.901 -6.087  1.00 22.90 ? 12  VAL   e CG2 1 
HETATM 1023 N N   . ORN   K  1 1  ? 0.359   23.415  20.256  1.00 27.42 ? 13  ORN   F N   1 
HETATM 1024 C CA  . ORN   K  1 1  ? -0.172  23.669  18.894  1.00 26.07 ? 13  ORN   F CA  1 
HETATM 1025 C CB  . ORN   K  1 1  ? -0.878  22.416  18.395  1.00 23.41 ? 13  ORN   F CB  1 
HETATM 1026 C CG  . ORN   K  1 1  ? 0.076   21.285  18.071  1.00 22.72 ? 13  ORN   F CG  1 
HETATM 1027 C CD  . ORN   K  1 1  ? 0.965   21.583  16.875  1.00 19.79 ? 13  ORN   F CD  1 
HETATM 1028 N NE  . ORN   K  1 1  ? 0.238   21.786  15.639  1.00 19.11 ? 13  ORN   F NE  1 
HETATM 1029 C C   . ORN   K  1 1  ? -1.121  24.855  18.951  1.00 25.63 ? 13  ORN   F C   1 
HETATM 1030 O O   . ORN   K  1 1  ? -1.589  25.209  20.022  1.00 21.53 ? 13  ORN   F O   1 
ATOM   1031 N N   . VAL   K  1 2  ? -1.388  25.456  17.799  1.00 22.96 ? 1   VAL   F N   1 
ATOM   1032 C CA  . VAL   K  1 2  ? -2.172  26.677  17.761  1.00 20.46 ? 1   VAL   F CA  1 
ATOM   1033 C C   . VAL   K  1 2  ? -3.083  26.638  16.539  1.00 19.07 ? 1   VAL   F C   1 
ATOM   1034 O O   . VAL   K  1 2  ? -2.759  26.055  15.515  1.00 17.30 ? 1   VAL   F O   1 
ATOM   1035 C CB  . VAL   K  1 2  ? -1.252  27.911  17.761  1.00 20.99 ? 1   VAL   F CB  1 
ATOM   1036 C CG1 . VAL   K  1 2  ? -0.478  28.029  16.467  1.00 23.74 ? 1   VAL   F CG1 1 
ATOM   1037 C CG2 . VAL   K  1 2  ? -2.034  29.181  18.026  1.00 24.54 ? 1   VAL   F CG2 1 
ATOM   1038 N N   . LYS   K  1 3  ? -4.276  27.182  16.719  1.00 20.94 ? 2   LYS   F N   1 
ATOM   1039 C CA  . LYS   K  1 3  ? -5.214  27.393  15.638  1.00 24.84 ? 2   LYS   F CA  1 
ATOM   1040 C C   . LYS   K  1 3  ? -4.647  28.509  14.753  1.00 24.79 ? 2   LYS   F C   1 
ATOM   1041 O O   . LYS   K  1 3  ? -4.260  29.555  15.273  1.00 25.14 ? 2   LYS   F O   1 
ATOM   1042 C CB  . LYS   K  1 3  ? -6.562  27.783  16.255  1.00 29.50 ? 2   LYS   F CB  1 
ATOM   1043 C CG  . LYS   K  1 3  ? -7.797  27.077  15.714  1.00 36.89 ? 2   LYS   F CG  1 
ATOM   1044 C CD  . LYS   K  1 3  ? -7.757  25.565  15.815  1.00 39.56 ? 2   LYS   F CD  1 
ATOM   1045 C CE  . LYS   K  1 3  ? -9.091  24.852  15.627  1.00 37.76 ? 2   LYS   F CE  1 
ATOM   1046 N NZ  . LYS   K  1 3  ? -9.701  25.086  14.299  1.00 33.79 ? 2   LYS   F NZ  1 
ATOM   1047 N N   . VAL   K  1 4  ? -4.573  28.271  13.441  1.00 22.35 ? 3   VAL   F N   1 
ATOM   1048 C CA  . VAL   K  1 4  ? -4.215  29.315  12.497  1.00 24.68 ? 3   VAL   F CA  1 
ATOM   1049 C C   . VAL   K  1 4  ? -5.321  29.448  11.443  1.00 26.04 ? 3   VAL   F C   1 
ATOM   1050 O O   . VAL   K  1 4  ? -6.000  28.485  11.066  1.00 24.26 ? 3   VAL   F O   1 
ATOM   1051 C CB  . VAL   K  1 4  ? -2.845  29.057  11.843  1.00 26.11 ? 3   VAL   F CB  1 
ATOM   1052 C CG1 . VAL   K  1 4  ? -1.774  28.782  12.887  1.00 27.08 ? 3   VAL   F CG1 1 
ATOM   1053 C CG2 . VAL   K  1 4  ? -2.898  27.919  10.840  1.00 24.96 ? 3   VAL   F CG2 1 
ATOM   1054 N N   . LYS   K  1 5  ? -5.471  30.670  10.942  1.00 25.90 ? 4   LYS   F N   1 
ATOM   1055 C CA  . LYS   K  1 5  ? -6.455  30.936  9.913   1.00 28.13 ? 4   LYS   F CA  1 
ATOM   1056 C C   . LYS   K  1 5  ? -5.818  31.828  8.876   1.00 29.05 ? 4   LYS   F C   1 
ATOM   1057 O O   . LYS   K  1 5  ? -5.230  32.853  9.232   1.00 24.72 ? 4   LYS   F O   1 
ATOM   1058 C CB  . LYS   K  1 5  ? -7.704  31.653  10.446  1.00 29.53 ? 4   LYS   F CB  1 
ATOM   1059 C CG  . LYS   K  1 5  ? -8.264  31.130  11.755  1.00 32.56 ? 4   LYS   F CG  1 
ATOM   1060 C CD  . LYS   K  1 5  ? -7.573  31.742  12.960  1.00 35.93 ? 4   LYS   F CD  1 
ATOM   1061 C CE  . LYS   K  1 5  ? -7.830  31.028  14.259  1.00 32.48 ? 4   LYS   F CE  1 
ATOM   1062 N NZ  . LYS   K  1 5  ? -9.268  30.759  14.471  1.00 38.24 ? 4   LYS   F NZ  1 
ATOM   1063 N N   . VAL   K  1 6  ? -6.060  31.474  7.608   1.00 34.30 ? 5   VAL   F N   1 
ATOM   1064 C CA  . VAL   K  1 6  ? -5.902  32.421  6.512   1.00 40.80 ? 5   VAL   F CA  1 
ATOM   1065 C C   . VAL   K  1 6  ? -7.247  32.718  5.847   1.00 44.10 ? 5   VAL   F C   1 
ATOM   1066 O O   . VAL   K  1 6  ? -7.760  31.907  5.091   1.00 43.33 ? 5   VAL   F O   1 
ATOM   1067 C CB  . VAL   K  1 6  ? -4.921  31.851  5.488   1.00 37.69 ? 5   VAL   F CB  1 
ATOM   1068 C CG1 . VAL   K  1 6  ? -4.630  32.893  4.418   1.00 38.10 ? 5   VAL   F CG1 1 
ATOM   1069 C CG2 . VAL   K  1 6  ? -3.665  31.337  6.187   1.00 35.98 ? 5   VAL   F CG2 1 
HETATM 1070 N N   . DPR   K  1 7  ? -7.914  33.862  6.095   1.00 51.73 ? 6   DPR   F N   1 
HETATM 1071 C CA  . DPR   K  1 7  ? -9.134  34.143  5.345   1.00 51.15 ? 6   DPR   F CA  1 
HETATM 1072 C CB  . DPR   K  1 7  ? -9.759  35.322  6.116   1.00 51.79 ? 6   DPR   F CB  1 
HETATM 1073 C CG  . DPR   K  1 7  ? -9.132  35.230  7.496   1.00 52.08 ? 6   DPR   F CG  1 
HETATM 1074 C CD  . DPR   K  1 7  ? -7.705  34.803  7.207   1.00 51.99 ? 6   DPR   F CD  1 
HETATM 1075 C C   . DPR   K  1 7  ? -9.911  32.831  5.415   1.00 49.88 ? 6   DPR   F C   1 
HETATM 1076 O O   . DPR   K  1 7  ? -10.347 32.465  6.510   1.00 42.05 ? 6   DPR   F O   1 
ATOM   1077 N N   . PRO   K  1 8  ? -9.966  32.002  4.331   1.00 52.59 ? 7   PRO   F N   1 
ATOM   1078 C CA  . PRO   K  1 8  ? -10.930 30.907  4.254   1.00 49.31 ? 7   PRO   F CA  1 
ATOM   1079 C C   . PRO   K  1 8  ? -10.511 29.693  5.084   1.00 39.98 ? 7   PRO   F C   1 
ATOM   1080 O O   . PRO   K  1 8  ? -11.362 29.083  5.728   1.00 47.93 ? 7   PRO   F O   1 
ATOM   1081 C CB  . PRO   K  1 8  ? -11.005 30.552  2.757   1.00 46.79 ? 7   PRO   F CB  1 
ATOM   1082 C CG  . PRO   K  1 8  ? -9.937  31.395  2.074   1.00 48.64 ? 7   PRO   F CG  1 
ATOM   1083 C CD  . PRO   K  1 8  ? -9.056  31.958  3.171   1.00 47.77 ? 7   PRO   F CD  1 
ATOM   1084 N N   . THR   K  1 9  ? -9.211  29.359  5.092   1.00 39.00 ? 8   THR   F N   1 
ATOM   1085 C CA  . THR   K  1 9  ? -8.770  28.100  5.683   1.00 33.02 ? 8   THR   F CA  1 
ATOM   1086 C C   . THR   K  1 9  ? -8.263  28.306  7.107   1.00 30.55 ? 8   THR   F C   1 
ATOM   1087 O O   . THR   K  1 9  ? -7.325  29.076  7.331   1.00 26.82 ? 8   THR   F O   1 
ATOM   1088 C CB  . THR   K  1 9  ? -7.715  27.416  4.814   1.00 33.34 ? 8   THR   F CB  1 
ATOM   1089 O OG1 . THR   K  1 9  ? -8.342  27.363  3.533   1.00 34.37 ? 8   THR   F OG1 1 
ATOM   1090 C CG2 . THR   K  1 9  ? -7.333  26.028  5.282   1.00 32.95 ? 8   THR   F CG2 1 
ATOM   1091 N N   . LYS   K  1 10 ? -8.870  27.555  8.035   1.00 24.93 ? 9   LYS   F N   1 
ATOM   1092 C CA  . LYS   K  1 10 ? -8.322  27.360  9.363   1.00 24.64 ? 9   LYS   F CA  1 
ATOM   1093 C C   . LYS   K  1 10 ? -7.946  25.887  9.572   1.00 21.81 ? 9   LYS   F C   1 
ATOM   1094 O O   . LYS   K  1 10 ? -8.403  24.996  8.855   1.00 20.48 ? 9   LYS   F O   1 
ATOM   1095 C CB  . LYS   K  1 10 ? -9.316  27.868  10.401  1.00 29.98 ? 9   LYS   F CB  1 
ATOM   1096 C CG  . LYS   K  1 10 ? -10.627 27.102  10.473  1.00 35.93 ? 9   LYS   F CG  1 
ATOM   1097 C CD  . LYS   K  1 10 ? -11.830 27.994  10.745  1.00 39.21 ? 9   LYS   F CD  1 
ATOM   1098 C CE  . LYS   K  1 10 ? -13.019 27.175  11.206  1.00 43.91 ? 9   LYS   F CE  1 
ATOM   1099 N NZ  . LYS   K  1 10 ? -14.218 28.007  11.453  1.00 45.43 ? 9   LYS   F NZ  1 
HETATM 1100 N N   . A1A8T K  1 11 ? -7.072  25.668  10.559  1.00 19.80 ? 10  A1A8T F N   1 
HETATM 1101 C CA  . A1A8T K  1 11 ? -6.601  24.354  10.958  1.00 21.00 ? 10  A1A8T F CA  1 
HETATM 1102 C C   . A1A8T K  1 11 ? -5.804  24.579  12.243  1.00 18.77 ? 10  A1A8T F C   1 
HETATM 1103 O O   . A1A8T K  1 11 ? -5.351  25.682  12.468  1.00 18.87 ? 10  A1A8T F O   1 
HETATM 1104 C CB  . A1A8T K  1 11 ? -5.712  23.752  9.850   1.00 20.97 ? 10  A1A8T F CB  1 
HETATM 1105 C CG1 . A1A8T K  1 11 ? -4.523  24.655  9.502   1.00 21.10 ? 10  A1A8T F CG1 1 
HETATM 1106 C CG2 . A1A8T K  1 11 ? -5.210  22.362  10.187  1.00 20.90 ? 10  A1A8T F CG2 1 
HETATM 1107 C C1  . A1A8T K  1 11 ? -7.874  23.512  11.219  1.00 22.36 ? 10  A1A8T F C1  1 
ATOM   1108 N N   . LYS   K  1 12 ? -5.602  23.546  13.076  1.00 18.75 ? 11  LYS   F N   1 
ATOM   1109 C CA  . LYS   K  1 12 ? -4.745  23.653  14.245  1.00 20.36 ? 11  LYS   F CA  1 
ATOM   1110 C C   . LYS   K  1 12 ? -3.465  22.863  13.983  1.00 22.23 ? 11  LYS   F C   1 
ATOM   1111 O O   . LYS   K  1 12 ? -3.527  21.696  13.601  1.00 18.16 ? 11  LYS   F O   1 
ATOM   1112 C CB  . LYS   K  1 12 ? -5.485  23.102  15.470  1.00 22.64 ? 11  LYS   F CB  1 
ATOM   1113 C CG  . LYS   K  1 12 ? -4.769  23.299  16.789  1.00 25.43 ? 11  LYS   F CG  1 
ATOM   1114 C CD  . LYS   K  1 12 ? -5.625  22.963  17.985  1.00 26.12 ? 11  LYS   F CD  1 
ATOM   1115 C CE  . LYS   K  1 12 ? -4.885  23.170  19.290  1.00 29.32 ? 11  LYS   F CE  1 
ATOM   1116 N NZ  . LYS   K  1 12 ? -5.750  22.834  20.448  1.00 33.89 ? 11  LYS   F NZ  1 
ATOM   1117 N N   . VAL   K  1 13 ? -2.311  23.526  14.154  1.00 22.74 ? 12  VAL   F N   1 
ATOM   1118 C CA  . VAL   K  1 13 ? -1.042  22.884  13.906  1.00 21.54 ? 12  VAL   F CA  1 
ATOM   1119 C C   . VAL   K  1 13 ? -0.200  22.933  15.186  1.00 21.04 ? 12  VAL   F C   1 
ATOM   1120 O O   . VAL   K  1 13 ? -0.061  23.999  15.736  1.00 24.60 ? 12  VAL   F O   1 
ATOM   1121 C CB  . VAL   K  1 13 ? -0.327  23.460  12.671  1.00 27.18 ? 12  VAL   F CB  1 
ATOM   1122 C CG1 . VAL   K  1 13 ? -1.059  23.115  11.380  1.00 28.92 ? 12  VAL   F CG1 1 
ATOM   1123 C CG2 . VAL   K  1 13 ? -0.135  24.955  12.782  1.00 27.06 ? 12  VAL   F CG2 1 
HETATM 1124 N N   . ORN   L  1 1  ? 7.467   -28.206 -8.185  1.00 40.60 ? 13  ORN   f N   1 
HETATM 1125 C CA  . ORN   L  1 1  ? 6.269   -27.654 -8.870  1.00 38.64 ? 13  ORN   f CA  1 
HETATM 1126 C CB  . ORN   L  1 1  ? 6.412   -26.133 -8.924  1.00 36.76 ? 13  ORN   f CB  1 
HETATM 1127 C CG  . ORN   L  1 1  ? 6.166   -25.467 -7.582  1.00 35.88 ? 13  ORN   f CG  1 
HETATM 1128 C CD  . ORN   L  1 1  ? 4.690   -25.389 -7.249  1.00 36.26 ? 13  ORN   f CD  1 
HETATM 1129 N NE  . ORN   L  1 1  ? 3.955   -24.581 -8.192  1.00 34.18 ? 13  ORN   f NE  1 
HETATM 1130 C C   . ORN   L  1 1  ? 6.150   -28.282 -10.256 1.00 36.78 ? 13  ORN   f C   1 
HETATM 1131 O O   . ORN   L  1 1  ? 7.080   -28.941 -10.710 1.00 38.21 ? 13  ORN   f O   1 
ATOM   1132 N N   . VAL   L  1 2  ? 5.060   -27.980 -10.960 1.00 38.80 ? 1   VAL   f N   1 
ATOM   1133 C CA  . VAL   L  1 2  ? 4.833   -28.597 -12.256 1.00 37.02 ? 1   VAL   f CA  1 
ATOM   1134 C C   . VAL   L  1 2  ? 4.308   -27.592 -13.286 1.00 31.83 ? 1   VAL   f C   1 
ATOM   1135 O O   . VAL   L  1 2  ? 3.486   -26.710 -13.020 1.00 28.94 ? 1   VAL   f O   1 
ATOM   1136 C CB  . VAL   L  1 2  ? 3.874   -29.793 -12.117 1.00 39.28 ? 1   VAL   f CB  1 
ATOM   1137 C CG1 . VAL   L  1 2  ? 2.473   -29.340 -11.728 1.00 38.11 ? 1   VAL   f CG1 1 
ATOM   1138 C CG2 . VAL   L  1 2  ? 3.842   -30.635 -13.384 1.00 39.16 ? 1   VAL   f CG2 1 
ATOM   1139 N N   . LYS   L  1 3  ? 4.773   -27.835 -14.510 1.00 34.69 ? 2   LYS   f N   1 
ATOM   1140 C CA  . LYS   L  1 3  ? 4.392   -27.122 -15.707 1.00 32.06 ? 2   LYS   f CA  1 
ATOM   1141 C C   . LYS   L  1 3  ? 2.955   -27.524 -16.081 1.00 30.15 ? 2   LYS   f C   1 
ATOM   1142 O O   . LYS   L  1 3  ? 2.613   -28.705 -16.089 1.00 27.74 ? 2   LYS   f O   1 
ATOM   1143 C CB  . LYS   L  1 3  ? 5.442   -27.456 -16.774 1.00 37.73 ? 2   LYS   f CB  1 
ATOM   1144 C CG  . LYS   L  1 3  ? 6.905   -27.397 -16.339 1.00 41.71 ? 2   LYS   f CG  1 
ATOM   1145 C CD  . LYS   L  1 3  ? 7.484   -28.727 -15.846 1.00 49.41 ? 2   LYS   f CD  1 
ATOM   1146 C CE  . LYS   L  1 3  ? 8.926   -28.632 -15.379 1.00 52.09 ? 2   LYS   f CE  1 
ATOM   1147 N NZ  . LYS   L  1 3  ? 9.873   -28.464 -16.506 1.00 56.58 ? 2   LYS   f NZ  1 
ATOM   1148 N N   . VAL   L  1 4  ? 2.101   -26.518 -16.300 1.00 26.96 ? 3   VAL   f N   1 
ATOM   1149 C CA  A VAL   L  1 4  ? 0.739   -26.731 -16.766 0.50 28.62 ? 3   VAL   f CA  1 
ATOM   1150 C CA  B VAL   L  1 4  ? 0.719   -26.683 -16.724 0.50 28.49 ? 3   VAL   f CA  1 
ATOM   1151 C C   . VAL   L  1 4  ? 0.498   -25.805 -17.958 1.00 31.28 ? 3   VAL   f C   1 
ATOM   1152 O O   . VAL   L  1 4  ? 1.014   -24.679 -18.012 1.00 32.74 ? 3   VAL   f O   1 
ATOM   1153 C CB  A VAL   L  1 4  ? -0.314  -26.552 -15.651 0.50 27.85 ? 3   VAL   f CB  1 
ATOM   1154 C CB  B VAL   L  1 4  ? -0.236  -26.318 -15.571 0.50 27.84 ? 3   VAL   f CB  1 
ATOM   1155 C CG1 A VAL   L  1 4  ? -0.318  -25.155 -15.057 0.50 27.65 ? 3   VAL   f CG1 1 
ATOM   1156 C CG1 B VAL   L  1 4  ? -1.690  -26.192 -16.018 0.50 28.76 ? 3   VAL   f CG1 1 
ATOM   1157 C CG2 A VAL   L  1 4  ? -1.720  -26.906 -16.132 0.50 28.38 ? 3   VAL   f CG2 1 
ATOM   1158 C CG2 B VAL   L  1 4  ? -0.120  -27.309 -14.427 0.50 28.03 ? 3   VAL   f CG2 1 
ATOM   1159 N N   . LYS   L  1 5  ? -0.269  -26.302 -18.944 1.00 28.48 ? 4   LYS   f N   1 
ATOM   1160 C CA  . LYS   L  1 5  ? -0.565  -25.519 -20.137 1.00 26.98 ? 4   LYS   f CA  1 
ATOM   1161 C C   . LYS   L  1 5  ? -2.020  -25.734 -20.548 1.00 32.87 ? 4   LYS   f C   1 
ATOM   1162 O O   . LYS   L  1 5  ? -2.503  -26.874 -20.517 1.00 26.84 ? 4   LYS   f O   1 
ATOM   1163 C CB  . LYS   L  1 5  ? 0.384   -25.892 -21.284 1.00 33.24 ? 4   LYS   f CB  1 
ATOM   1164 C CG  . LYS   L  1 5  ? 0.050   -25.256 -22.632 1.00 35.70 ? 4   LYS   f CG  1 
ATOM   1165 C CD  . LYS   L  1 5  ? 1.101   -25.481 -23.706 1.00 38.59 ? 4   LYS   f CD  1 
ATOM   1166 C CE  . LYS   L  1 5  ? 1.126   -24.373 -24.741 1.00 43.18 ? 4   LYS   f CE  1 
ATOM   1167 N NZ  . LYS   L  1 5  ? 2.025   -24.676 -25.884 1.00 42.41 ? 4   LYS   f NZ  1 
ATOM   1168 N N   . VAL   L  1 6  ? -2.679  -24.623 -20.949 1.00 27.98 ? 5   VAL   f N   1 
ATOM   1169 C CA  . VAL   L  1 6  ? -4.063  -24.602 -21.421 1.00 33.07 ? 5   VAL   f CA  1 
ATOM   1170 C C   . VAL   L  1 6  ? -4.230  -23.662 -22.615 1.00 35.68 ? 5   VAL   f C   1 
ATOM   1171 O O   . VAL   L  1 6  ? -4.301  -22.440 -22.452 1.00 35.54 ? 5   VAL   f O   1 
ATOM   1172 C CB  . VAL   L  1 6  ? -5.063  -24.174 -20.341 1.00 31.86 ? 5   VAL   f CB  1 
ATOM   1173 C CG1 . VAL   L  1 6  ? -6.460  -24.150 -20.945 1.00 33.02 ? 5   VAL   f CG1 1 
ATOM   1174 C CG2 . VAL   L  1 6  ? -4.974  -25.067 -19.106 1.00 29.93 ? 5   VAL   f CG2 1 
HETATM 1175 N N   . DPR   L  1 7  ? -4.374  -24.205 -23.843 1.00 42.58 ? 6   DPR   f N   1 
HETATM 1176 C CA  . DPR   L  1 7  ? -4.531  -23.357 -25.023 1.00 44.74 ? 6   DPR   f CA  1 
HETATM 1177 C CB  . DPR   L  1 7  ? -4.843  -24.329 -26.170 1.00 43.37 ? 6   DPR   f CB  1 
HETATM 1178 C CG  . DPR   L  1 7  ? -4.335  -25.683 -25.683 1.00 46.43 ? 6   DPR   f CG  1 
HETATM 1179 C CD  . DPR   L  1 7  ? -4.344  -25.641 -24.164 1.00 42.08 ? 6   DPR   f CD  1 
HETATM 1180 C C   . DPR   L  1 7  ? -3.202  -22.621 -25.121 1.00 43.28 ? 6   DPR   f C   1 
HETATM 1181 O O   . DPR   L  1 7  ? -2.162  -23.247 -24.959 1.00 40.97 ? 6   DPR   f O   1 
ATOM   1182 N N   . PRO   L  1 8  ? -3.190  -21.274 -25.220 1.00 48.29 ? 7   PRO   f N   1 
ATOM   1183 C CA  . PRO   L  1 8  ? -1.934  -20.532 -25.335 1.00 49.02 ? 7   PRO   f CA  1 
ATOM   1184 C C   . PRO   L  1 8  ? -1.152  -20.385 -24.024 1.00 41.32 ? 7   PRO   f C   1 
ATOM   1185 O O   . PRO   L  1 8  ? 0.031   -20.063 -24.064 1.00 43.63 ? 7   PRO   f O   1 
ATOM   1186 C CB  . PRO   L  1 8  ? -2.418  -19.156 -25.822 1.00 50.16 ? 7   PRO   f CB  1 
ATOM   1187 C CG  . PRO   L  1 8  ? -3.762  -18.993 -25.143 1.00 53.90 ? 7   PRO   f CG  1 
ATOM   1188 C CD  . PRO   L  1 8  ? -4.363  -20.386 -25.134 1.00 51.65 ? 7   PRO   f CD  1 
ATOM   1189 N N   . THR   L  1 9  ? -1.806  -20.609 -22.875 1.00 39.76 ? 8   THR   f N   1 
ATOM   1190 C CA  . THR   L  1 9  ? -1.271  -20.208 -21.570 1.00 39.21 ? 8   THR   f CA  1 
ATOM   1191 C C   . THR   L  1 9  ? -0.541  -21.355 -20.869 1.00 34.95 ? 8   THR   f C   1 
ATOM   1192 O O   . THR   L  1 9  ? -1.140  -22.363 -20.519 1.00 37.62 ? 8   THR   f O   1 
ATOM   1193 C CB  . THR   L  1 9  ? -2.386  -19.764 -20.602 1.00 43.97 ? 8   THR   f CB  1 
ATOM   1194 O OG1 . THR   L  1 9  ? -3.257  -18.852 -21.257 1.00 43.59 ? 8   THR   f OG1 1 
ATOM   1195 C CG2 . THR   L  1 9  ? -1.867  -19.118 -19.333 1.00 43.50 ? 8   THR   f CG2 1 
ATOM   1196 N N   . LYS   L  1 10 ? 0.750   -21.184 -20.594 1.00 29.85 ? 9   LYS   f N   1 
ATOM   1197 C CA  . LYS   L  1 10 ? 1.424   -22.093 -19.688 1.00 28.52 ? 9   LYS   f CA  1 
ATOM   1198 C C   . LYS   L  1 10 ? 2.012   -21.288 -18.525 1.00 24.91 ? 9   LYS   f C   1 
ATOM   1199 O O   . LYS   L  1 10 ? 2.120   -20.063 -18.599 1.00 23.31 ? 9   LYS   f O   1 
ATOM   1200 C CB  . LYS   L  1 10 ? 2.432   -22.935 -20.466 1.00 32.17 ? 9   LYS   f CB  1 
ATOM   1201 C CG  . LYS   L  1 10 ? 3.613   -22.175 -21.063 1.00 36.14 ? 9   LYS   f CG  1 
ATOM   1202 C CD  . LYS   L  1 10 ? 4.129   -22.787 -22.350 1.00 40.15 ? 9   LYS   f CD  1 
ATOM   1203 C CE  . LYS   L  1 10 ? 5.247   -21.993 -23.007 1.00 42.16 ? 9   LYS   f CE  1 
ATOM   1204 N NZ  . LYS   L  1 10 ? 6.498   -22.032 -22.210 1.00 44.95 ? 9   LYS   f NZ  1 
HETATM 1205 N N   . A1A8T L  1 11 ? 2.385   -22.021 -17.480 1.00 21.30 ? 10  A1A8T f N   1 
HETATM 1206 C CA  . A1A8T L  1 11 ? 2.905   -21.492 -16.223 1.00 22.30 ? 10  A1A8T f CA  1 
HETATM 1207 C C   . A1A8T L  1 11 ? 3.347   -22.707 -15.405 1.00 18.63 ? 10  A1A8T f C   1 
HETATM 1208 O O   . A1A8T L  1 11 ? 2.979   -23.831 -15.699 1.00 21.09 ? 10  A1A8T f O   1 
HETATM 1209 C CB  . A1A8T L  1 11 ? 1.836   -20.658 -15.483 1.00 23.09 ? 10  A1A8T f CB  1 
HETATM 1210 C CG1 . A1A8T L  1 11 ? 0.522   -21.399 -15.320 1.00 25.28 ? 10  A1A8T f CG1 1 
HETATM 1211 C CG2 . A1A8T L  1 11 ? 2.316   -20.149 -14.131 1.00 24.39 ? 10  A1A8T f CG2 1 
HETATM 1212 C C1  . A1A8T L  1 11 ? 4.145   -20.630 -16.569 1.00 21.78 ? 10  A1A8T f C1  1 
ATOM   1213 N N   . LYS   L  1 12 ? 4.164   -22.511 -14.386 1.00 21.09 ? 11  LYS   f N   1 
ATOM   1214 C CA  . LYS   L  1 12 ? 4.587   -23.610 -13.541 1.00 22.44 ? 11  LYS   f CA  1 
ATOM   1215 C C   . LYS   L  1 12 ? 4.102   -23.317 -12.134 1.00 21.01 ? 11  LYS   f C   1 
ATOM   1216 O O   . LYS   L  1 12 ? 4.392   -22.255 -11.602 1.00 18.51 ? 11  LYS   f O   1 
ATOM   1217 C CB  . LYS   L  1 12 ? 6.113   -23.722 -13.640 1.00 28.37 ? 11  LYS   f CB  1 
ATOM   1218 C CG  . LYS   L  1 12 ? 6.761   -24.740 -12.709 1.00 33.38 ? 11  LYS   f CG  1 
ATOM   1219 C CD  . LYS   L  1 12 ? 8.200   -25.003 -13.097 1.00 37.33 ? 11  LYS   f CD  1 
ATOM   1220 C CE  . LYS   L  1 12 ? 8.706   -26.347 -12.628 1.00 42.40 ? 11  LYS   f CE  1 
ATOM   1221 N NZ  . LYS   L  1 12 ? 8.584   -26.499 -11.164 1.00 45.59 ? 11  LYS   f NZ  1 
ATOM   1222 N N   . VAL   L  1 13 ? 3.376   -24.262 -11.526 1.00 22.47 ? 12  VAL   f N   1 
ATOM   1223 C CA  . VAL   L  1 13 ? 2.768   -24.028 -10.232 1.00 27.53 ? 12  VAL   f CA  1 
ATOM   1224 C C   . VAL   L  1 13 ? 3.264   -25.076 -9.222  1.00 32.36 ? 12  VAL   f C   1 
ATOM   1225 O O   . VAL   L  1 13 ? 3.076   -26.286 -9.460  1.00 30.49 ? 12  VAL   f O   1 
ATOM   1226 C CB  . VAL   L  1 13 ? 1.233   -24.012 -10.372 1.00 33.83 ? 12  VAL   f CB  1 
ATOM   1227 C CG1 . VAL   L  1 13 ? 0.766   -22.932 -11.346 1.00 34.00 ? 12  VAL   f CG1 1 
ATOM   1228 C CG2 . VAL   L  1 13 ? 0.701   -25.357 -10.815 1.00 36.64 ? 12  VAL   f CG2 1 
HETATM 1229 I I3  . I3C   M  2 .  ? 3.842   10.353  12.645  0.60 13.62 ? 101 I3C   a I3  1 
HETATM 1230 I I2  . I3C   M  2 .  ? 7.022   5.350   11.225  0.60 34.19 ? 101 I3C   a I2  1 
HETATM 1231 I I1  . I3C   M  2 .  ? 8.586   8.809   16.144  0.60 30.34 ? 101 I3C   a I1  1 
HETATM 1232 O O8  . I3C   M  2 .  ? 6.575   11.544  14.661  0.60 16.76 ? 101 I3C   a O8  1 
HETATM 1233 O O9  . I3C   M  2 .  ? 5.470   10.346  16.130  0.60 19.11 ? 101 I3C   a O9  1 
HETATM 1234 C C10 . I3C   M  2 .  ? 8.764   6.332   13.973  0.60 22.87 ? 101 I3C   a C10 1 
HETATM 1235 N N13 . I3C   M  2 .  ? 4.982   7.537   11.245  0.60 15.89 ? 101 I3C   a N13 1 
HETATM 1236 C C1  . I3C   M  2 .  ? 6.317   9.258   14.204  0.60 18.73 ? 101 I3C   a C1  1 
HETATM 1237 C C6  . I3C   M  2 .  ? 5.445   9.036   13.107  0.60 17.26 ? 101 I3C   a C6  1 
HETATM 1238 C C5  . I3C   M  2 .  ? 5.724   7.864   12.330  0.60 16.74 ? 101 I3C   a C5  1 
HETATM 1239 C C4  . I3C   M  2 .  ? 6.773   7.016   12.585  0.60 20.89 ? 101 I3C   a C4  1 
HETATM 1240 C C3  . I3C   M  2 .  ? 7.597   7.271   13.677  0.60 21.45 ? 101 I3C   a C3  1 
HETATM 1241 C C2  . I3C   M  2 .  ? 7.373   8.401   14.468  0.60 21.09 ? 101 I3C   a C2  1 
HETATM 1242 C C7  . I3C   M  2 .  ? 6.125   10.459  15.087  0.60 19.13 ? 101 I3C   a C7  1 
HETATM 1243 O O11 . I3C   M  2 .  ? 9.867   6.630   13.466  0.60 19.65 ? 101 I3C   a O11 1 
HETATM 1244 O O12 . I3C   M  2 .  ? 8.602   5.295   14.682  0.60 21.39 ? 101 I3C   a O12 1 
HETATM 1245 I I3  . I3C   N  2 .  ? -2.100  13.105  17.502  0.50 49.53 ? 102 I3C   a I3  1 
HETATM 1246 I I2  . I3C   N  2 .  ? -3.226  19.542  17.200  0.50 35.61 ? 102 I3C   a I2  1 
HETATM 1247 I I1  . I3C   N  2 .  ? -3.319  17.289  22.510  0.50 64.47 ? 102 I3C   a I1  1 
HETATM 1248 O O8  . I3C   N  2 .  ? -3.656  13.914  21.516  0.50 43.69 ? 102 I3C   a O8  1 
HETATM 1249 O O9  . I3C   N  2 .  ? -1.541  13.597  21.065  0.50 50.17 ? 102 I3C   a O9  1 
HETATM 1250 C C10 . I3C   N  2 .  ? -3.435  19.090  20.309  0.50 44.81 ? 102 I3C   a C10 1 
HETATM 1251 N N13 . I3C   N  2 .  ? -2.588  16.224  16.398  0.50 43.40 ? 102 I3C   a N13 1 
HETATM 1252 C C1  . I3C   N  2 .  ? -2.712  15.344  19.911  0.50 49.44 ? 102 I3C   a C1  1 
HETATM 1253 C C6  . I3C   N  2 .  ? -2.545  15.079  18.481  0.50 49.41 ? 102 I3C   a C6  1 
HETATM 1254 C C5  . I3C   N  2 .  ? -2.712  16.326  17.735  0.50 45.55 ? 102 I3C   a C5  1 
HETATM 1255 C C4  . I3C   N  2 .  ? -3.006  17.661  18.259  0.50 43.52 ? 102 I3C   a C4  1 
HETATM 1256 C C3  . I3C   N  2 .  ? -3.138  17.764  19.641  0.50 47.34 ? 102 I3C   a C3  1 
HETATM 1257 C C2  . I3C   N  2 .  ? -3.004  16.658  20.475  0.50 50.23 ? 102 I3C   a C2  1 
HETATM 1258 C C7  . I3C   N  2 .  ? -2.617  14.210  20.890  0.50 48.63 ? 102 I3C   a C7  1 
HETATM 1259 O O11 . I3C   N  2 .  ? -4.581  19.588  20.282  0.50 44.24 ? 102 I3C   a O11 1 
HETATM 1260 O O12 . I3C   N  2 .  ? -2.514  19.686  20.913  0.50 47.52 ? 102 I3C   a O12 1 
HETATM 1261 I I3  . I3C   O  2 .  ? -7.436  -2.541  7.046   1.00 60.79 ? 101 I3C   C I3  1 
HETATM 1262 I I2  . I3C   O  2 .  ? -4.172  -7.137  4.654   1.00 27.54 ? 101 I3C   C I2  1 
HETATM 1263 I I1  . I3C   O  2 .  ? -9.132  -8.549  7.924   1.00 53.32 ? 101 I3C   C I1  1 
HETATM 1264 O O8  . I3C   O  2 .  ? -9.094  -5.475  9.417   1.00 39.75 ? 101 I3C   C O8  1 
HETATM 1265 O O9  . I3C   O  2 .  ? -10.314 -5.072  7.656   1.00 43.84 ? 101 I3C   C O9  1 
HETATM 1266 C C10 . I3C   O  2 .  ? -6.427  -8.936  6.066   1.00 38.20 ? 101 I3C   C C10 1 
HETATM 1267 N N13 . I3C   O  2 .  ? -5.271  -4.141  5.581   1.00 34.95 ? 101 I3C   C N13 1 
HETATM 1268 C C1  . I3C   O  2 .  ? -8.031  -5.713  7.334   1.00 38.72 ? 101 I3C   C C1  1 
HETATM 1269 C C6  . I3C   O  2 .  ? -7.193  -4.697  6.808   1.00 40.05 ? 101 I3C   C C6  1 
HETATM 1270 C C5  . I3C   O  2 .  ? -6.083  -5.123  6.077   1.00 32.85 ? 101 I3C   C C5  1 
HETATM 1271 C C4  . I3C   O  2 .  ? -5.830  -6.501  5.826   1.00 32.54 ? 101 I3C   C C4  1 
HETATM 1272 C C3  . I3C   O  2 .  ? -6.684  -7.476  6.367   1.00 35.89 ? 101 I3C   C C3  1 
HETATM 1273 C C2  . I3C   O  2 .  ? -7.804  -7.082  7.117   1.00 40.63 ? 101 I3C   C C2  1 
HETATM 1274 C C7  . I3C   O  2 .  ? -9.235  -5.377  8.182   1.00 41.10 ? 101 I3C   C C7  1 
HETATM 1275 O O11 . I3C   O  2 .  ? -6.912  -9.278  4.963   1.00 34.96 ? 101 I3C   C O11 1 
HETATM 1276 O O12 . I3C   O  2 .  ? -5.757  -9.724  6.811   1.00 37.43 ? 101 I3C   C O12 1 
HETATM 1277 I I3  . I3C   P  2 .  ? 13.831  -2.267  13.582  0.50 22.25 ? 101 I3C   c I3  1 
HETATM 1278 I I2  . I3C   P  2 .  ? 17.134  2.895   14.005  0.50 12.60 ? 101 I3C   c I2  1 
HETATM 1279 I I1  . I3C   P  2 .  ? 10.982  3.320   14.173  0.50 16.22 ? 101 I3C   c I1  1 
HETATM 1280 O O8  . I3C   P  2 .  ? 10.747  -0.144  15.000  0.50 11.48 ? 101 I3C   c O8  1 
HETATM 1281 O O9  . I3C   P  2 .  ? 10.701  -0.309  12.909  0.50 14.01 ? 101 I3C   c O9  1 
HETATM 1282 C C10 . I3C   P  2 .  ? 14.075  4.177   14.122  0.50 11.20 ? 101 I3C   c C10 1 
HETATM 1283 N N13 . I3C   P  2 .  ? 16.121  -0.224  13.637  0.50 12.32 ? 101 I3C   c N13 1 
HETATM 1284 C C1  . I3C   P  2 .  ? 12.643  0.674   13.873  0.50 12.37 ? 101 I3C   c C1  1 
HETATM 1285 C C6  . I3C   P  2 .  ? 13.808  -0.119  13.758  0.50 14.40 ? 101 I3C   c C6  1 
HETATM 1286 C C5  . I3C   P  2 .  ? 15.028  0.554   13.749  0.50 12.44 ? 101 I3C   c C5  1 
HETATM 1287 C C4  . I3C   P  2 .  ? 15.197  1.949   13.911  0.50 12.78 ? 101 I3C   c C4  1 
HETATM 1288 C C3  . I3C   P  2 .  ? 13.984  2.681   14.012  0.50 11.10 ? 101 I3C   c C3  1 
HETATM 1289 C C2  . I3C   P  2 .  ? 12.732  2.063   14.009  0.50 11.95 ? 101 I3C   c C2  1 
HETATM 1290 C C7  . I3C   P  2 .  ? 11.288  0.032   13.901  0.50 12.84 ? 101 I3C   c C7  1 
HETATM 1291 O O11 . I3C   P  2 .  ? 14.070  4.679   15.236  0.50 10.84 ? 101 I3C   c O11 1 
HETATM 1292 O O12 . I3C   P  2 .  ? 14.159  4.878   13.051  0.50 10.03 ? 101 I3C   c O12 1 
HETATM 1293 I I3  . I3C   Q  2 .  ? 3.933   -15.954 0.703   1.00 25.21 ? 101 I3C   D I3  1 
HETATM 1294 I I2  . I3C   Q  2 .  ? 3.291   -12.466 5.731   1.00 45.61 ? 101 I3C   D I2  1 
HETATM 1295 I I1  . I3C   Q  2 .  ? 4.665   -18.464 6.201   1.00 46.53 ? 101 I3C   D I1  1 
HETATM 1296 O O8  . I3C   Q  2 .  ? 5.670   -18.558 2.731   1.00 30.30 ? 101 I3C   D O8  1 
HETATM 1297 O O9  . I3C   Q  2 .  ? 3.526   -18.977 2.986   1.00 31.39 ? 101 I3C   D O9  1 
HETATM 1298 C C10 . I3C   Q  2 .  ? 3.951   -15.408 7.129   1.00 32.42 ? 101 I3C   D C10 1 
HETATM 1299 N N13 . I3C   Q  2 .  ? 3.403   -13.380 2.806   1.00 26.20 ? 101 I3C   D N13 1 
HETATM 1300 C C1  . I3C   Q  2 .  ? 4.213   -16.864 3.656   1.00 27.95 ? 101 I3C   D C1  1 
HETATM 1301 C C6  . I3C   Q  2 .  ? 3.940   -15.744 2.821   1.00 25.34 ? 101 I3C   D C6  1 
HETATM 1302 C C5  . I3C   Q  2 .  ? 3.672   -14.528 3.481   1.00 24.01 ? 101 I3C   D C5  1 
HETATM 1303 C C4  . I3C   Q  2 .  ? 3.669   -14.385 4.874   1.00 32.11 ? 101 I3C   D C4  1 
HETATM 1304 C C3  . I3C   Q  2 .  ? 3.928   -15.506 5.644   1.00 28.23 ? 101 I3C   D C3  1 
HETATM 1305 C C2  . I3C   Q  2 .  ? 4.191   -16.731 5.034   1.00 28.57 ? 101 I3C   D C2  1 
HETATM 1306 C C7  . I3C   Q  2 .  ? 4.502   -18.228 3.083   1.00 30.24 ? 101 I3C   D C7  1 
HETATM 1307 O O11 . I3C   Q  2 .  ? 2.866   -15.489 7.768   1.00 33.34 ? 101 I3C   D O11 1 
HETATM 1308 O O12 . I3C   Q  2 .  ? 5.059   -15.293 7.652   1.00 33.30 ? 101 I3C   D O12 1 
HETATM 1309 I I3  . I3C   R  2 .  ? -4.112  -9.922  -12.320 0.50 13.60 ? 101 I3C   E I3  1 
HETATM 1310 I I2  . I3C   R  2 .  ? -7.282  -14.414 -15.046 0.50 38.63 ? 101 I3C   E I2  1 
HETATM 1311 I I1  . I3C   R  2 .  ? -8.991  -8.399  -15.596 0.50 34.10 ? 101 I3C   E I1  1 
HETATM 1312 O O8  . I3C   R  2 .  ? -7.213  -7.672  -12.900 0.50 20.68 ? 101 I3C   E O8  1 
HETATM 1313 O O9  . I3C   R  2 .  ? -5.655  -7.405  -14.411 0.50 18.44 ? 101 I3C   E O9  1 
HETATM 1314 C C10 . I3C   R  2 .  ? -9.147  -11.646 -16.080 0.50 22.49 ? 101 I3C   E C10 1 
HETATM 1315 N N13 . I3C   R  2 .  ? -5.262  -12.953 -13.506 0.50 16.41 ? 101 I3C   E N13 1 
HETATM 1316 C C1  . I3C   R  2 .  ? -6.639  -9.601  -14.118 0.50 20.38 ? 101 I3C   E C1  1 
HETATM 1317 C C6  . I3C   R  2 .  ? -5.735  -10.553 -13.579 0.50 19.17 ? 101 I3C   E C6  1 
HETATM 1318 C C5  . I3C   R  2 .  ? -6.021  -11.908 -13.931 0.50 18.70 ? 101 I3C   E C5  1 
HETATM 1319 C C4  . I3C   R  2 .  ? -7.089  -12.308 -14.722 0.50 23.94 ? 101 I3C   E C4  1 
HETATM 1320 C C3  . I3C   R  2 .  ? -7.959  -11.318 -15.209 0.50 23.80 ? 101 I3C   E C3  1 
HETATM 1321 C C2  . I3C   R  2 .  ? -7.730  -9.971  -14.888 0.50 22.06 ? 101 I3C   E C2  1 
HETATM 1322 C C7  . I3C   R  2 .  ? -6.487  -8.131  -13.810 0.50 20.23 ? 101 I3C   E C7  1 
HETATM 1323 O O11 . I3C   R  2 .  ? -9.023  -11.687 -17.311 0.50 24.16 ? 101 I3C   E O11 1 
HETATM 1324 O O12 . I3C   R  2 .  ? -10.263 -11.801 -15.578 0.50 21.44 ? 101 I3C   E O12 1 
HETATM 1325 I I3  . I3C   S  2 .  ? 6.849   -23.303 -17.854 1.00 70.37 ? 101 I3C   f I3  1 
HETATM 1326 I I2  . I3C   S  2 .  ? 3.222   -27.874 -19.994 1.00 39.70 ? 101 I3C   f I2  1 
HETATM 1327 I I1  . I3C   S  2 .  ? 8.323   -26.577 -22.922 1.00 78.90 ? 101 I3C   f I1  1 
HETATM 1328 O O8  . I3C   S  2 .  ? 8.425   -23.200 -21.028 1.00 53.16 ? 101 I3C   f O8  1 
HETATM 1329 O O9  . I3C   S  2 .  ? 9.598   -24.751 -20.033 1.00 62.78 ? 101 I3C   f O9  1 
HETATM 1330 C C10 . I3C   S  2 .  ? 5.560   -28.069 -22.277 1.00 51.06 ? 101 I3C   f C10 1 
HETATM 1331 N N13 . I3C   S  2 .  ? 4.376   -25.452 -18.264 1.00 47.06 ? 101 I3C   f N13 1 
HETATM 1332 C C1  . I3C   S  2 .  ? 7.280   -25.161 -20.383 1.00 56.99 ? 101 I3C   f C1  1 
HETATM 1333 C C6  . I3C   S  2 .  ? 6.419   -24.868 -19.311 1.00 59.05 ? 101 I3C   f C6  1 
HETATM 1334 C C5  . I3C   S  2 .  ? 5.257   -25.665 -19.267 1.00 49.34 ? 101 I3C   f C5  1 
HETATM 1335 C C4  . I3C   S  2 .  ? 4.985   -26.705 -20.192 1.00 46.36 ? 101 I3C   f C4  1 
HETATM 1336 C C3  . I3C   S  2 .  ? 5.855   -26.961 -21.247 1.00 49.66 ? 101 I3C   f C3  1 
HETATM 1337 C C2  . I3C   S  2 .  ? 7.005   -26.175 -21.330 1.00 57.59 ? 101 I3C   f C2  1 
HETATM 1338 C C7  . I3C   S  2 .  ? 8.523   -24.322 -20.498 1.00 58.78 ? 101 I3C   f C7  1 
HETATM 1339 O O11 . I3C   S  2 .  ? 6.371   -29.003 -22.482 1.00 53.22 ? 101 I3C   f O11 1 
HETATM 1340 O O12 . I3C   S  2 .  ? 4.500   -28.086 -22.952 1.00 44.54 ? 101 I3C   f O12 1 
HETATM 1341 O O   . HOH   T  3 .  ? 2.499   16.727  -1.548  1.00 22.76 ? 101 HOH   A O   1 
HETATM 1342 O O   . HOH   T  3 .  ? -11.260 15.809  -3.605  0.50 33.11 ? 102 HOH   A O   1 
HETATM 1343 O O   . HOH   T  3 .  ? -1.621  23.473  -1.168  1.00 10.09 ? 103 HOH   A O   1 
HETATM 1344 O O   . HOH   U  3 .  ? -12.396 16.934  10.896  1.00 21.34 ? 201 HOH   a O   1 
HETATM 1345 O O   . HOH   U  3 .  ? 2.897   18.496  17.386  1.00 22.91 ? 202 HOH   a O   1 
HETATM 1346 O O   . HOH   U  3 .  ? 9.907   13.666  11.869  1.00 35.25 ? 203 HOH   a O   1 
HETATM 1347 O O   . HOH   U  3 .  ? -13.200 21.260  18.194  1.00 30.29 ? 204 HOH   a O   1 
HETATM 1348 O O   . HOH   V  3 .  ? 10.465  12.910  3.504   1.00 40.53 ? 101 HOH   B O   1 
HETATM 1349 O O   . HOH   V  3 .  ? 3.490   0.856   12.210  1.00 24.15 ? 102 HOH   B O   1 
HETATM 1350 O O   . HOH   V  3 .  ? 11.248  7.383   1.821   1.00 43.77 ? 103 HOH   B O   1 
HETATM 1351 O O   . HOH   V  3 .  ? 6.273   2.204   12.414  1.00 29.46 ? 104 HOH   B O   1 
HETATM 1352 O O   . HOH   W  3 .  ? 1.479   10.128  -1.308  1.00 32.51 ? 101 HOH   b O   1 
HETATM 1353 O O   . HOH   W  3 .  ? -9.912  14.459  -1.905  0.60 29.09 ? 102 HOH   b O   1 
HETATM 1354 O O   . HOH   W  3 .  ? -6.800  -1.703  10.203  1.00 29.09 ? 103 HOH   b O   1 
HETATM 1355 O O   . HOH   X  3 .  ? -10.610 -2.130  -3.323  1.00 39.26 ? 201 HOH   C O   1 
HETATM 1356 O O   . HOH   X  3 .  ? -3.881  -0.574  11.608  1.00 30.55 ? 202 HOH   C O   1 
HETATM 1357 O O   . HOH   X  3 .  ? -11.902 2.652   0.337   1.00 35.87 ? 203 HOH   C O   1 
HETATM 1358 O O   . HOH   Y  3 .  ? 11.038  -4.834  0.522   1.00 22.59 ? 201 HOH   c O   1 
HETATM 1359 O O   . HOH   Y  3 .  ? 5.890   6.709   -3.575  1.00 24.07 ? 202 HOH   c O   1 
HETATM 1360 O O   . HOH   Y  3 .  ? -1.314  5.693   -5.508  1.00 39.10 ? 203 HOH   c O   1 
HETATM 1361 O O   . HOH   Y  3 .  ? 8.031   4.834   1.541   1.00 32.17 ? 204 HOH   c O   1 
HETATM 1362 O O   . HOH   Z  3 .  ? -7.516  -14.686 2.725   1.00 35.59 ? 201 HOH   D O   1 
HETATM 1363 O O   . HOH   Z  3 .  ? -2.783  -16.029 2.021   1.00 22.47 ? 202 HOH   D O   1 
HETATM 1364 O O   . HOH   Z  3 .  ? 1.745   -11.482 6.488   0.60 7.61  ? 203 HOH   D O   1 
HETATM 1365 O O   . HOH   AA 3 .  ? 12.532  -7.420  -6.407  1.00 25.76 ? 101 HOH   d O   1 
HETATM 1366 O O   . HOH   AA 3 .  ? 10.378  3.311   -9.548  1.00 43.86 ? 102 HOH   d O   1 
HETATM 1367 O O   . HOH   AA 3 .  ? 3.866   1.960   -13.888 1.00 27.59 ? 103 HOH   d O   1 
HETATM 1368 O O   . HOH   AA 3 .  ? 6.407   1.584   -11.242 1.00 44.12 ? 104 HOH   d O   1 
HETATM 1369 O O   . HOH   AA 3 .  ? 3.505   -0.767  -8.441  1.00 13.51 ? 105 HOH   d O   1 
HETATM 1370 O O   . HOH   AA 3 .  ? 14.555  -6.866  -4.984  1.00 27.89 ? 106 HOH   d O   1 
HETATM 1371 O O   . HOH   BA 3 .  ? 3.540   -17.987 -19.581 1.00 25.00 ? 201 HOH   E O   1 
HETATM 1372 O O   . HOH   BA 3 .  ? -8.704  -12.180 -7.554  1.00 24.81 ? 202 HOH   E O   1 
HETATM 1373 O O   . HOH   CA 3 .  ? 5.622   -24.122 -4.000  1.00 27.44 ? 101 HOH   e O   1 
HETATM 1374 O O   . HOH   CA 3 .  ? -2.130  -20.748 1.659   1.00 47.67 ? 102 HOH   e O   1 
HETATM 1375 O O   . HOH   DA 3 .  ? -11.394 31.005  7.764   1.00 21.26 ? 101 HOH   F O   1 
HETATM 1376 O O   . HOH   DA 3 .  ? -8.858  28.171  13.581  1.00 46.32 ? 102 HOH   F O   1 
HETATM 1377 O O   . HOH   DA 3 .  ? 2.502   25.084  15.771  1.00 27.62 ? 103 HOH   F O   1 
HETATM 1378 O O   . HOH   DA 3 .  ? -7.196  36.837  9.044   0.50 12.64 ? 104 HOH   F O   1 
HETATM 1379 O O   . HOH   EA 3 .  ? 6.708   -31.465 -22.978 1.00 37.23 ? 201 HOH   f O   1 
# 
